data_1RGK
# 
_entry.id   1RGK 
# 
_audit_conform.dict_name       mmcif_pdbx.dic 
_audit_conform.dict_version    5.397 
_audit_conform.dict_location   http://mmcif.pdb.org/dictionaries/ascii/mmcif_pdbx.dic 
# 
loop_
_database_2.database_id 
_database_2.database_code 
_database_2.pdbx_database_accession 
_database_2.pdbx_DOI 
PDB   1RGK         pdb_00001rgk 10.2210/pdb1rgk/pdb 
WWPDB D_1000176077 ?            ?                   
# 
loop_
_pdbx_audit_revision_history.ordinal 
_pdbx_audit_revision_history.data_content_type 
_pdbx_audit_revision_history.major_revision 
_pdbx_audit_revision_history.minor_revision 
_pdbx_audit_revision_history.revision_date 
1 'Structure model' 1 0 1993-01-15 
2 'Structure model' 1 1 2008-03-24 
3 'Structure model' 1 2 2011-07-13 
4 'Structure model' 1 3 2017-11-29 
5 'Structure model' 1 4 2024-10-23 
# 
_pdbx_audit_revision_details.ordinal             1 
_pdbx_audit_revision_details.revision_ordinal    1 
_pdbx_audit_revision_details.data_content_type   'Structure model' 
_pdbx_audit_revision_details.provider            repository 
_pdbx_audit_revision_details.type                'Initial release' 
_pdbx_audit_revision_details.description         ? 
_pdbx_audit_revision_details.details             ? 
# 
loop_
_pdbx_audit_revision_group.ordinal 
_pdbx_audit_revision_group.revision_ordinal 
_pdbx_audit_revision_group.data_content_type 
_pdbx_audit_revision_group.group 
1 2 'Structure model' 'Version format compliance' 
2 3 'Structure model' 'Version format compliance' 
3 4 'Structure model' 'Derived calculations'      
4 4 'Structure model' Other                       
5 5 'Structure model' 'Data collection'           
6 5 'Structure model' 'Database references'       
7 5 'Structure model' 'Derived calculations'      
8 5 'Structure model' 'Structure summary'         
# 
loop_
_pdbx_audit_revision_category.ordinal 
_pdbx_audit_revision_category.revision_ordinal 
_pdbx_audit_revision_category.data_content_type 
_pdbx_audit_revision_category.category 
1  4 'Structure model' pdbx_database_status      
2  4 'Structure model' struct_conf               
3  4 'Structure model' struct_conf_type          
4  5 'Structure model' chem_comp_atom            
5  5 'Structure model' chem_comp_bond            
6  5 'Structure model' database_2                
7  5 'Structure model' pdbx_entry_details        
8  5 'Structure model' pdbx_modification_feature 
9  5 'Structure model' pdbx_struct_conn_angle    
10 5 'Structure model' struct_conn               
11 5 'Structure model' struct_ref_seq_dif        
12 5 'Structure model' struct_site               
# 
loop_
_pdbx_audit_revision_item.ordinal 
_pdbx_audit_revision_item.revision_ordinal 
_pdbx_audit_revision_item.data_content_type 
_pdbx_audit_revision_item.item 
1  4 'Structure model' '_pdbx_database_status.process_site'          
2  5 'Structure model' '_database_2.pdbx_DOI'                        
3  5 'Structure model' '_database_2.pdbx_database_accession'         
4  5 'Structure model' '_pdbx_struct_conn_angle.ptnr1_auth_comp_id'  
5  5 'Structure model' '_pdbx_struct_conn_angle.ptnr1_auth_seq_id'   
6  5 'Structure model' '_pdbx_struct_conn_angle.ptnr1_label_asym_id' 
7  5 'Structure model' '_pdbx_struct_conn_angle.ptnr1_label_atom_id' 
8  5 'Structure model' '_pdbx_struct_conn_angle.ptnr1_label_comp_id' 
9  5 'Structure model' '_pdbx_struct_conn_angle.ptnr1_label_seq_id'  
10 5 'Structure model' '_pdbx_struct_conn_angle.ptnr3_auth_comp_id'  
11 5 'Structure model' '_pdbx_struct_conn_angle.ptnr3_auth_seq_id'   
12 5 'Structure model' '_pdbx_struct_conn_angle.ptnr3_label_asym_id' 
13 5 'Structure model' '_pdbx_struct_conn_angle.ptnr3_label_atom_id' 
14 5 'Structure model' '_pdbx_struct_conn_angle.ptnr3_label_comp_id' 
15 5 'Structure model' '_pdbx_struct_conn_angle.ptnr3_label_seq_id'  
16 5 'Structure model' '_pdbx_struct_conn_angle.value'               
17 5 'Structure model' '_struct_conn.pdbx_dist_value'                
18 5 'Structure model' '_struct_conn.ptnr1_auth_comp_id'             
19 5 'Structure model' '_struct_conn.ptnr1_auth_seq_id'              
20 5 'Structure model' '_struct_conn.ptnr1_label_asym_id'            
21 5 'Structure model' '_struct_conn.ptnr1_label_atom_id'            
22 5 'Structure model' '_struct_conn.ptnr1_label_comp_id'            
23 5 'Structure model' '_struct_conn.ptnr1_label_seq_id'             
24 5 'Structure model' '_struct_conn.ptnr2_auth_comp_id'             
25 5 'Structure model' '_struct_conn.ptnr2_auth_seq_id'              
26 5 'Structure model' '_struct_conn.ptnr2_label_asym_id'            
27 5 'Structure model' '_struct_conn.ptnr2_label_atom_id'            
28 5 'Structure model' '_struct_conn.ptnr2_label_comp_id'            
29 5 'Structure model' '_struct_conn.ptnr2_label_seq_id'             
30 5 'Structure model' '_struct_ref_seq_dif.details'                 
31 5 'Structure model' '_struct_site.pdbx_auth_asym_id'              
32 5 'Structure model' '_struct_site.pdbx_auth_comp_id'              
33 5 'Structure model' '_struct_site.pdbx_auth_seq_id'               
# 
_pdbx_database_status.status_code                     REL 
_pdbx_database_status.entry_id                        1RGK 
_pdbx_database_status.recvd_initial_deposition_date   1992-02-19 
_pdbx_database_status.deposit_site                    ? 
_pdbx_database_status.process_site                    BNL 
_pdbx_database_status.status_code_sf                  REL 
_pdbx_database_status.status_code_mr                  ? 
_pdbx_database_status.SG_entry                        ? 
_pdbx_database_status.pdb_format_compatible           Y 
_pdbx_database_status.status_code_cs                  ? 
_pdbx_database_status.methods_development_category    ? 
_pdbx_database_status.status_code_nmr_data            ? 
# 
loop_
_audit_author.name 
_audit_author.pdbx_ordinal 
'Granzin, J.'      1 
'Puras-Lutzke, R.' 2 
'Landt, O.'        3 
'Grunert, H.-P.'   4 
'Heinemann, U.'    5 
'Saenger, W.'      6 
'Hahn, U.'         7 
# 
_citation.id                        primary 
_citation.title                     
;RNase T1 mutant Glu46Gln binds the inhibitors 2'GMP and 2'AMP at the 3' subsite.
;
_citation.journal_abbrev            J.Mol.Biol. 
_citation.journal_volume            225 
_citation.page_first                533 
_citation.page_last                 542 
_citation.year                      1992 
_citation.journal_id_ASTM           JMOBAK 
_citation.country                   UK 
_citation.journal_id_ISSN           0022-2836 
_citation.journal_id_CSD            0070 
_citation.book_publisher            ? 
_citation.pdbx_database_id_PubMed   1350642 
_citation.pdbx_database_id_DOI      '10.1016/0022-2836(92)90937-F' 
# 
loop_
_citation_author.citation_id 
_citation_author.name 
_citation_author.ordinal 
_citation_author.identifier_ORCID 
primary 'Granzin, J.'      1 ? 
primary 'Puras-Lutzke, R.' 2 ? 
primary 'Landt, O.'        3 ? 
primary 'Grunert, H.P.'    4 ? 
primary 'Heinemann, U.'    5 ? 
primary 'Saenger, W.'      6 ? 
primary 'Hahn, U.'         7 ? 
# 
loop_
_entity.id 
_entity.type 
_entity.src_method 
_entity.pdbx_description 
_entity.formula_weight 
_entity.pdbx_number_of_molecules 
_entity.pdbx_ec 
_entity.pdbx_mutation 
_entity.pdbx_fragment 
_entity.details 
1 polymer     man 'RIBONUCLEASE T1'            11093.710 1  3.1.27.3 ? ? ? 
2 non-polymer syn 'CALCIUM ION'                40.078    1  ?        ? ? ? 
3 non-polymer syn "ADENOSINE-2'-MONOPHOSPHATE" 347.221   1  ?        ? ? ? 
4 water       nat water                        18.015    86 ?        ? ? ? 
# 
_entity_poly.entity_id                      1 
_entity_poly.type                           'polypeptide(L)' 
_entity_poly.nstd_linkage                   no 
_entity_poly.nstd_monomer                   no 
_entity_poly.pdbx_seq_one_letter_code       
;ACDYTCGSNCYSSSDVSTAQAAGYKLHEDGETVGSNSYPHKYNNYQGFDFSVSSPYYEWPILSSGDVYSGGSPGADRVVF
NENNQLAGVITHTGASGNNFVECT
;
_entity_poly.pdbx_seq_one_letter_code_can   
;ACDYTCGSNCYSSSDVSTAQAAGYKLHEDGETVGSNSYPHKYNNYQGFDFSVSSPYYEWPILSSGDVYSGGSPGADRVVF
NENNQLAGVITHTGASGNNFVECT
;
_entity_poly.pdbx_strand_id                 A 
_entity_poly.pdbx_target_identifier         ? 
# 
loop_
_pdbx_entity_nonpoly.entity_id 
_pdbx_entity_nonpoly.name 
_pdbx_entity_nonpoly.comp_id 
2 'CALCIUM ION'                CA  
3 "ADENOSINE-2'-MONOPHOSPHATE" 2AM 
4 water                        HOH 
# 
loop_
_entity_poly_seq.entity_id 
_entity_poly_seq.num 
_entity_poly_seq.mon_id 
_entity_poly_seq.hetero 
1 1   ALA n 
1 2   CYS n 
1 3   ASP n 
1 4   TYR n 
1 5   THR n 
1 6   CYS n 
1 7   GLY n 
1 8   SER n 
1 9   ASN n 
1 10  CYS n 
1 11  TYR n 
1 12  SER n 
1 13  SER n 
1 14  SER n 
1 15  ASP n 
1 16  VAL n 
1 17  SER n 
1 18  THR n 
1 19  ALA n 
1 20  GLN n 
1 21  ALA n 
1 22  ALA n 
1 23  GLY n 
1 24  TYR n 
1 25  LYS n 
1 26  LEU n 
1 27  HIS n 
1 28  GLU n 
1 29  ASP n 
1 30  GLY n 
1 31  GLU n 
1 32  THR n 
1 33  VAL n 
1 34  GLY n 
1 35  SER n 
1 36  ASN n 
1 37  SER n 
1 38  TYR n 
1 39  PRO n 
1 40  HIS n 
1 41  LYS n 
1 42  TYR n 
1 43  ASN n 
1 44  ASN n 
1 45  TYR n 
1 46  GLN n 
1 47  GLY n 
1 48  PHE n 
1 49  ASP n 
1 50  PHE n 
1 51  SER n 
1 52  VAL n 
1 53  SER n 
1 54  SER n 
1 55  PRO n 
1 56  TYR n 
1 57  TYR n 
1 58  GLU n 
1 59  TRP n 
1 60  PRO n 
1 61  ILE n 
1 62  LEU n 
1 63  SER n 
1 64  SER n 
1 65  GLY n 
1 66  ASP n 
1 67  VAL n 
1 68  TYR n 
1 69  SER n 
1 70  GLY n 
1 71  GLY n 
1 72  SER n 
1 73  PRO n 
1 74  GLY n 
1 75  ALA n 
1 76  ASP n 
1 77  ARG n 
1 78  VAL n 
1 79  VAL n 
1 80  PHE n 
1 81  ASN n 
1 82  GLU n 
1 83  ASN n 
1 84  ASN n 
1 85  GLN n 
1 86  LEU n 
1 87  ALA n 
1 88  GLY n 
1 89  VAL n 
1 90  ILE n 
1 91  THR n 
1 92  HIS n 
1 93  THR n 
1 94  GLY n 
1 95  ALA n 
1 96  SER n 
1 97  GLY n 
1 98  ASN n 
1 99  ASN n 
1 100 PHE n 
1 101 VAL n 
1 102 GLU n 
1 103 CYS n 
1 104 THR n 
# 
_entity_src_gen.entity_id                          1 
_entity_src_gen.pdbx_src_id                        1 
_entity_src_gen.pdbx_alt_source_flag               sample 
_entity_src_gen.pdbx_seq_type                      ? 
_entity_src_gen.pdbx_beg_seq_num                   ? 
_entity_src_gen.pdbx_end_seq_num                   ? 
_entity_src_gen.gene_src_common_name               ? 
_entity_src_gen.gene_src_genus                     Aspergillus 
_entity_src_gen.pdbx_gene_src_gene                 ? 
_entity_src_gen.gene_src_species                   ? 
_entity_src_gen.gene_src_strain                    ? 
_entity_src_gen.gene_src_tissue                    ? 
_entity_src_gen.gene_src_tissue_fraction           ? 
_entity_src_gen.gene_src_details                   ? 
_entity_src_gen.pdbx_gene_src_fragment             ? 
_entity_src_gen.pdbx_gene_src_scientific_name      'Aspergillus oryzae' 
_entity_src_gen.pdbx_gene_src_ncbi_taxonomy_id     5062 
_entity_src_gen.pdbx_gene_src_variant              ? 
_entity_src_gen.pdbx_gene_src_cell_line            ? 
_entity_src_gen.pdbx_gene_src_atcc                 ? 
_entity_src_gen.pdbx_gene_src_organ                ? 
_entity_src_gen.pdbx_gene_src_organelle            ? 
_entity_src_gen.pdbx_gene_src_cell                 ? 
_entity_src_gen.pdbx_gene_src_cellular_location    ? 
_entity_src_gen.host_org_common_name               ? 
_entity_src_gen.pdbx_host_org_scientific_name      'Escherichia coli' 
_entity_src_gen.pdbx_host_org_ncbi_taxonomy_id     562 
_entity_src_gen.host_org_genus                     Escherichia 
_entity_src_gen.pdbx_host_org_gene                 ? 
_entity_src_gen.pdbx_host_org_organ                ? 
_entity_src_gen.host_org_species                   ? 
_entity_src_gen.pdbx_host_org_tissue               ? 
_entity_src_gen.pdbx_host_org_tissue_fraction      ? 
_entity_src_gen.pdbx_host_org_strain               ? 
_entity_src_gen.pdbx_host_org_variant              ? 
_entity_src_gen.pdbx_host_org_cell_line            ? 
_entity_src_gen.pdbx_host_org_atcc                 ? 
_entity_src_gen.pdbx_host_org_culture_collection   ? 
_entity_src_gen.pdbx_host_org_cell                 ? 
_entity_src_gen.pdbx_host_org_organelle            ? 
_entity_src_gen.pdbx_host_org_cellular_location    ? 
_entity_src_gen.pdbx_host_org_vector_type          ? 
_entity_src_gen.pdbx_host_org_vector               ? 
_entity_src_gen.host_org_details                   ? 
_entity_src_gen.expression_system_id               ? 
_entity_src_gen.plasmid_name                       ? 
_entity_src_gen.plasmid_details                    ? 
_entity_src_gen.pdbx_description                   ? 
# 
loop_
_chem_comp.id 
_chem_comp.type 
_chem_comp.mon_nstd_flag 
_chem_comp.name 
_chem_comp.pdbx_synonyms 
_chem_comp.formula 
_chem_comp.formula_weight 
2AM non-polymer         . "ADENOSINE-2'-MONOPHOSPHATE" ? 'C10 H14 N5 O7 P' 347.221 
ALA 'L-peptide linking' y ALANINE                      ? 'C3 H7 N O2'      89.093  
ARG 'L-peptide linking' y ARGININE                     ? 'C6 H15 N4 O2 1'  175.209 
ASN 'L-peptide linking' y ASPARAGINE                   ? 'C4 H8 N2 O3'     132.118 
ASP 'L-peptide linking' y 'ASPARTIC ACID'              ? 'C4 H7 N O4'      133.103 
CA  non-polymer         . 'CALCIUM ION'                ? 'Ca 2'            40.078  
CYS 'L-peptide linking' y CYSTEINE                     ? 'C3 H7 N O2 S'    121.158 
GLN 'L-peptide linking' y GLUTAMINE                    ? 'C5 H10 N2 O3'    146.144 
GLU 'L-peptide linking' y 'GLUTAMIC ACID'              ? 'C5 H9 N O4'      147.129 
GLY 'peptide linking'   y GLYCINE                      ? 'C2 H5 N O2'      75.067  
HIS 'L-peptide linking' y HISTIDINE                    ? 'C6 H10 N3 O2 1'  156.162 
HOH non-polymer         . WATER                        ? 'H2 O'            18.015  
ILE 'L-peptide linking' y ISOLEUCINE                   ? 'C6 H13 N O2'     131.173 
LEU 'L-peptide linking' y LEUCINE                      ? 'C6 H13 N O2'     131.173 
LYS 'L-peptide linking' y LYSINE                       ? 'C6 H15 N2 O2 1'  147.195 
PHE 'L-peptide linking' y PHENYLALANINE                ? 'C9 H11 N O2'     165.189 
PRO 'L-peptide linking' y PROLINE                      ? 'C5 H9 N O2'      115.130 
SER 'L-peptide linking' y SERINE                       ? 'C3 H7 N O3'      105.093 
THR 'L-peptide linking' y THREONINE                    ? 'C4 H9 N O3'      119.119 
TRP 'L-peptide linking' y TRYPTOPHAN                   ? 'C11 H12 N2 O2'   204.225 
TYR 'L-peptide linking' y TYROSINE                     ? 'C9 H11 N O3'     181.189 
VAL 'L-peptide linking' y VALINE                       ? 'C5 H11 N O2'     117.146 
# 
loop_
_pdbx_poly_seq_scheme.asym_id 
_pdbx_poly_seq_scheme.entity_id 
_pdbx_poly_seq_scheme.seq_id 
_pdbx_poly_seq_scheme.mon_id 
_pdbx_poly_seq_scheme.ndb_seq_num 
_pdbx_poly_seq_scheme.pdb_seq_num 
_pdbx_poly_seq_scheme.auth_seq_num 
_pdbx_poly_seq_scheme.pdb_mon_id 
_pdbx_poly_seq_scheme.auth_mon_id 
_pdbx_poly_seq_scheme.pdb_strand_id 
_pdbx_poly_seq_scheme.pdb_ins_code 
_pdbx_poly_seq_scheme.hetero 
A 1 1   ALA 1   1   1   ALA ALA A . n 
A 1 2   CYS 2   2   2   CYS CYS A . n 
A 1 3   ASP 3   3   3   ASP ASP A . n 
A 1 4   TYR 4   4   4   TYR TYR A . n 
A 1 5   THR 5   5   5   THR THR A . n 
A 1 6   CYS 6   6   6   CYS CYS A . n 
A 1 7   GLY 7   7   7   GLY GLY A . n 
A 1 8   SER 8   8   8   SER SER A . n 
A 1 9   ASN 9   9   9   ASN ASN A . n 
A 1 10  CYS 10  10  10  CYS CYS A . n 
A 1 11  TYR 11  11  11  TYR TYR A . n 
A 1 12  SER 12  12  12  SER SER A . n 
A 1 13  SER 13  13  13  SER SER A . n 
A 1 14  SER 14  14  14  SER SER A . n 
A 1 15  ASP 15  15  15  ASP ASP A . n 
A 1 16  VAL 16  16  16  VAL VAL A . n 
A 1 17  SER 17  17  17  SER SER A . n 
A 1 18  THR 18  18  18  THR THR A . n 
A 1 19  ALA 19  19  19  ALA ALA A . n 
A 1 20  GLN 20  20  20  GLN GLN A . n 
A 1 21  ALA 21  21  21  ALA ALA A . n 
A 1 22  ALA 22  22  22  ALA ALA A . n 
A 1 23  GLY 23  23  23  GLY GLY A . n 
A 1 24  TYR 24  24  24  TYR TYR A . n 
A 1 25  LYS 25  25  25  LYS LYS A . n 
A 1 26  LEU 26  26  26  LEU LEU A . n 
A 1 27  HIS 27  27  27  HIS HIS A . n 
A 1 28  GLU 28  28  28  GLU GLU A . n 
A 1 29  ASP 29  29  29  ASP ASP A . n 
A 1 30  GLY 30  30  30  GLY GLY A . n 
A 1 31  GLU 31  31  31  GLU GLU A . n 
A 1 32  THR 32  32  32  THR THR A . n 
A 1 33  VAL 33  33  33  VAL VAL A . n 
A 1 34  GLY 34  34  34  GLY GLY A . n 
A 1 35  SER 35  35  35  SER SER A . n 
A 1 36  ASN 36  36  36  ASN ASN A . n 
A 1 37  SER 37  37  37  SER SER A . n 
A 1 38  TYR 38  38  38  TYR TYR A . n 
A 1 39  PRO 39  39  39  PRO PRO A . n 
A 1 40  HIS 40  40  40  HIS HIS A . n 
A 1 41  LYS 41  41  41  LYS LYS A . n 
A 1 42  TYR 42  42  42  TYR TYR A . n 
A 1 43  ASN 43  43  43  ASN ASN A . n 
A 1 44  ASN 44  44  44  ASN ASN A . n 
A 1 45  TYR 45  45  45  TYR TYR A . n 
A 1 46  GLN 46  46  46  GLN GLN A . n 
A 1 47  GLY 47  47  47  GLY GLY A . n 
A 1 48  PHE 48  48  48  PHE PHE A . n 
A 1 49  ASP 49  49  49  ASP ASP A . n 
A 1 50  PHE 50  50  50  PHE PHE A . n 
A 1 51  SER 51  51  51  SER SER A . n 
A 1 52  VAL 52  52  52  VAL VAL A . n 
A 1 53  SER 53  53  53  SER SER A . n 
A 1 54  SER 54  54  54  SER SER A . n 
A 1 55  PRO 55  55  55  PRO PRO A . n 
A 1 56  TYR 56  56  56  TYR TYR A . n 
A 1 57  TYR 57  57  57  TYR TYR A . n 
A 1 58  GLU 58  58  58  GLU GLU A . n 
A 1 59  TRP 59  59  59  TRP TRP A . n 
A 1 60  PRO 60  60  60  PRO PRO A . n 
A 1 61  ILE 61  61  61  ILE ILE A . n 
A 1 62  LEU 62  62  62  LEU LEU A . n 
A 1 63  SER 63  63  63  SER SER A . n 
A 1 64  SER 64  64  64  SER SER A . n 
A 1 65  GLY 65  65  65  GLY GLY A . n 
A 1 66  ASP 66  66  66  ASP ASP A . n 
A 1 67  VAL 67  67  67  VAL VAL A . n 
A 1 68  TYR 68  68  68  TYR TYR A . n 
A 1 69  SER 69  69  69  SER SER A . n 
A 1 70  GLY 70  70  70  GLY GLY A . n 
A 1 71  GLY 71  71  71  GLY GLY A . n 
A 1 72  SER 72  72  72  SER SER A . n 
A 1 73  PRO 73  73  73  PRO PRO A . n 
A 1 74  GLY 74  74  74  GLY GLY A . n 
A 1 75  ALA 75  75  75  ALA ALA A . n 
A 1 76  ASP 76  76  76  ASP ASP A . n 
A 1 77  ARG 77  77  77  ARG ARG A . n 
A 1 78  VAL 78  78  78  VAL VAL A . n 
A 1 79  VAL 79  79  79  VAL VAL A . n 
A 1 80  PHE 80  80  80  PHE PHE A . n 
A 1 81  ASN 81  81  81  ASN ASN A . n 
A 1 82  GLU 82  82  82  GLU GLU A . n 
A 1 83  ASN 83  83  83  ASN ASN A . n 
A 1 84  ASN 84  84  84  ASN ASN A . n 
A 1 85  GLN 85  85  85  GLN GLN A . n 
A 1 86  LEU 86  86  86  LEU LEU A . n 
A 1 87  ALA 87  87  87  ALA ALA A . n 
A 1 88  GLY 88  88  88  GLY GLY A . n 
A 1 89  VAL 89  89  89  VAL VAL A . n 
A 1 90  ILE 90  90  90  ILE ILE A . n 
A 1 91  THR 91  91  91  THR THR A . n 
A 1 92  HIS 92  92  92  HIS HIS A . n 
A 1 93  THR 93  93  93  THR THR A . n 
A 1 94  GLY 94  94  94  GLY GLY A . n 
A 1 95  ALA 95  95  95  ALA ALA A . n 
A 1 96  SER 96  96  96  SER SER A . n 
A 1 97  GLY 97  97  97  GLY GLY A . n 
A 1 98  ASN 98  98  98  ASN ASN A . n 
A 1 99  ASN 99  99  99  ASN ASN A . n 
A 1 100 PHE 100 100 100 PHE PHE A . n 
A 1 101 VAL 101 101 101 VAL VAL A . n 
A 1 102 GLU 102 102 102 GLU GLU A . n 
A 1 103 CYS 103 103 103 CYS CYS A . n 
A 1 104 THR 104 104 104 THR THR A . n 
# 
loop_
_pdbx_nonpoly_scheme.asym_id 
_pdbx_nonpoly_scheme.entity_id 
_pdbx_nonpoly_scheme.mon_id 
_pdbx_nonpoly_scheme.ndb_seq_num 
_pdbx_nonpoly_scheme.pdb_seq_num 
_pdbx_nonpoly_scheme.auth_seq_num 
_pdbx_nonpoly_scheme.pdb_mon_id 
_pdbx_nonpoly_scheme.auth_mon_id 
_pdbx_nonpoly_scheme.pdb_strand_id 
_pdbx_nonpoly_scheme.pdb_ins_code 
B 2 CA  1  106 106 CA  CA  A . 
C 3 2AM 1  105 105 2AM 2AM A . 
D 4 HOH 1  107 107 HOH HOH A . 
D 4 HOH 2  108 108 HOH HOH A . 
D 4 HOH 3  109 109 HOH HOH A . 
D 4 HOH 4  110 110 HOH HOH A . 
D 4 HOH 5  111 111 HOH HOH A . 
D 4 HOH 6  112 112 HOH HOH A . 
D 4 HOH 7  113 113 HOH HOH A . 
D 4 HOH 8  114 114 HOH HOH A . 
D 4 HOH 9  115 115 HOH HOH A . 
D 4 HOH 10 116 116 HOH HOH A . 
D 4 HOH 11 117 117 HOH HOH A . 
D 4 HOH 12 118 118 HOH HOH A . 
D 4 HOH 13 119 119 HOH HOH A . 
D 4 HOH 14 120 120 HOH HOH A . 
D 4 HOH 15 121 121 HOH HOH A . 
D 4 HOH 16 122 122 HOH HOH A . 
D 4 HOH 17 123 123 HOH HOH A . 
D 4 HOH 18 124 124 HOH HOH A . 
D 4 HOH 19 125 125 HOH HOH A . 
D 4 HOH 20 126 126 HOH HOH A . 
D 4 HOH 21 127 127 HOH HOH A . 
D 4 HOH 22 128 128 HOH HOH A . 
D 4 HOH 23 129 129 HOH HOH A . 
D 4 HOH 24 130 130 HOH HOH A . 
D 4 HOH 25 131 131 HOH HOH A . 
D 4 HOH 26 132 132 HOH HOH A . 
D 4 HOH 27 133 133 HOH HOH A . 
D 4 HOH 28 134 134 HOH HOH A . 
D 4 HOH 29 135 135 HOH HOH A . 
D 4 HOH 30 136 136 HOH HOH A . 
D 4 HOH 31 137 137 HOH HOH A . 
D 4 HOH 32 138 138 HOH HOH A . 
D 4 HOH 33 139 139 HOH HOH A . 
D 4 HOH 34 140 140 HOH HOH A . 
D 4 HOH 35 141 141 HOH HOH A . 
D 4 HOH 36 142 142 HOH HOH A . 
D 4 HOH 37 143 143 HOH HOH A . 
D 4 HOH 38 144 144 HOH HOH A . 
D 4 HOH 39 145 145 HOH HOH A . 
D 4 HOH 40 146 146 HOH HOH A . 
D 4 HOH 41 147 147 HOH HOH A . 
D 4 HOH 42 148 148 HOH HOH A . 
D 4 HOH 43 149 149 HOH HOH A . 
D 4 HOH 44 150 150 HOH HOH A . 
D 4 HOH 45 151 151 HOH HOH A . 
D 4 HOH 46 152 152 HOH HOH A . 
D 4 HOH 47 153 153 HOH HOH A . 
D 4 HOH 48 154 154 HOH HOH A . 
D 4 HOH 49 155 155 HOH HOH A . 
D 4 HOH 50 156 156 HOH HOH A . 
D 4 HOH 51 157 157 HOH HOH A . 
D 4 HOH 52 158 158 HOH HOH A . 
D 4 HOH 53 159 159 HOH HOH A . 
D 4 HOH 54 160 160 HOH HOH A . 
D 4 HOH 55 161 161 HOH HOH A . 
D 4 HOH 56 162 162 HOH HOH A . 
D 4 HOH 57 163 163 HOH HOH A . 
D 4 HOH 58 164 164 HOH HOH A . 
D 4 HOH 59 165 165 HOH HOH A . 
D 4 HOH 60 166 166 HOH HOH A . 
D 4 HOH 61 167 167 HOH HOH A . 
D 4 HOH 62 168 168 HOH HOH A . 
D 4 HOH 63 169 169 HOH HOH A . 
D 4 HOH 64 170 170 HOH HOH A . 
D 4 HOH 65 171 171 HOH HOH A . 
D 4 HOH 66 172 172 HOH HOH A . 
D 4 HOH 67 173 173 HOH HOH A . 
D 4 HOH 68 174 174 HOH HOH A . 
D 4 HOH 69 175 175 HOH HOH A . 
D 4 HOH 70 176 176 HOH HOH A . 
D 4 HOH 71 177 177 HOH HOH A . 
D 4 HOH 72 178 178 HOH HOH A . 
D 4 HOH 73 179 179 HOH HOH A . 
D 4 HOH 74 180 180 HOH HOH A . 
D 4 HOH 75 181 181 HOH HOH A . 
D 4 HOH 76 182 182 HOH HOH A . 
D 4 HOH 77 183 183 HOH HOH A . 
D 4 HOH 78 184 184 HOH HOH A . 
D 4 HOH 79 185 185 HOH HOH A . 
D 4 HOH 80 186 186 HOH HOH A . 
D 4 HOH 81 187 187 HOH HOH A . 
D 4 HOH 82 188 188 HOH HOH A . 
D 4 HOH 83 189 189 HOH HOH A . 
D 4 HOH 84 190 190 HOH HOH A . 
D 4 HOH 85 191 191 HOH HOH A . 
D 4 HOH 86 192 192 HOH HOH A . 
# 
loop_
_pdbx_unobs_or_zero_occ_atoms.id 
_pdbx_unobs_or_zero_occ_atoms.PDB_model_num 
_pdbx_unobs_or_zero_occ_atoms.polymer_flag 
_pdbx_unobs_or_zero_occ_atoms.occupancy_flag 
_pdbx_unobs_or_zero_occ_atoms.auth_asym_id 
_pdbx_unobs_or_zero_occ_atoms.auth_comp_id 
_pdbx_unobs_or_zero_occ_atoms.auth_seq_id 
_pdbx_unobs_or_zero_occ_atoms.PDB_ins_code 
_pdbx_unobs_or_zero_occ_atoms.auth_atom_id 
_pdbx_unobs_or_zero_occ_atoms.label_alt_id 
_pdbx_unobs_or_zero_occ_atoms.label_asym_id 
_pdbx_unobs_or_zero_occ_atoms.label_comp_id 
_pdbx_unobs_or_zero_occ_atoms.label_seq_id 
_pdbx_unobs_or_zero_occ_atoms.label_atom_id 
1  1 Y 1 A LYS 25 ? CE  ? A LYS 25 CE  
2  1 Y 1 A LYS 25 ? NZ  ? A LYS 25 NZ  
3  1 Y 1 A LYS 41 ? CD  ? A LYS 41 CD  
4  1 Y 1 A LYS 41 ? CE  ? A LYS 41 CE  
5  1 Y 1 A LYS 41 ? NZ  ? A LYS 41 NZ  
6  1 Y 1 A ASN 83 ? CG  ? A ASN 83 CG  
7  1 Y 1 A ASN 83 ? OD1 ? A ASN 83 OD1 
8  1 Y 1 A ASN 83 ? ND2 ? A ASN 83 ND2 
9  1 Y 1 A ASN 98 ? CB  ? A ASN 98 CB  
10 1 Y 1 A ASN 98 ? CG  ? A ASN 98 CG  
11 1 Y 1 A ASN 98 ? OD1 ? A ASN 98 OD1 
12 1 Y 1 A ASN 98 ? ND2 ? A ASN 98 ND2 
# 
_software.name             TNT 
_software.classification   refinement 
_software.version          . 
_software.citation_id      ? 
_software.pdbx_ordinal     1 
# 
_cell.entry_id           1RGK 
_cell.length_a           49.100 
_cell.length_b           46.690 
_cell.length_c           41.110 
_cell.angle_alpha        90.00 
_cell.angle_beta         90.00 
_cell.angle_gamma        90.00 
_cell.Z_PDB              4 
_cell.pdbx_unique_axis   ? 
# 
_symmetry.entry_id                         1RGK 
_symmetry.space_group_name_H-M             'P 21 21 21' 
_symmetry.pdbx_full_space_group_name_H-M   ? 
_symmetry.cell_setting                     ? 
_symmetry.Int_Tables_number                19 
# 
_exptl.entry_id          1RGK 
_exptl.method            'X-RAY DIFFRACTION' 
_exptl.crystals_number   ? 
# 
_exptl_crystal.id                    1 
_exptl_crystal.density_meas          ? 
_exptl_crystal.density_Matthews      2.12 
_exptl_crystal.density_percent_sol   42.06 
_exptl_crystal.description           ? 
# 
_diffrn.id                     1 
_diffrn.ambient_temp           ? 
_diffrn.ambient_temp_details   ? 
_diffrn.crystal_id             1 
# 
_diffrn_radiation.diffrn_id                        1 
_diffrn_radiation.wavelength_id                    1 
_diffrn_radiation.pdbx_monochromatic_or_laue_m_l   ? 
_diffrn_radiation.monochromator                    ? 
_diffrn_radiation.pdbx_diffrn_protocol             ? 
_diffrn_radiation.pdbx_scattering_type             x-ray 
# 
_diffrn_radiation_wavelength.id           1 
_diffrn_radiation_wavelength.wavelength   . 
_diffrn_radiation_wavelength.wt           1.0 
# 
_refine.entry_id                                 1RGK 
_refine.ls_number_reflns_obs                     ? 
_refine.ls_number_reflns_all                     ? 
_refine.pdbx_ls_sigma_I                          ? 
_refine.pdbx_ls_sigma_F                          ? 
_refine.pdbx_data_cutoff_high_absF               ? 
_refine.pdbx_data_cutoff_low_absF                ? 
_refine.pdbx_data_cutoff_high_rms_absF           ? 
_refine.ls_d_res_low                             ? 
_refine.ls_d_res_high                            1.87 
_refine.ls_percent_reflns_obs                    ? 
_refine.ls_R_factor_obs                          0.142 
_refine.ls_R_factor_all                          ? 
_refine.ls_R_factor_R_work                       ? 
_refine.ls_R_factor_R_free                       ? 
_refine.ls_R_factor_R_free_error                 ? 
_refine.ls_R_factor_R_free_error_details         ? 
_refine.ls_percent_reflns_R_free                 ? 
_refine.ls_number_reflns_R_free                  ? 
_refine.ls_number_parameters                     ? 
_refine.ls_number_restraints                     ? 
_refine.occupancy_min                            ? 
_refine.occupancy_max                            ? 
_refine.B_iso_mean                               ? 
_refine.aniso_B[1][1]                            ? 
_refine.aniso_B[2][2]                            ? 
_refine.aniso_B[3][3]                            ? 
_refine.aniso_B[1][2]                            ? 
_refine.aniso_B[1][3]                            ? 
_refine.aniso_B[2][3]                            ? 
_refine.solvent_model_details                    ? 
_refine.solvent_model_param_ksol                 ? 
_refine.solvent_model_param_bsol                 ? 
_refine.pdbx_ls_cross_valid_method               ? 
_refine.details                                  ? 
_refine.pdbx_starting_model                      ? 
_refine.pdbx_method_to_determine_struct          ? 
_refine.pdbx_isotropic_thermal_model             ? 
_refine.pdbx_stereochemistry_target_values       ? 
_refine.pdbx_stereochem_target_val_spec_case     ? 
_refine.pdbx_R_Free_selection_details            ? 
_refine.pdbx_overall_ESU_R                       ? 
_refine.pdbx_overall_ESU_R_Free                  ? 
_refine.overall_SU_ML                            ? 
_refine.overall_SU_B                             ? 
_refine.pdbx_refine_id                           'X-RAY DIFFRACTION' 
_refine.pdbx_diffrn_id                           1 
_refine.pdbx_TLS_residual_ADP_flag               ? 
_refine.correlation_coeff_Fo_to_Fc               ? 
_refine.correlation_coeff_Fo_to_Fc_free          ? 
_refine.pdbx_solvent_vdw_probe_radii             ? 
_refine.pdbx_solvent_ion_probe_radii             ? 
_refine.pdbx_solvent_shrinkage_radii             ? 
_refine.pdbx_overall_phase_error                 ? 
_refine.overall_SU_R_Cruickshank_DPI             ? 
_refine.pdbx_overall_SU_R_free_Cruickshank_DPI   ? 
_refine.pdbx_overall_SU_R_Blow_DPI               ? 
_refine.pdbx_overall_SU_R_free_Blow_DPI          ? 
# 
_refine_hist.pdbx_refine_id                   'X-RAY DIFFRACTION' 
_refine_hist.cycle_id                         LAST 
_refine_hist.pdbx_number_atoms_protein        769 
_refine_hist.pdbx_number_atoms_nucleic_acid   0 
_refine_hist.pdbx_number_atoms_ligand         24 
_refine_hist.number_atoms_solvent             86 
_refine_hist.number_atoms_total               879 
_refine_hist.d_res_high                       1.87 
_refine_hist.d_res_low                        . 
# 
loop_
_refine_ls_restr.type 
_refine_ls_restr.dev_ideal 
_refine_ls_restr.dev_ideal_target 
_refine_ls_restr.weight 
_refine_ls_restr.number 
_refine_ls_restr.pdbx_refine_id 
_refine_ls_restr.pdbx_restraint_function 
t_bond_d           0.009 ? ? ? 'X-RAY DIFFRACTION' ? 
t_angle_deg        1.784 ? ? ? 'X-RAY DIFFRACTION' ? 
t_dihedral_angle_d ?     ? ? ? 'X-RAY DIFFRACTION' ? 
t_incorr_chiral_ct ?     ? ? ? 'X-RAY DIFFRACTION' ? 
t_pseud_angle      ?     ? ? ? 'X-RAY DIFFRACTION' ? 
t_trig_c_planes    ?     ? ? ? 'X-RAY DIFFRACTION' ? 
t_gen_planes       ?     ? ? ? 'X-RAY DIFFRACTION' ? 
t_it               ?     ? ? ? 'X-RAY DIFFRACTION' ? 
t_nbd              ?     ? ? ? 'X-RAY DIFFRACTION' ? 
# 
_struct.entry_id                  1RGK 
_struct.title                     
;RNASE T1 MUTANT GLU46GLN BINDS THE INHIBITORS 2'GMP AND 2'AMP AT THE 3' SUBSITE
;
_struct.pdbx_model_details        ? 
_struct.pdbx_CASP_flag            ? 
_struct.pdbx_model_type_details   ? 
# 
_struct_keywords.entry_id        1RGK 
_struct_keywords.pdbx_keywords   'HYDROLASE(ENDORIBONUCLEASE)' 
_struct_keywords.text            'HYDROLASE(ENDORIBONUCLEASE)' 
# 
loop_
_struct_asym.id 
_struct_asym.pdbx_blank_PDB_chainid_flag 
_struct_asym.pdbx_modified 
_struct_asym.entity_id 
_struct_asym.details 
A N N 1 ? 
B N N 2 ? 
C N N 3 ? 
D N N 4 ? 
# 
_struct_ref.id                         1 
_struct_ref.db_name                    UNP 
_struct_ref.db_code                    RNT1_ASPOR 
_struct_ref.entity_id                  1 
_struct_ref.pdbx_db_accession          P00651 
_struct_ref.pdbx_align_begin           1 
_struct_ref.pdbx_seq_one_letter_code   
;MMYSKLLTLTTLLLPTALALPSLVERACDYTCGSNCYSSSDVSTAQAAGYQLHEDGETVGSNSYPHKYNNYEGFDFSVSS
PYYEWPILSSGDVYSGGSPGADRVVFNENNQLAGVITHTGASGNNFVECT
;
_struct_ref.pdbx_db_isoform            ? 
# 
_struct_ref_seq.align_id                      1 
_struct_ref_seq.ref_id                        1 
_struct_ref_seq.pdbx_PDB_id_code              1RGK 
_struct_ref_seq.pdbx_strand_id                A 
_struct_ref_seq.seq_align_beg                 1 
_struct_ref_seq.pdbx_seq_align_beg_ins_code   ? 
_struct_ref_seq.seq_align_end                 104 
_struct_ref_seq.pdbx_seq_align_end_ins_code   ? 
_struct_ref_seq.pdbx_db_accession             P00651 
_struct_ref_seq.db_align_beg                  27 
_struct_ref_seq.pdbx_db_align_beg_ins_code    ? 
_struct_ref_seq.db_align_end                  130 
_struct_ref_seq.pdbx_db_align_end_ins_code    ? 
_struct_ref_seq.pdbx_auth_seq_align_beg       1 
_struct_ref_seq.pdbx_auth_seq_align_end       104 
# 
loop_
_struct_ref_seq_dif.align_id 
_struct_ref_seq_dif.pdbx_pdb_id_code 
_struct_ref_seq_dif.mon_id 
_struct_ref_seq_dif.pdbx_pdb_strand_id 
_struct_ref_seq_dif.seq_num 
_struct_ref_seq_dif.pdbx_pdb_ins_code 
_struct_ref_seq_dif.pdbx_seq_db_name 
_struct_ref_seq_dif.pdbx_seq_db_accession_code 
_struct_ref_seq_dif.db_mon_id 
_struct_ref_seq_dif.pdbx_seq_db_seq_num 
_struct_ref_seq_dif.details 
_struct_ref_seq_dif.pdbx_auth_seq_num 
_struct_ref_seq_dif.pdbx_ordinal 
1 1RGK LYS A 25 ? UNP P00651 GLN 51 conflict 25 1 
1 1RGK GLN A 46 ? UNP P00651 GLU 72 conflict 46 2 
# 
_pdbx_struct_assembly.id                   1 
_pdbx_struct_assembly.details              author_defined_assembly 
_pdbx_struct_assembly.method_details       ? 
_pdbx_struct_assembly.oligomeric_details   monomeric 
_pdbx_struct_assembly.oligomeric_count     1 
# 
_pdbx_struct_assembly_gen.assembly_id       1 
_pdbx_struct_assembly_gen.oper_expression   1 
_pdbx_struct_assembly_gen.asym_id_list      A,B,C,D 
# 
_pdbx_struct_oper_list.id                   1 
_pdbx_struct_oper_list.type                 'identity operation' 
_pdbx_struct_oper_list.name                 1_555 
_pdbx_struct_oper_list.symmetry_operation   x,y,z 
_pdbx_struct_oper_list.matrix[1][1]         1.0000000000 
_pdbx_struct_oper_list.matrix[1][2]         0.0000000000 
_pdbx_struct_oper_list.matrix[1][3]         0.0000000000 
_pdbx_struct_oper_list.vector[1]            0.0000000000 
_pdbx_struct_oper_list.matrix[2][1]         0.0000000000 
_pdbx_struct_oper_list.matrix[2][2]         1.0000000000 
_pdbx_struct_oper_list.matrix[2][3]         0.0000000000 
_pdbx_struct_oper_list.vector[2]            0.0000000000 
_pdbx_struct_oper_list.matrix[3][1]         0.0000000000 
_pdbx_struct_oper_list.matrix[3][2]         0.0000000000 
_pdbx_struct_oper_list.matrix[3][3]         1.0000000000 
_pdbx_struct_oper_list.vector[3]            0.0000000000 
# 
_struct_biol.id   1 
# 
_struct_conf.conf_type_id            HELX_P 
_struct_conf.id                      HELX_P1 
_struct_conf.pdbx_PDB_helix_id       A 
_struct_conf.beg_label_comp_id       SER 
_struct_conf.beg_label_asym_id       A 
_struct_conf.beg_label_seq_id        13 
_struct_conf.pdbx_beg_PDB_ins_code   ? 
_struct_conf.end_label_comp_id       ASP 
_struct_conf.end_label_asym_id       A 
_struct_conf.end_label_seq_id        29 
_struct_conf.pdbx_end_PDB_ins_code   ? 
_struct_conf.beg_auth_comp_id        SER 
_struct_conf.beg_auth_asym_id        A 
_struct_conf.beg_auth_seq_id         13 
_struct_conf.end_auth_comp_id        ASP 
_struct_conf.end_auth_asym_id        A 
_struct_conf.end_auth_seq_id         29 
_struct_conf.pdbx_PDB_helix_class    1 
_struct_conf.details                 ? 
_struct_conf.pdbx_PDB_helix_length   17 
# 
_struct_conf_type.id          HELX_P 
_struct_conf_type.criteria    ? 
_struct_conf_type.reference   ? 
# 
loop_
_struct_conn.id 
_struct_conn.conn_type_id 
_struct_conn.pdbx_leaving_atom_flag 
_struct_conn.pdbx_PDB_id 
_struct_conn.ptnr1_label_asym_id 
_struct_conn.ptnr1_label_comp_id 
_struct_conn.ptnr1_label_seq_id 
_struct_conn.ptnr1_label_atom_id 
_struct_conn.pdbx_ptnr1_label_alt_id 
_struct_conn.pdbx_ptnr1_PDB_ins_code 
_struct_conn.pdbx_ptnr1_standard_comp_id 
_struct_conn.ptnr1_symmetry 
_struct_conn.ptnr2_label_asym_id 
_struct_conn.ptnr2_label_comp_id 
_struct_conn.ptnr2_label_seq_id 
_struct_conn.ptnr2_label_atom_id 
_struct_conn.pdbx_ptnr2_label_alt_id 
_struct_conn.pdbx_ptnr2_PDB_ins_code 
_struct_conn.ptnr1_auth_asym_id 
_struct_conn.ptnr1_auth_comp_id 
_struct_conn.ptnr1_auth_seq_id 
_struct_conn.ptnr2_auth_asym_id 
_struct_conn.ptnr2_auth_comp_id 
_struct_conn.ptnr2_auth_seq_id 
_struct_conn.ptnr2_symmetry 
_struct_conn.pdbx_ptnr3_label_atom_id 
_struct_conn.pdbx_ptnr3_label_seq_id 
_struct_conn.pdbx_ptnr3_label_comp_id 
_struct_conn.pdbx_ptnr3_label_asym_id 
_struct_conn.pdbx_ptnr3_label_alt_id 
_struct_conn.pdbx_ptnr3_PDB_ins_code 
_struct_conn.details 
_struct_conn.pdbx_dist_value 
_struct_conn.pdbx_value_order 
_struct_conn.pdbx_role 
disulf1 disulf ? ? A CYS 2  SG  ? ? ? 1_555 A CYS 10  SG ? ? A CYS 2   A CYS 10  1_555 ? ? ? ? ? ? ? 2.004 ? ? 
disulf2 disulf ? ? A CYS 6  SG  ? ? ? 1_555 A CYS 103 SG ? ? A CYS 6   A CYS 103 1_555 ? ? ? ? ? ? ? 2.040 ? ? 
metalc1 metalc ? ? A ASP 15 OD2 ? ? ? 1_555 B CA  .   CA ? ? A ASP 15  A CA  106 1_555 ? ? ? ? ? ? ? 2.451 ? ? 
metalc2 metalc ? ? A ASP 15 OD1 ? ? ? 1_555 B CA  .   CA ? ? A ASP 15  A CA  106 1_555 ? ? ? ? ? ? ? 2.607 ? ? 
metalc3 metalc ? ? B CA  .  CA  ? ? ? 1_555 D HOH .   O  ? ? A CA  106 A HOH 110 1_555 ? ? ? ? ? ? ? 2.435 ? ? 
metalc4 metalc ? ? B CA  .  CA  ? ? ? 1_555 D HOH .   O  ? ? A CA  106 A HOH 114 1_555 ? ? ? ? ? ? ? 2.547 ? ? 
metalc5 metalc ? ? B CA  .  CA  ? ? ? 1_555 D HOH .   O  ? ? A CA  106 A HOH 115 1_555 ? ? ? ? ? ? ? 2.393 ? ? 
metalc6 metalc ? ? B CA  .  CA  ? ? ? 1_555 D HOH .   O  ? ? A CA  106 A HOH 116 1_555 ? ? ? ? ? ? ? 2.507 ? ? 
metalc7 metalc ? ? B CA  .  CA  ? ? ? 1_555 D HOH .   O  ? ? A CA  106 A HOH 145 1_555 ? ? ? ? ? ? ? 2.383 ? ? 
metalc8 metalc ? ? B CA  .  CA  ? ? ? 1_555 D HOH .   O  ? ? A CA  106 A HOH 191 1_555 ? ? ? ? ? ? ? 2.597 ? ? 
# 
loop_
_struct_conn_type.id 
_struct_conn_type.criteria 
_struct_conn_type.reference 
disulf ? ? 
metalc ? ? 
# 
loop_
_pdbx_struct_conn_angle.id 
_pdbx_struct_conn_angle.ptnr1_label_atom_id 
_pdbx_struct_conn_angle.ptnr1_label_alt_id 
_pdbx_struct_conn_angle.ptnr1_label_asym_id 
_pdbx_struct_conn_angle.ptnr1_label_comp_id 
_pdbx_struct_conn_angle.ptnr1_label_seq_id 
_pdbx_struct_conn_angle.ptnr1_auth_atom_id 
_pdbx_struct_conn_angle.ptnr1_auth_asym_id 
_pdbx_struct_conn_angle.ptnr1_auth_comp_id 
_pdbx_struct_conn_angle.ptnr1_auth_seq_id 
_pdbx_struct_conn_angle.ptnr1_PDB_ins_code 
_pdbx_struct_conn_angle.ptnr1_symmetry 
_pdbx_struct_conn_angle.ptnr2_label_atom_id 
_pdbx_struct_conn_angle.ptnr2_label_alt_id 
_pdbx_struct_conn_angle.ptnr2_label_asym_id 
_pdbx_struct_conn_angle.ptnr2_label_comp_id 
_pdbx_struct_conn_angle.ptnr2_label_seq_id 
_pdbx_struct_conn_angle.ptnr2_auth_atom_id 
_pdbx_struct_conn_angle.ptnr2_auth_asym_id 
_pdbx_struct_conn_angle.ptnr2_auth_comp_id 
_pdbx_struct_conn_angle.ptnr2_auth_seq_id 
_pdbx_struct_conn_angle.ptnr2_PDB_ins_code 
_pdbx_struct_conn_angle.ptnr2_symmetry 
_pdbx_struct_conn_angle.ptnr3_label_atom_id 
_pdbx_struct_conn_angle.ptnr3_label_alt_id 
_pdbx_struct_conn_angle.ptnr3_label_asym_id 
_pdbx_struct_conn_angle.ptnr3_label_comp_id 
_pdbx_struct_conn_angle.ptnr3_label_seq_id 
_pdbx_struct_conn_angle.ptnr3_auth_atom_id 
_pdbx_struct_conn_angle.ptnr3_auth_asym_id 
_pdbx_struct_conn_angle.ptnr3_auth_comp_id 
_pdbx_struct_conn_angle.ptnr3_auth_seq_id 
_pdbx_struct_conn_angle.ptnr3_PDB_ins_code 
_pdbx_struct_conn_angle.ptnr3_symmetry 
_pdbx_struct_conn_angle.value 
_pdbx_struct_conn_angle.value_esd 
1  OD2 ? A ASP 15 ? A ASP 15  ? 1_555 CA ? B CA . ? A CA 106 ? 1_555 OD1 ? A ASP 15 ? A ASP 15  ? 1_555 51.8  ? 
2  OD2 ? A ASP 15 ? A ASP 15  ? 1_555 CA ? B CA . ? A CA 106 ? 1_555 O   ? D HOH .  ? A HOH 110 ? 1_555 81.7  ? 
3  OD1 ? A ASP 15 ? A ASP 15  ? 1_555 CA ? B CA . ? A CA 106 ? 1_555 O   ? D HOH .  ? A HOH 110 ? 1_555 133.2 ? 
4  OD2 ? A ASP 15 ? A ASP 15  ? 1_555 CA ? B CA . ? A CA 106 ? 1_555 O   ? D HOH .  ? A HOH 114 ? 1_555 77.8  ? 
5  OD1 ? A ASP 15 ? A ASP 15  ? 1_555 CA ? B CA . ? A CA 106 ? 1_555 O   ? D HOH .  ? A HOH 114 ? 1_555 78.9  ? 
6  O   ? D HOH .  ? A HOH 110 ? 1_555 CA ? B CA . ? A CA 106 ? 1_555 O   ? D HOH .  ? A HOH 114 ? 1_555 87.4  ? 
7  OD2 ? A ASP 15 ? A ASP 15  ? 1_555 CA ? B CA . ? A CA 106 ? 1_555 O   ? D HOH .  ? A HOH 115 ? 1_555 76.0  ? 
8  OD1 ? A ASP 15 ? A ASP 15  ? 1_555 CA ? B CA . ? A CA 106 ? 1_555 O   ? D HOH .  ? A HOH 115 ? 1_555 79.6  ? 
9  O   ? D HOH .  ? A HOH 110 ? 1_555 CA ? B CA . ? A CA 106 ? 1_555 O   ? D HOH .  ? A HOH 115 ? 1_555 95.5  ? 
10 O   ? D HOH .  ? A HOH 114 ? 1_555 CA ? B CA . ? A CA 106 ? 1_555 O   ? D HOH .  ? A HOH 115 ? 1_555 152.9 ? 
11 OD2 ? A ASP 15 ? A ASP 15  ? 1_555 CA ? B CA . ? A CA 106 ? 1_555 O   ? D HOH .  ? A HOH 116 ? 1_555 142.4 ? 
12 OD1 ? A ASP 15 ? A ASP 15  ? 1_555 CA ? B CA . ? A CA 106 ? 1_555 O   ? D HOH .  ? A HOH 116 ? 1_555 142.2 ? 
13 O   ? D HOH .  ? A HOH 110 ? 1_555 CA ? B CA . ? A CA 106 ? 1_555 O   ? D HOH .  ? A HOH 116 ? 1_555 77.5  ? 
14 O   ? D HOH .  ? A HOH 114 ? 1_555 CA ? B CA . ? A CA 106 ? 1_555 O   ? D HOH .  ? A HOH 116 ? 1_555 131.4 ? 
15 O   ? D HOH .  ? A HOH 115 ? 1_555 CA ? B CA . ? A CA 106 ? 1_555 O   ? D HOH .  ? A HOH 116 ? 1_555 75.2  ? 
16 OD2 ? A ASP 15 ? A ASP 15  ? 1_555 CA ? B CA . ? A CA 106 ? 1_555 O   ? D HOH .  ? A HOH 145 ? 1_555 125.3 ? 
17 OD1 ? A ASP 15 ? A ASP 15  ? 1_555 CA ? B CA . ? A CA 106 ? 1_555 O   ? D HOH .  ? A HOH 145 ? 1_555 74.0  ? 
18 O   ? D HOH .  ? A HOH 110 ? 1_555 CA ? B CA . ? A CA 106 ? 1_555 O   ? D HOH .  ? A HOH 145 ? 1_555 152.8 ? 
19 O   ? D HOH .  ? A HOH 114 ? 1_555 CA ? B CA . ? A CA 106 ? 1_555 O   ? D HOH .  ? A HOH 145 ? 1_555 101.0 ? 
20 O   ? D HOH .  ? A HOH 115 ? 1_555 CA ? B CA . ? A CA 106 ? 1_555 O   ? D HOH .  ? A HOH 145 ? 1_555 88.7  ? 
21 O   ? D HOH .  ? A HOH 116 ? 1_555 CA ? B CA . ? A CA 106 ? 1_555 O   ? D HOH .  ? A HOH 145 ? 1_555 77.6  ? 
22 OD2 ? A ASP 15 ? A ASP 15  ? 1_555 CA ? B CA . ? A CA 106 ? 1_555 O   ? D HOH .  ? A HOH 191 ? 1_555 145.9 ? 
23 OD1 ? A ASP 15 ? A ASP 15  ? 1_555 CA ? B CA . ? A CA 106 ? 1_555 O   ? D HOH .  ? A HOH 191 ? 1_555 132.3 ? 
24 O   ? D HOH .  ? A HOH 110 ? 1_555 CA ? B CA . ? A CA 106 ? 1_555 O   ? D HOH .  ? A HOH 191 ? 1_555 82.4  ? 
25 O   ? D HOH .  ? A HOH 114 ? 1_555 CA ? B CA . ? A CA 106 ? 1_555 O   ? D HOH .  ? A HOH 191 ? 1_555 71.6  ? 
26 O   ? D HOH .  ? A HOH 115 ? 1_555 CA ? B CA . ? A CA 106 ? 1_555 O   ? D HOH .  ? A HOH 191 ? 1_555 135.6 ? 
27 O   ? D HOH .  ? A HOH 116 ? 1_555 CA ? B CA . ? A CA 106 ? 1_555 O   ? D HOH .  ? A HOH 191 ? 1_555 60.9  ? 
28 O   ? D HOH .  ? A HOH 145 ? 1_555 CA ? B CA . ? A CA 106 ? 1_555 O   ? D HOH .  ? A HOH 191 ? 1_555 76.0  ? 
# 
loop_
_pdbx_modification_feature.ordinal 
_pdbx_modification_feature.label_comp_id 
_pdbx_modification_feature.label_asym_id 
_pdbx_modification_feature.label_seq_id 
_pdbx_modification_feature.label_alt_id 
_pdbx_modification_feature.modified_residue_label_comp_id 
_pdbx_modification_feature.modified_residue_label_asym_id 
_pdbx_modification_feature.modified_residue_label_seq_id 
_pdbx_modification_feature.modified_residue_label_alt_id 
_pdbx_modification_feature.auth_comp_id 
_pdbx_modification_feature.auth_asym_id 
_pdbx_modification_feature.auth_seq_id 
_pdbx_modification_feature.PDB_ins_code 
_pdbx_modification_feature.symmetry 
_pdbx_modification_feature.modified_residue_auth_comp_id 
_pdbx_modification_feature.modified_residue_auth_asym_id 
_pdbx_modification_feature.modified_residue_auth_seq_id 
_pdbx_modification_feature.modified_residue_PDB_ins_code 
_pdbx_modification_feature.modified_residue_symmetry 
_pdbx_modification_feature.comp_id_linking_atom 
_pdbx_modification_feature.modified_residue_id_linking_atom 
_pdbx_modification_feature.modified_residue_id 
_pdbx_modification_feature.ref_pcm_id 
_pdbx_modification_feature.ref_comp_id 
_pdbx_modification_feature.type 
_pdbx_modification_feature.category 
1 CYS A 2 ? CYS A 10  ? CYS A 2 ? 1_555 CYS A 10  ? 1_555 SG SG . . . None 'Disulfide bridge' 
2 CYS A 6 ? CYS A 103 ? CYS A 6 ? 1_555 CYS A 103 ? 1_555 SG SG . . . None 'Disulfide bridge' 
# 
loop_
_struct_mon_prot_cis.pdbx_id 
_struct_mon_prot_cis.label_comp_id 
_struct_mon_prot_cis.label_seq_id 
_struct_mon_prot_cis.label_asym_id 
_struct_mon_prot_cis.label_alt_id 
_struct_mon_prot_cis.pdbx_PDB_ins_code 
_struct_mon_prot_cis.auth_comp_id 
_struct_mon_prot_cis.auth_seq_id 
_struct_mon_prot_cis.auth_asym_id 
_struct_mon_prot_cis.pdbx_label_comp_id_2 
_struct_mon_prot_cis.pdbx_label_seq_id_2 
_struct_mon_prot_cis.pdbx_label_asym_id_2 
_struct_mon_prot_cis.pdbx_PDB_ins_code_2 
_struct_mon_prot_cis.pdbx_auth_comp_id_2 
_struct_mon_prot_cis.pdbx_auth_seq_id_2 
_struct_mon_prot_cis.pdbx_auth_asym_id_2 
_struct_mon_prot_cis.pdbx_PDB_model_num 
_struct_mon_prot_cis.pdbx_omega_angle 
1 TYR 38 A . ? TYR 38 A PRO 39 A ? PRO 39 A 1 -0.04 
2 SER 54 A . ? SER 54 A PRO 55 A ? PRO 55 A 1 0.70  
# 
loop_
_struct_sheet.id 
_struct_sheet.type 
_struct_sheet.number_strands 
_struct_sheet.details 
A1 ? 2 ? 
A2 ? 5 ? 
# 
loop_
_struct_sheet_order.sheet_id 
_struct_sheet_order.range_id_1 
_struct_sheet_order.range_id_2 
_struct_sheet_order.offset 
_struct_sheet_order.sense 
A1 1 2 ? anti-parallel 
A2 1 2 ? anti-parallel 
A2 2 3 ? anti-parallel 
A2 3 4 ? anti-parallel 
A2 4 5 ? anti-parallel 
# 
loop_
_struct_sheet_range.sheet_id 
_struct_sheet_range.id 
_struct_sheet_range.beg_label_comp_id 
_struct_sheet_range.beg_label_asym_id 
_struct_sheet_range.beg_label_seq_id 
_struct_sheet_range.pdbx_beg_PDB_ins_code 
_struct_sheet_range.end_label_comp_id 
_struct_sheet_range.end_label_asym_id 
_struct_sheet_range.end_label_seq_id 
_struct_sheet_range.pdbx_end_PDB_ins_code 
_struct_sheet_range.beg_auth_comp_id 
_struct_sheet_range.beg_auth_asym_id 
_struct_sheet_range.beg_auth_seq_id 
_struct_sheet_range.end_auth_comp_id 
_struct_sheet_range.end_auth_asym_id 
_struct_sheet_range.end_auth_seq_id 
A1 1 TYR A 4   ? CYS A 6   ? TYR A 4   CYS A 6   
A1 2 ASN A 9   ? SER A 12  ? ASN A 9   SER A 12  
A2 1 PRO A 39  ? TYR A 42  ? PRO A 39  TYR A 42  
A2 2 PRO A 55  ? LEU A 62  ? PRO A 55  LEU A 62  
A2 3 ASP A 76  ? ASN A 81  ? ASP A 76  ASN A 81  
A2 4 GLN A 85  ? THR A 91  ? GLN A 85  THR A 91  
A2 5 PHE A 100 ? CYS A 103 ? PHE A 100 CYS A 103 
# 
loop_
_pdbx_struct_sheet_hbond.sheet_id 
_pdbx_struct_sheet_hbond.range_id_1 
_pdbx_struct_sheet_hbond.range_id_2 
_pdbx_struct_sheet_hbond.range_1_label_atom_id 
_pdbx_struct_sheet_hbond.range_1_label_comp_id 
_pdbx_struct_sheet_hbond.range_1_label_asym_id 
_pdbx_struct_sheet_hbond.range_1_label_seq_id 
_pdbx_struct_sheet_hbond.range_1_PDB_ins_code 
_pdbx_struct_sheet_hbond.range_1_auth_atom_id 
_pdbx_struct_sheet_hbond.range_1_auth_comp_id 
_pdbx_struct_sheet_hbond.range_1_auth_asym_id 
_pdbx_struct_sheet_hbond.range_1_auth_seq_id 
_pdbx_struct_sheet_hbond.range_2_label_atom_id 
_pdbx_struct_sheet_hbond.range_2_label_comp_id 
_pdbx_struct_sheet_hbond.range_2_label_asym_id 
_pdbx_struct_sheet_hbond.range_2_label_seq_id 
_pdbx_struct_sheet_hbond.range_2_PDB_ins_code 
_pdbx_struct_sheet_hbond.range_2_auth_atom_id 
_pdbx_struct_sheet_hbond.range_2_auth_comp_id 
_pdbx_struct_sheet_hbond.range_2_auth_asym_id 
_pdbx_struct_sheet_hbond.range_2_auth_seq_id 
A1 1 2 N TYR A 4  ? N TYR A 4  O TYR A 11  ? O TYR A 11  
A2 1 2 N HIS A 40 ? N HIS A 40 O GLU A 58  ? O GLU A 58  
A2 2 3 N TRP A 59 ? N TRP A 59 O VAL A 78  ? O VAL A 78  
A2 3 4 N ARG A 77 ? N ARG A 77 O ILE A 90  ? O ILE A 90  
A2 4 5 O THR A 91 ? O THR A 91 N VAL A 101 ? N VAL A 101 
# 
loop_
_struct_site.id 
_struct_site.pdbx_evidence_code 
_struct_site.pdbx_auth_asym_id 
_struct_site.pdbx_auth_comp_id 
_struct_site.pdbx_auth_seq_id 
_struct_site.pdbx_auth_ins_code 
_struct_site.pdbx_num_residues 
_struct_site.details 
AC1 Software A CA  106 ? 7  'BINDING SITE FOR RESIDUE CA A 106'  
AC2 Software A 2AM 105 ? 16 'BINDING SITE FOR RESIDUE 2AM A 105' 
# 
loop_
_struct_site_gen.id 
_struct_site_gen.site_id 
_struct_site_gen.pdbx_num_res 
_struct_site_gen.label_comp_id 
_struct_site_gen.label_asym_id 
_struct_site_gen.label_seq_id 
_struct_site_gen.pdbx_auth_ins_code 
_struct_site_gen.auth_comp_id 
_struct_site_gen.auth_asym_id 
_struct_site_gen.auth_seq_id 
_struct_site_gen.label_atom_id 
_struct_site_gen.label_alt_id 
_struct_site_gen.symmetry 
_struct_site_gen.details 
1  AC1 7  ASP A 15  ? ASP A 15  . ? 1_555 ? 
2  AC1 7  HOH D .   ? HOH A 110 . ? 1_555 ? 
3  AC1 7  HOH D .   ? HOH A 114 . ? 1_555 ? 
4  AC1 7  HOH D .   ? HOH A 115 . ? 1_555 ? 
5  AC1 7  HOH D .   ? HOH A 116 . ? 1_555 ? 
6  AC1 7  HOH D .   ? HOH A 145 . ? 1_555 ? 
7  AC1 7  HOH D .   ? HOH A 191 . ? 1_555 ? 
8  AC2 16 ASN A 36  ? ASN A 36  . ? 1_555 ? 
9  AC2 16 TYR A 38  ? TYR A 38  . ? 1_555 ? 
10 AC2 16 HIS A 40  ? HIS A 40  . ? 1_555 ? 
11 AC2 16 ASP A 49  ? ASP A 49  . ? 4_555 ? 
12 AC2 16 GLU A 58  ? GLU A 58  . ? 1_555 ? 
13 AC2 16 GLY A 74  ? GLY A 74  . ? 1_555 ? 
14 AC2 16 ARG A 77  ? ARG A 77  . ? 1_555 ? 
15 AC2 16 HIS A 92  ? HIS A 92  . ? 1_555 ? 
16 AC2 16 GLY A 97  ? GLY A 97  . ? 1_555 ? 
17 AC2 16 PHE A 100 ? PHE A 100 . ? 1_555 ? 
18 AC2 16 GLU A 102 ? GLU A 102 . ? 4_555 ? 
19 AC2 16 HOH D .   ? HOH A 144 . ? 1_555 ? 
20 AC2 16 HOH D .   ? HOH A 159 . ? 1_555 ? 
21 AC2 16 HOH D .   ? HOH A 161 . ? 1_555 ? 
22 AC2 16 HOH D .   ? HOH A 163 . ? 4_555 ? 
23 AC2 16 HOH D .   ? HOH A 192 . ? 1_555 ? 
# 
_pdbx_entry_details.entry_id                   1RGK 
_pdbx_entry_details.compound_details           ? 
_pdbx_entry_details.source_details             ? 
_pdbx_entry_details.nonpolymer_details         ? 
_pdbx_entry_details.sequence_details           ? 
_pdbx_entry_details.has_ligand_of_interest     ? 
_pdbx_entry_details.has_protein_modification   Y 
# 
loop_
_pdbx_validate_rmsd_angle.id 
_pdbx_validate_rmsd_angle.PDB_model_num 
_pdbx_validate_rmsd_angle.auth_atom_id_1 
_pdbx_validate_rmsd_angle.auth_asym_id_1 
_pdbx_validate_rmsd_angle.auth_comp_id_1 
_pdbx_validate_rmsd_angle.auth_seq_id_1 
_pdbx_validate_rmsd_angle.PDB_ins_code_1 
_pdbx_validate_rmsd_angle.label_alt_id_1 
_pdbx_validate_rmsd_angle.auth_atom_id_2 
_pdbx_validate_rmsd_angle.auth_asym_id_2 
_pdbx_validate_rmsd_angle.auth_comp_id_2 
_pdbx_validate_rmsd_angle.auth_seq_id_2 
_pdbx_validate_rmsd_angle.PDB_ins_code_2 
_pdbx_validate_rmsd_angle.label_alt_id_2 
_pdbx_validate_rmsd_angle.auth_atom_id_3 
_pdbx_validate_rmsd_angle.auth_asym_id_3 
_pdbx_validate_rmsd_angle.auth_comp_id_3 
_pdbx_validate_rmsd_angle.auth_seq_id_3 
_pdbx_validate_rmsd_angle.PDB_ins_code_3 
_pdbx_validate_rmsd_angle.label_alt_id_3 
_pdbx_validate_rmsd_angle.angle_value 
_pdbx_validate_rmsd_angle.angle_target_value 
_pdbx_validate_rmsd_angle.angle_deviation 
_pdbx_validate_rmsd_angle.angle_standard_deviation 
_pdbx_validate_rmsd_angle.linker_flag 
1 1 CB A ASP 15 ? ? CG A ASP 15 ? ? OD2 A ASP 15 ? ? 112.44 118.30 -5.86 0.90 N 
2 1 CB A ASP 29 ? ? CG A ASP 29 ? ? OD2 A ASP 29 ? ? 112.49 118.30 -5.81 0.90 N 
# 
_pdbx_validate_torsion.id              1 
_pdbx_validate_torsion.PDB_model_num   1 
_pdbx_validate_torsion.auth_comp_id    SER 
_pdbx_validate_torsion.auth_asym_id    A 
_pdbx_validate_torsion.auth_seq_id     37 
_pdbx_validate_torsion.PDB_ins_code    ? 
_pdbx_validate_torsion.label_alt_id    ? 
_pdbx_validate_torsion.phi             52.30 
_pdbx_validate_torsion.psi             70.48 
# 
loop_
_chem_comp_atom.comp_id 
_chem_comp_atom.atom_id 
_chem_comp_atom.type_symbol 
_chem_comp_atom.pdbx_aromatic_flag 
_chem_comp_atom.pdbx_stereo_config 
_chem_comp_atom.pdbx_ordinal 
2AM P      P  N N 1   
2AM O1P    O  N N 2   
2AM O2P    O  N N 3   
2AM O3P    O  N N 4   
2AM "C5'"  C  N N 5   
2AM "O5'"  O  N N 6   
2AM "C4'"  C  N R 7   
2AM "O4'"  O  N N 8   
2AM "C3'"  C  N R 9   
2AM "O3'"  O  N N 10  
2AM "C2'"  C  N R 11  
2AM "O2'"  O  N N 12  
2AM "C1'"  C  N R 13  
2AM N9     N  Y N 14  
2AM C8     C  Y N 15  
2AM N7     N  Y N 16  
2AM C5     C  Y N 17  
2AM C6     C  Y N 18  
2AM N6     N  N N 19  
2AM N1     N  Y N 20  
2AM C2     C  Y N 21  
2AM N3     N  Y N 22  
2AM C4     C  Y N 23  
2AM HOP2   H  N N 24  
2AM HOP3   H  N N 25  
2AM "H5'1" H  N N 26  
2AM "H5'2" H  N N 27  
2AM "HO5'" H  N N 28  
2AM "H4'"  H  N N 29  
2AM "H3'"  H  N N 30  
2AM "HO3'" H  N N 31  
2AM "H2'"  H  N N 32  
2AM "H1'"  H  N N 33  
2AM H8     H  N N 34  
2AM HN61   H  N N 35  
2AM HN62   H  N N 36  
2AM H2     H  N N 37  
ALA N      N  N N 38  
ALA CA     C  N S 39  
ALA C      C  N N 40  
ALA O      O  N N 41  
ALA CB     C  N N 42  
ALA OXT    O  N N 43  
ALA H      H  N N 44  
ALA H2     H  N N 45  
ALA HA     H  N N 46  
ALA HB1    H  N N 47  
ALA HB2    H  N N 48  
ALA HB3    H  N N 49  
ALA HXT    H  N N 50  
ARG N      N  N N 51  
ARG CA     C  N S 52  
ARG C      C  N N 53  
ARG O      O  N N 54  
ARG CB     C  N N 55  
ARG CG     C  N N 56  
ARG CD     C  N N 57  
ARG NE     N  N N 58  
ARG CZ     C  N N 59  
ARG NH1    N  N N 60  
ARG NH2    N  N N 61  
ARG OXT    O  N N 62  
ARG H      H  N N 63  
ARG H2     H  N N 64  
ARG HA     H  N N 65  
ARG HB2    H  N N 66  
ARG HB3    H  N N 67  
ARG HG2    H  N N 68  
ARG HG3    H  N N 69  
ARG HD2    H  N N 70  
ARG HD3    H  N N 71  
ARG HE     H  N N 72  
ARG HH11   H  N N 73  
ARG HH12   H  N N 74  
ARG HH21   H  N N 75  
ARG HH22   H  N N 76  
ARG HXT    H  N N 77  
ASN N      N  N N 78  
ASN CA     C  N S 79  
ASN C      C  N N 80  
ASN O      O  N N 81  
ASN CB     C  N N 82  
ASN CG     C  N N 83  
ASN OD1    O  N N 84  
ASN ND2    N  N N 85  
ASN OXT    O  N N 86  
ASN H      H  N N 87  
ASN H2     H  N N 88  
ASN HA     H  N N 89  
ASN HB2    H  N N 90  
ASN HB3    H  N N 91  
ASN HD21   H  N N 92  
ASN HD22   H  N N 93  
ASN HXT    H  N N 94  
ASP N      N  N N 95  
ASP CA     C  N S 96  
ASP C      C  N N 97  
ASP O      O  N N 98  
ASP CB     C  N N 99  
ASP CG     C  N N 100 
ASP OD1    O  N N 101 
ASP OD2    O  N N 102 
ASP OXT    O  N N 103 
ASP H      H  N N 104 
ASP H2     H  N N 105 
ASP HA     H  N N 106 
ASP HB2    H  N N 107 
ASP HB3    H  N N 108 
ASP HD2    H  N N 109 
ASP HXT    H  N N 110 
CA  CA     CA N N 111 
CYS N      N  N N 112 
CYS CA     C  N R 113 
CYS C      C  N N 114 
CYS O      O  N N 115 
CYS CB     C  N N 116 
CYS SG     S  N N 117 
CYS OXT    O  N N 118 
CYS H      H  N N 119 
CYS H2     H  N N 120 
CYS HA     H  N N 121 
CYS HB2    H  N N 122 
CYS HB3    H  N N 123 
CYS HG     H  N N 124 
CYS HXT    H  N N 125 
GLN N      N  N N 126 
GLN CA     C  N S 127 
GLN C      C  N N 128 
GLN O      O  N N 129 
GLN CB     C  N N 130 
GLN CG     C  N N 131 
GLN CD     C  N N 132 
GLN OE1    O  N N 133 
GLN NE2    N  N N 134 
GLN OXT    O  N N 135 
GLN H      H  N N 136 
GLN H2     H  N N 137 
GLN HA     H  N N 138 
GLN HB2    H  N N 139 
GLN HB3    H  N N 140 
GLN HG2    H  N N 141 
GLN HG3    H  N N 142 
GLN HE21   H  N N 143 
GLN HE22   H  N N 144 
GLN HXT    H  N N 145 
GLU N      N  N N 146 
GLU CA     C  N S 147 
GLU C      C  N N 148 
GLU O      O  N N 149 
GLU CB     C  N N 150 
GLU CG     C  N N 151 
GLU CD     C  N N 152 
GLU OE1    O  N N 153 
GLU OE2    O  N N 154 
GLU OXT    O  N N 155 
GLU H      H  N N 156 
GLU H2     H  N N 157 
GLU HA     H  N N 158 
GLU HB2    H  N N 159 
GLU HB3    H  N N 160 
GLU HG2    H  N N 161 
GLU HG3    H  N N 162 
GLU HE2    H  N N 163 
GLU HXT    H  N N 164 
GLY N      N  N N 165 
GLY CA     C  N N 166 
GLY C      C  N N 167 
GLY O      O  N N 168 
GLY OXT    O  N N 169 
GLY H      H  N N 170 
GLY H2     H  N N 171 
GLY HA2    H  N N 172 
GLY HA3    H  N N 173 
GLY HXT    H  N N 174 
HIS N      N  N N 175 
HIS CA     C  N S 176 
HIS C      C  N N 177 
HIS O      O  N N 178 
HIS CB     C  N N 179 
HIS CG     C  Y N 180 
HIS ND1    N  Y N 181 
HIS CD2    C  Y N 182 
HIS CE1    C  Y N 183 
HIS NE2    N  Y N 184 
HIS OXT    O  N N 185 
HIS H      H  N N 186 
HIS H2     H  N N 187 
HIS HA     H  N N 188 
HIS HB2    H  N N 189 
HIS HB3    H  N N 190 
HIS HD1    H  N N 191 
HIS HD2    H  N N 192 
HIS HE1    H  N N 193 
HIS HE2    H  N N 194 
HIS HXT    H  N N 195 
HOH O      O  N N 196 
HOH H1     H  N N 197 
HOH H2     H  N N 198 
ILE N      N  N N 199 
ILE CA     C  N S 200 
ILE C      C  N N 201 
ILE O      O  N N 202 
ILE CB     C  N S 203 
ILE CG1    C  N N 204 
ILE CG2    C  N N 205 
ILE CD1    C  N N 206 
ILE OXT    O  N N 207 
ILE H      H  N N 208 
ILE H2     H  N N 209 
ILE HA     H  N N 210 
ILE HB     H  N N 211 
ILE HG12   H  N N 212 
ILE HG13   H  N N 213 
ILE HG21   H  N N 214 
ILE HG22   H  N N 215 
ILE HG23   H  N N 216 
ILE HD11   H  N N 217 
ILE HD12   H  N N 218 
ILE HD13   H  N N 219 
ILE HXT    H  N N 220 
LEU N      N  N N 221 
LEU CA     C  N S 222 
LEU C      C  N N 223 
LEU O      O  N N 224 
LEU CB     C  N N 225 
LEU CG     C  N N 226 
LEU CD1    C  N N 227 
LEU CD2    C  N N 228 
LEU OXT    O  N N 229 
LEU H      H  N N 230 
LEU H2     H  N N 231 
LEU HA     H  N N 232 
LEU HB2    H  N N 233 
LEU HB3    H  N N 234 
LEU HG     H  N N 235 
LEU HD11   H  N N 236 
LEU HD12   H  N N 237 
LEU HD13   H  N N 238 
LEU HD21   H  N N 239 
LEU HD22   H  N N 240 
LEU HD23   H  N N 241 
LEU HXT    H  N N 242 
LYS N      N  N N 243 
LYS CA     C  N S 244 
LYS C      C  N N 245 
LYS O      O  N N 246 
LYS CB     C  N N 247 
LYS CG     C  N N 248 
LYS CD     C  N N 249 
LYS CE     C  N N 250 
LYS NZ     N  N N 251 
LYS OXT    O  N N 252 
LYS H      H  N N 253 
LYS H2     H  N N 254 
LYS HA     H  N N 255 
LYS HB2    H  N N 256 
LYS HB3    H  N N 257 
LYS HG2    H  N N 258 
LYS HG3    H  N N 259 
LYS HD2    H  N N 260 
LYS HD3    H  N N 261 
LYS HE2    H  N N 262 
LYS HE3    H  N N 263 
LYS HZ1    H  N N 264 
LYS HZ2    H  N N 265 
LYS HZ3    H  N N 266 
LYS HXT    H  N N 267 
PHE N      N  N N 268 
PHE CA     C  N S 269 
PHE C      C  N N 270 
PHE O      O  N N 271 
PHE CB     C  N N 272 
PHE CG     C  Y N 273 
PHE CD1    C  Y N 274 
PHE CD2    C  Y N 275 
PHE CE1    C  Y N 276 
PHE CE2    C  Y N 277 
PHE CZ     C  Y N 278 
PHE OXT    O  N N 279 
PHE H      H  N N 280 
PHE H2     H  N N 281 
PHE HA     H  N N 282 
PHE HB2    H  N N 283 
PHE HB3    H  N N 284 
PHE HD1    H  N N 285 
PHE HD2    H  N N 286 
PHE HE1    H  N N 287 
PHE HE2    H  N N 288 
PHE HZ     H  N N 289 
PHE HXT    H  N N 290 
PRO N      N  N N 291 
PRO CA     C  N S 292 
PRO C      C  N N 293 
PRO O      O  N N 294 
PRO CB     C  N N 295 
PRO CG     C  N N 296 
PRO CD     C  N N 297 
PRO OXT    O  N N 298 
PRO H      H  N N 299 
PRO HA     H  N N 300 
PRO HB2    H  N N 301 
PRO HB3    H  N N 302 
PRO HG2    H  N N 303 
PRO HG3    H  N N 304 
PRO HD2    H  N N 305 
PRO HD3    H  N N 306 
PRO HXT    H  N N 307 
SER N      N  N N 308 
SER CA     C  N S 309 
SER C      C  N N 310 
SER O      O  N N 311 
SER CB     C  N N 312 
SER OG     O  N N 313 
SER OXT    O  N N 314 
SER H      H  N N 315 
SER H2     H  N N 316 
SER HA     H  N N 317 
SER HB2    H  N N 318 
SER HB3    H  N N 319 
SER HG     H  N N 320 
SER HXT    H  N N 321 
THR N      N  N N 322 
THR CA     C  N S 323 
THR C      C  N N 324 
THR O      O  N N 325 
THR CB     C  N R 326 
THR OG1    O  N N 327 
THR CG2    C  N N 328 
THR OXT    O  N N 329 
THR H      H  N N 330 
THR H2     H  N N 331 
THR HA     H  N N 332 
THR HB     H  N N 333 
THR HG1    H  N N 334 
THR HG21   H  N N 335 
THR HG22   H  N N 336 
THR HG23   H  N N 337 
THR HXT    H  N N 338 
TRP N      N  N N 339 
TRP CA     C  N S 340 
TRP C      C  N N 341 
TRP O      O  N N 342 
TRP CB     C  N N 343 
TRP CG     C  Y N 344 
TRP CD1    C  Y N 345 
TRP CD2    C  Y N 346 
TRP NE1    N  Y N 347 
TRP CE2    C  Y N 348 
TRP CE3    C  Y N 349 
TRP CZ2    C  Y N 350 
TRP CZ3    C  Y N 351 
TRP CH2    C  Y N 352 
TRP OXT    O  N N 353 
TRP H      H  N N 354 
TRP H2     H  N N 355 
TRP HA     H  N N 356 
TRP HB2    H  N N 357 
TRP HB3    H  N N 358 
TRP HD1    H  N N 359 
TRP HE1    H  N N 360 
TRP HE3    H  N N 361 
TRP HZ2    H  N N 362 
TRP HZ3    H  N N 363 
TRP HH2    H  N N 364 
TRP HXT    H  N N 365 
TYR N      N  N N 366 
TYR CA     C  N S 367 
TYR C      C  N N 368 
TYR O      O  N N 369 
TYR CB     C  N N 370 
TYR CG     C  Y N 371 
TYR CD1    C  Y N 372 
TYR CD2    C  Y N 373 
TYR CE1    C  Y N 374 
TYR CE2    C  Y N 375 
TYR CZ     C  Y N 376 
TYR OH     O  N N 377 
TYR OXT    O  N N 378 
TYR H      H  N N 379 
TYR H2     H  N N 380 
TYR HA     H  N N 381 
TYR HB2    H  N N 382 
TYR HB3    H  N N 383 
TYR HD1    H  N N 384 
TYR HD2    H  N N 385 
TYR HE1    H  N N 386 
TYR HE2    H  N N 387 
TYR HH     H  N N 388 
TYR HXT    H  N N 389 
VAL N      N  N N 390 
VAL CA     C  N S 391 
VAL C      C  N N 392 
VAL O      O  N N 393 
VAL CB     C  N N 394 
VAL CG1    C  N N 395 
VAL CG2    C  N N 396 
VAL OXT    O  N N 397 
VAL H      H  N N 398 
VAL H2     H  N N 399 
VAL HA     H  N N 400 
VAL HB     H  N N 401 
VAL HG11   H  N N 402 
VAL HG12   H  N N 403 
VAL HG13   H  N N 404 
VAL HG21   H  N N 405 
VAL HG22   H  N N 406 
VAL HG23   H  N N 407 
VAL HXT    H  N N 408 
# 
loop_
_chem_comp_bond.comp_id 
_chem_comp_bond.atom_id_1 
_chem_comp_bond.atom_id_2 
_chem_comp_bond.value_order 
_chem_comp_bond.pdbx_aromatic_flag 
_chem_comp_bond.pdbx_stereo_config 
_chem_comp_bond.pdbx_ordinal 
2AM P     O1P    doub N N 1   
2AM P     O2P    sing N N 2   
2AM P     O3P    sing N N 3   
2AM P     "O2'"  sing N N 4   
2AM O2P   HOP2   sing N N 5   
2AM O3P   HOP3   sing N N 6   
2AM "C5'" "O5'"  sing N N 7   
2AM "C5'" "C4'"  sing N N 8   
2AM "C5'" "H5'1" sing N N 9   
2AM "C5'" "H5'2" sing N N 10  
2AM "O5'" "HO5'" sing N N 11  
2AM "C4'" "O4'"  sing N N 12  
2AM "C4'" "C3'"  sing N N 13  
2AM "C4'" "H4'"  sing N N 14  
2AM "O4'" "C1'"  sing N N 15  
2AM "C3'" "O3'"  sing N N 16  
2AM "C3'" "C2'"  sing N N 17  
2AM "C3'" "H3'"  sing N N 18  
2AM "O3'" "HO3'" sing N N 19  
2AM "C2'" "O2'"  sing N N 20  
2AM "C2'" "C1'"  sing N N 21  
2AM "C2'" "H2'"  sing N N 22  
2AM "C1'" N9     sing N N 23  
2AM "C1'" "H1'"  sing N N 24  
2AM N9    C8     sing Y N 25  
2AM N9    C4     sing Y N 26  
2AM C8    N7     doub Y N 27  
2AM C8    H8     sing N N 28  
2AM N7    C5     sing Y N 29  
2AM C5    C6     sing Y N 30  
2AM C5    C4     doub Y N 31  
2AM C6    N6     sing N N 32  
2AM C6    N1     doub Y N 33  
2AM N6    HN61   sing N N 34  
2AM N6    HN62   sing N N 35  
2AM N1    C2     sing Y N 36  
2AM C2    N3     doub Y N 37  
2AM C2    H2     sing N N 38  
2AM N3    C4     sing Y N 39  
ALA N     CA     sing N N 40  
ALA N     H      sing N N 41  
ALA N     H2     sing N N 42  
ALA CA    C      sing N N 43  
ALA CA    CB     sing N N 44  
ALA CA    HA     sing N N 45  
ALA C     O      doub N N 46  
ALA C     OXT    sing N N 47  
ALA CB    HB1    sing N N 48  
ALA CB    HB2    sing N N 49  
ALA CB    HB3    sing N N 50  
ALA OXT   HXT    sing N N 51  
ARG N     CA     sing N N 52  
ARG N     H      sing N N 53  
ARG N     H2     sing N N 54  
ARG CA    C      sing N N 55  
ARG CA    CB     sing N N 56  
ARG CA    HA     sing N N 57  
ARG C     O      doub N N 58  
ARG C     OXT    sing N N 59  
ARG CB    CG     sing N N 60  
ARG CB    HB2    sing N N 61  
ARG CB    HB3    sing N N 62  
ARG CG    CD     sing N N 63  
ARG CG    HG2    sing N N 64  
ARG CG    HG3    sing N N 65  
ARG CD    NE     sing N N 66  
ARG CD    HD2    sing N N 67  
ARG CD    HD3    sing N N 68  
ARG NE    CZ     sing N N 69  
ARG NE    HE     sing N N 70  
ARG CZ    NH1    sing N N 71  
ARG CZ    NH2    doub N N 72  
ARG NH1   HH11   sing N N 73  
ARG NH1   HH12   sing N N 74  
ARG NH2   HH21   sing N N 75  
ARG NH2   HH22   sing N N 76  
ARG OXT   HXT    sing N N 77  
ASN N     CA     sing N N 78  
ASN N     H      sing N N 79  
ASN N     H2     sing N N 80  
ASN CA    C      sing N N 81  
ASN CA    CB     sing N N 82  
ASN CA    HA     sing N N 83  
ASN C     O      doub N N 84  
ASN C     OXT    sing N N 85  
ASN CB    CG     sing N N 86  
ASN CB    HB2    sing N N 87  
ASN CB    HB3    sing N N 88  
ASN CG    OD1    doub N N 89  
ASN CG    ND2    sing N N 90  
ASN ND2   HD21   sing N N 91  
ASN ND2   HD22   sing N N 92  
ASN OXT   HXT    sing N N 93  
ASP N     CA     sing N N 94  
ASP N     H      sing N N 95  
ASP N     H2     sing N N 96  
ASP CA    C      sing N N 97  
ASP CA    CB     sing N N 98  
ASP CA    HA     sing N N 99  
ASP C     O      doub N N 100 
ASP C     OXT    sing N N 101 
ASP CB    CG     sing N N 102 
ASP CB    HB2    sing N N 103 
ASP CB    HB3    sing N N 104 
ASP CG    OD1    doub N N 105 
ASP CG    OD2    sing N N 106 
ASP OD2   HD2    sing N N 107 
ASP OXT   HXT    sing N N 108 
CYS N     CA     sing N N 109 
CYS N     H      sing N N 110 
CYS N     H2     sing N N 111 
CYS CA    C      sing N N 112 
CYS CA    CB     sing N N 113 
CYS CA    HA     sing N N 114 
CYS C     O      doub N N 115 
CYS C     OXT    sing N N 116 
CYS CB    SG     sing N N 117 
CYS CB    HB2    sing N N 118 
CYS CB    HB3    sing N N 119 
CYS SG    HG     sing N N 120 
CYS OXT   HXT    sing N N 121 
GLN N     CA     sing N N 122 
GLN N     H      sing N N 123 
GLN N     H2     sing N N 124 
GLN CA    C      sing N N 125 
GLN CA    CB     sing N N 126 
GLN CA    HA     sing N N 127 
GLN C     O      doub N N 128 
GLN C     OXT    sing N N 129 
GLN CB    CG     sing N N 130 
GLN CB    HB2    sing N N 131 
GLN CB    HB3    sing N N 132 
GLN CG    CD     sing N N 133 
GLN CG    HG2    sing N N 134 
GLN CG    HG3    sing N N 135 
GLN CD    OE1    doub N N 136 
GLN CD    NE2    sing N N 137 
GLN NE2   HE21   sing N N 138 
GLN NE2   HE22   sing N N 139 
GLN OXT   HXT    sing N N 140 
GLU N     CA     sing N N 141 
GLU N     H      sing N N 142 
GLU N     H2     sing N N 143 
GLU CA    C      sing N N 144 
GLU CA    CB     sing N N 145 
GLU CA    HA     sing N N 146 
GLU C     O      doub N N 147 
GLU C     OXT    sing N N 148 
GLU CB    CG     sing N N 149 
GLU CB    HB2    sing N N 150 
GLU CB    HB3    sing N N 151 
GLU CG    CD     sing N N 152 
GLU CG    HG2    sing N N 153 
GLU CG    HG3    sing N N 154 
GLU CD    OE1    doub N N 155 
GLU CD    OE2    sing N N 156 
GLU OE2   HE2    sing N N 157 
GLU OXT   HXT    sing N N 158 
GLY N     CA     sing N N 159 
GLY N     H      sing N N 160 
GLY N     H2     sing N N 161 
GLY CA    C      sing N N 162 
GLY CA    HA2    sing N N 163 
GLY CA    HA3    sing N N 164 
GLY C     O      doub N N 165 
GLY C     OXT    sing N N 166 
GLY OXT   HXT    sing N N 167 
HIS N     CA     sing N N 168 
HIS N     H      sing N N 169 
HIS N     H2     sing N N 170 
HIS CA    C      sing N N 171 
HIS CA    CB     sing N N 172 
HIS CA    HA     sing N N 173 
HIS C     O      doub N N 174 
HIS C     OXT    sing N N 175 
HIS CB    CG     sing N N 176 
HIS CB    HB2    sing N N 177 
HIS CB    HB3    sing N N 178 
HIS CG    ND1    sing Y N 179 
HIS CG    CD2    doub Y N 180 
HIS ND1   CE1    doub Y N 181 
HIS ND1   HD1    sing N N 182 
HIS CD2   NE2    sing Y N 183 
HIS CD2   HD2    sing N N 184 
HIS CE1   NE2    sing Y N 185 
HIS CE1   HE1    sing N N 186 
HIS NE2   HE2    sing N N 187 
HIS OXT   HXT    sing N N 188 
HOH O     H1     sing N N 189 
HOH O     H2     sing N N 190 
ILE N     CA     sing N N 191 
ILE N     H      sing N N 192 
ILE N     H2     sing N N 193 
ILE CA    C      sing N N 194 
ILE CA    CB     sing N N 195 
ILE CA    HA     sing N N 196 
ILE C     O      doub N N 197 
ILE C     OXT    sing N N 198 
ILE CB    CG1    sing N N 199 
ILE CB    CG2    sing N N 200 
ILE CB    HB     sing N N 201 
ILE CG1   CD1    sing N N 202 
ILE CG1   HG12   sing N N 203 
ILE CG1   HG13   sing N N 204 
ILE CG2   HG21   sing N N 205 
ILE CG2   HG22   sing N N 206 
ILE CG2   HG23   sing N N 207 
ILE CD1   HD11   sing N N 208 
ILE CD1   HD12   sing N N 209 
ILE CD1   HD13   sing N N 210 
ILE OXT   HXT    sing N N 211 
LEU N     CA     sing N N 212 
LEU N     H      sing N N 213 
LEU N     H2     sing N N 214 
LEU CA    C      sing N N 215 
LEU CA    CB     sing N N 216 
LEU CA    HA     sing N N 217 
LEU C     O      doub N N 218 
LEU C     OXT    sing N N 219 
LEU CB    CG     sing N N 220 
LEU CB    HB2    sing N N 221 
LEU CB    HB3    sing N N 222 
LEU CG    CD1    sing N N 223 
LEU CG    CD2    sing N N 224 
LEU CG    HG     sing N N 225 
LEU CD1   HD11   sing N N 226 
LEU CD1   HD12   sing N N 227 
LEU CD1   HD13   sing N N 228 
LEU CD2   HD21   sing N N 229 
LEU CD2   HD22   sing N N 230 
LEU CD2   HD23   sing N N 231 
LEU OXT   HXT    sing N N 232 
LYS N     CA     sing N N 233 
LYS N     H      sing N N 234 
LYS N     H2     sing N N 235 
LYS CA    C      sing N N 236 
LYS CA    CB     sing N N 237 
LYS CA    HA     sing N N 238 
LYS C     O      doub N N 239 
LYS C     OXT    sing N N 240 
LYS CB    CG     sing N N 241 
LYS CB    HB2    sing N N 242 
LYS CB    HB3    sing N N 243 
LYS CG    CD     sing N N 244 
LYS CG    HG2    sing N N 245 
LYS CG    HG3    sing N N 246 
LYS CD    CE     sing N N 247 
LYS CD    HD2    sing N N 248 
LYS CD    HD3    sing N N 249 
LYS CE    NZ     sing N N 250 
LYS CE    HE2    sing N N 251 
LYS CE    HE3    sing N N 252 
LYS NZ    HZ1    sing N N 253 
LYS NZ    HZ2    sing N N 254 
LYS NZ    HZ3    sing N N 255 
LYS OXT   HXT    sing N N 256 
PHE N     CA     sing N N 257 
PHE N     H      sing N N 258 
PHE N     H2     sing N N 259 
PHE CA    C      sing N N 260 
PHE CA    CB     sing N N 261 
PHE CA    HA     sing N N 262 
PHE C     O      doub N N 263 
PHE C     OXT    sing N N 264 
PHE CB    CG     sing N N 265 
PHE CB    HB2    sing N N 266 
PHE CB    HB3    sing N N 267 
PHE CG    CD1    doub Y N 268 
PHE CG    CD2    sing Y N 269 
PHE CD1   CE1    sing Y N 270 
PHE CD1   HD1    sing N N 271 
PHE CD2   CE2    doub Y N 272 
PHE CD2   HD2    sing N N 273 
PHE CE1   CZ     doub Y N 274 
PHE CE1   HE1    sing N N 275 
PHE CE2   CZ     sing Y N 276 
PHE CE2   HE2    sing N N 277 
PHE CZ    HZ     sing N N 278 
PHE OXT   HXT    sing N N 279 
PRO N     CA     sing N N 280 
PRO N     CD     sing N N 281 
PRO N     H      sing N N 282 
PRO CA    C      sing N N 283 
PRO CA    CB     sing N N 284 
PRO CA    HA     sing N N 285 
PRO C     O      doub N N 286 
PRO C     OXT    sing N N 287 
PRO CB    CG     sing N N 288 
PRO CB    HB2    sing N N 289 
PRO CB    HB3    sing N N 290 
PRO CG    CD     sing N N 291 
PRO CG    HG2    sing N N 292 
PRO CG    HG3    sing N N 293 
PRO CD    HD2    sing N N 294 
PRO CD    HD3    sing N N 295 
PRO OXT   HXT    sing N N 296 
SER N     CA     sing N N 297 
SER N     H      sing N N 298 
SER N     H2     sing N N 299 
SER CA    C      sing N N 300 
SER CA    CB     sing N N 301 
SER CA    HA     sing N N 302 
SER C     O      doub N N 303 
SER C     OXT    sing N N 304 
SER CB    OG     sing N N 305 
SER CB    HB2    sing N N 306 
SER CB    HB3    sing N N 307 
SER OG    HG     sing N N 308 
SER OXT   HXT    sing N N 309 
THR N     CA     sing N N 310 
THR N     H      sing N N 311 
THR N     H2     sing N N 312 
THR CA    C      sing N N 313 
THR CA    CB     sing N N 314 
THR CA    HA     sing N N 315 
THR C     O      doub N N 316 
THR C     OXT    sing N N 317 
THR CB    OG1    sing N N 318 
THR CB    CG2    sing N N 319 
THR CB    HB     sing N N 320 
THR OG1   HG1    sing N N 321 
THR CG2   HG21   sing N N 322 
THR CG2   HG22   sing N N 323 
THR CG2   HG23   sing N N 324 
THR OXT   HXT    sing N N 325 
TRP N     CA     sing N N 326 
TRP N     H      sing N N 327 
TRP N     H2     sing N N 328 
TRP CA    C      sing N N 329 
TRP CA    CB     sing N N 330 
TRP CA    HA     sing N N 331 
TRP C     O      doub N N 332 
TRP C     OXT    sing N N 333 
TRP CB    CG     sing N N 334 
TRP CB    HB2    sing N N 335 
TRP CB    HB3    sing N N 336 
TRP CG    CD1    doub Y N 337 
TRP CG    CD2    sing Y N 338 
TRP CD1   NE1    sing Y N 339 
TRP CD1   HD1    sing N N 340 
TRP CD2   CE2    doub Y N 341 
TRP CD2   CE3    sing Y N 342 
TRP NE1   CE2    sing Y N 343 
TRP NE1   HE1    sing N N 344 
TRP CE2   CZ2    sing Y N 345 
TRP CE3   CZ3    doub Y N 346 
TRP CE3   HE3    sing N N 347 
TRP CZ2   CH2    doub Y N 348 
TRP CZ2   HZ2    sing N N 349 
TRP CZ3   CH2    sing Y N 350 
TRP CZ3   HZ3    sing N N 351 
TRP CH2   HH2    sing N N 352 
TRP OXT   HXT    sing N N 353 
TYR N     CA     sing N N 354 
TYR N     H      sing N N 355 
TYR N     H2     sing N N 356 
TYR CA    C      sing N N 357 
TYR CA    CB     sing N N 358 
TYR CA    HA     sing N N 359 
TYR C     O      doub N N 360 
TYR C     OXT    sing N N 361 
TYR CB    CG     sing N N 362 
TYR CB    HB2    sing N N 363 
TYR CB    HB3    sing N N 364 
TYR CG    CD1    doub Y N 365 
TYR CG    CD2    sing Y N 366 
TYR CD1   CE1    sing Y N 367 
TYR CD1   HD1    sing N N 368 
TYR CD2   CE2    doub Y N 369 
TYR CD2   HD2    sing N N 370 
TYR CE1   CZ     doub Y N 371 
TYR CE1   HE1    sing N N 372 
TYR CE2   CZ     sing Y N 373 
TYR CE2   HE2    sing N N 374 
TYR CZ    OH     sing N N 375 
TYR OH    HH     sing N N 376 
TYR OXT   HXT    sing N N 377 
VAL N     CA     sing N N 378 
VAL N     H      sing N N 379 
VAL N     H2     sing N N 380 
VAL CA    C      sing N N 381 
VAL CA    CB     sing N N 382 
VAL CA    HA     sing N N 383 
VAL C     O      doub N N 384 
VAL C     OXT    sing N N 385 
VAL CB    CG1    sing N N 386 
VAL CB    CG2    sing N N 387 
VAL CB    HB     sing N N 388 
VAL CG1   HG11   sing N N 389 
VAL CG1   HG12   sing N N 390 
VAL CG1   HG13   sing N N 391 
VAL CG2   HG21   sing N N 392 
VAL CG2   HG22   sing N N 393 
VAL CG2   HG23   sing N N 394 
VAL OXT   HXT    sing N N 395 
# 
_atom_sites.entry_id                    1RGK 
_atom_sites.fract_transf_matrix[1][1]   0.01699404 
_atom_sites.fract_transf_matrix[1][2]   0.00798961 
_atom_sites.fract_transf_matrix[1][3]   -0.00788566 
_atom_sites.fract_transf_matrix[2][1]   0.01177547 
_atom_sites.fract_transf_matrix[2][2]   -0.01162314 
_atom_sites.fract_transf_matrix[2][3]   0.01360043 
_atom_sites.fract_transf_matrix[3][1]   0.00094831 
_atom_sites.fract_transf_matrix[3][2]   -0.01806633 
_atom_sites.fract_transf_matrix[3][3]   -0.01626082 
_atom_sites.fract_transf_vector[1]      0.306711 
_atom_sites.fract_transf_vector[2]      0.257482 
_atom_sites.fract_transf_vector[3]      0.216026 
# 
_atom_sites_footnote.id     1 
_atom_sites_footnote.text   'RESIDUES PRO 39 AND PRO 55 ARE CIS PROLINES.' 
# 
loop_
_atom_type.symbol 
C  
CA 
N  
O  
P  
S  
# 
loop_
_atom_site.group_PDB 
_atom_site.id 
_atom_site.type_symbol 
_atom_site.label_atom_id 
_atom_site.label_alt_id 
_atom_site.label_comp_id 
_atom_site.label_asym_id 
_atom_site.label_entity_id 
_atom_site.label_seq_id 
_atom_site.pdbx_PDB_ins_code 
_atom_site.Cartn_x 
_atom_site.Cartn_y 
_atom_site.Cartn_z 
_atom_site.occupancy 
_atom_site.B_iso_or_equiv 
_atom_site.pdbx_formal_charge 
_atom_site.auth_seq_id 
_atom_site.auth_comp_id 
_atom_site.auth_asym_id 
_atom_site.auth_atom_id 
_atom_site.pdbx_PDB_model_num 
ATOM   1   N  N     . ALA A 1 1   ? -16.226 0.947   -13.033 1.00 16.91 ? 1   ALA A N     1 
ATOM   2   C  CA    . ALA A 1 1   ? -16.310 1.099   -11.598 1.00 16.40 ? 1   ALA A CA    1 
ATOM   3   C  C     . ALA A 1 1   ? -15.004 0.699   -10.909 1.00 20.63 ? 1   ALA A C     1 
ATOM   4   O  O     . ALA A 1 1   ? -14.268 -0.158  -11.393 1.00 21.32 ? 1   ALA A O     1 
ATOM   5   C  CB    . ALA A 1 1   ? -17.499 0.327   -11.050 1.00 20.64 ? 1   ALA A CB    1 
ATOM   6   N  N     . CYS A 1 2   ? -14.720 1.340   -9.772  1.00 19.82 ? 2   CYS A N     1 
ATOM   7   C  CA    . CYS A 1 2   ? -13.499 1.082   -9.016  1.00 14.98 ? 2   CYS A CA    1 
ATOM   8   C  C     . CYS A 1 2   ? -13.699 0.109   -7.878  1.00 16.85 ? 2   CYS A C     1 
ATOM   9   O  O     . CYS A 1 2   ? -14.658 0.231   -7.131  1.00 21.88 ? 2   CYS A O     1 
ATOM   10  C  CB    . CYS A 1 2   ? -12.943 2.372   -8.378  1.00 14.98 ? 2   CYS A CB    1 
ATOM   11  S  SG    . CYS A 1 2   ? -12.892 3.820   -9.454  1.00 16.51 ? 2   CYS A SG    1 
ATOM   12  N  N     . ASP A 1 3   ? -12.767 -0.842  -7.736  1.00 12.38 ? 3   ASP A N     1 
ATOM   13  C  CA    . ASP A 1 3   ? -12.851 -1.781  -6.650  1.00 16.50 ? 3   ASP A CA    1 
ATOM   14  C  C     . ASP A 1 3   ? -12.392 -1.067  -5.384  1.00 17.80 ? 3   ASP A C     1 
ATOM   15  O  O     . ASP A 1 3   ? -12.805 -1.387  -4.272  1.00 18.00 ? 3   ASP A O     1 
ATOM   16  C  CB    . ASP A 1 3   ? -11.983 -3.013  -6.932  1.00 15.53 ? 3   ASP A CB    1 
ATOM   17  C  CG    . ASP A 1 3   ? -12.576 -3.843  -8.041  1.00 22.20 ? 3   ASP A CG    1 
ATOM   18  O  OD1   . ASP A 1 3   ? -13.742 -4.196  -8.061  1.00 29.18 ? 3   ASP A OD1   1 
ATOM   19  O  OD2   . ASP A 1 3   ? -11.722 -4.116  -8.988  1.00 19.62 ? 3   ASP A OD2   1 
ATOM   20  N  N     . TYR A 1 4   ? -11.507 -0.087  -5.583  1.00 14.24 ? 4   TYR A N     1 
ATOM   21  C  CA    . TYR A 1 4   ? -10.967 0.739   -4.516  1.00 12.62 ? 4   TYR A CA    1 
ATOM   22  C  C     . TYR A 1 4   ? -10.833 2.149   -5.029  1.00 14.76 ? 4   TYR A C     1 
ATOM   23  O  O     . TYR A 1 4   ? -10.343 2.385   -6.130  1.00 12.81 ? 4   TYR A O     1 
ATOM   24  C  CB    . TYR A 1 4   ? -9.571  0.300   -4.020  1.00 17.15 ? 4   TYR A CB    1 
ATOM   25  C  CG    . TYR A 1 4   ? -9.525  -1.114  -3.493  1.00 18.46 ? 4   TYR A CG    1 
ATOM   26  C  CD1   . TYR A 1 4   ? -9.767  -1.369  -2.144  1.00 25.33 ? 4   TYR A CD1   1 
ATOM   27  C  CD2   . TYR A 1 4   ? -9.237  -2.183  -4.342  1.00 20.07 ? 4   TYR A CD2   1 
ATOM   28  C  CE1   . TYR A 1 4   ? -9.730  -2.669  -1.639  1.00 20.80 ? 4   TYR A CE1   1 
ATOM   29  C  CE2   . TYR A 1 4   ? -9.195  -3.488  -3.855  1.00 16.88 ? 4   TYR A CE2   1 
ATOM   30  C  CZ    . TYR A 1 4   ? -9.440  -3.723  -2.501  1.00 23.89 ? 4   TYR A CZ    1 
ATOM   31  O  OH    . TYR A 1 4   ? -9.387  -5.007  -2.020  1.00 38.39 ? 4   TYR A OH    1 
ATOM   32  N  N     . THR A 1 5   ? -11.273 3.087   -4.230  1.00 13.67 ? 5   THR A N     1 
ATOM   33  C  CA    . THR A 1 5   ? -11.194 4.493   -4.592  1.00 14.00 ? 5   THR A CA    1 
ATOM   34  C  C     . THR A 1 5   ? -10.413 5.217   -3.502  1.00 13.83 ? 5   THR A C     1 
ATOM   35  O  O     . THR A 1 5   ? -10.845 5.204   -2.344  1.00 15.35 ? 5   THR A O     1 
ATOM   36  C  CB    . THR A 1 5   ? -12.616 5.125   -4.742  1.00 26.29 ? 5   THR A CB    1 
ATOM   37  O  OG1   . THR A 1 5   ? -13.424 4.361   -5.621  1.00 19.36 ? 5   THR A OG1   1 
ATOM   38  C  CG2   . THR A 1 5   ? -12.504 6.538   -5.288  1.00 17.35 ? 5   THR A CG2   1 
ATOM   39  N  N     . CYS A 1 6   ? -9.256  5.800   -3.874  1.00 13.76 ? 6   CYS A N     1 
ATOM   40  C  CA    . CYS A 1 6   ? -8.381  6.530   -2.963  1.00 12.54 ? 6   CYS A CA    1 
ATOM   41  C  C     . CYS A 1 6   ? -8.398  7.983   -3.369  1.00 13.52 ? 6   CYS A C     1 
ATOM   42  O  O     . CYS A 1 6   ? -7.709  8.362   -4.307  1.00 15.18 ? 6   CYS A O     1 
ATOM   43  C  CB    . CYS A 1 6   ? -6.936  5.989   -3.070  1.00 13.08 ? 6   CYS A CB    1 
ATOM   44  S  SG    . CYS A 1 6   ? -6.788  4.241   -2.638  1.00 16.14 ? 6   CYS A SG    1 
ATOM   45  N  N     . GLY A 1 7   ? -9.202  8.798   -2.699  1.00 17.66 ? 7   GLY A N     1 
ATOM   46  C  CA    . GLY A 1 7   ? -9.282  10.206  -3.080  1.00 12.51 ? 7   GLY A CA    1 
ATOM   47  C  C     . GLY A 1 7   ? -9.866  10.223  -4.483  1.00 15.12 ? 7   GLY A C     1 
ATOM   48  O  O     . GLY A 1 7   ? -10.994 9.783   -4.683  1.00 20.31 ? 7   GLY A O     1 
ATOM   49  N  N     . SER A 1 8   ? -9.102  10.672  -5.475  1.00 20.43 ? 8   SER A N     1 
ATOM   50  C  CA    . SER A 1 8   ? -9.644  10.642  -6.820  1.00 35.57 ? 8   SER A CA    1 
ATOM   51  C  C     . SER A 1 8   ? -9.106  9.459   -7.629  1.00 41.88 ? 8   SER A C     1 
ATOM   52  O  O     . SER A 1 8   ? -9.491  9.248   -8.763  1.00 28.48 ? 8   SER A O     1 
ATOM   53  C  CB    . SER A 1 8   ? -9.486  11.946  -7.598  1.00 17.37 ? 8   SER A CB    1 
ATOM   54  O  OG    . SER A 1 8   ? -8.751  12.913  -6.881  1.00 34.91 ? 8   SER A OG    1 
ATOM   55  N  N     . ASN A 1 9   ? -8.208  8.670   -7.057  1.00 13.93 ? 9   ASN A N     1 
ATOM   56  C  CA    . ASN A 1 9   ? -7.628  7.531   -7.781  1.00 8.12  ? 9   ASN A CA    1 
ATOM   57  C  C     . ASN A 1 9   ? -8.498  6.275   -7.777  1.00 11.74 ? 9   ASN A C     1 
ATOM   58  O  O     . ASN A 1 9   ? -9.067  5.885   -6.764  1.00 17.18 ? 9   ASN A O     1 
ATOM   59  C  CB    . ASN A 1 9   ? -6.221  7.217   -7.260  1.00 13.32 ? 9   ASN A CB    1 
ATOM   60  C  CG    . ASN A 1 9   ? -5.343  8.418   -7.435  1.00 18.98 ? 9   ASN A CG    1 
ATOM   61  O  OD1   . ASN A 1 9   ? -5.591  9.232   -8.335  1.00 19.61 ? 9   ASN A OD1   1 
ATOM   62  N  ND2   . ASN A 1 9   ? -4.335  8.554   -6.578  1.00 13.96 ? 9   ASN A ND2   1 
ATOM   63  N  N     . CYS A 1 10  ? -8.569  5.642   -8.933  1.00 12.55 ? 10  CYS A N     1 
ATOM   64  C  CA    . CYS A 1 10  ? -9.362  4.449   -9.148  1.00 11.70 ? 10  CYS A CA    1 
ATOM   65  C  C     . CYS A 1 10  ? -8.482  3.229   -9.384  1.00 14.28 ? 10  CYS A C     1 
ATOM   66  O  O     . CYS A 1 10  ? -7.622  3.245   -10.258 1.00 15.64 ? 10  CYS A O     1 
ATOM   67  C  CB    . CYS A 1 10  ? -10.236 4.719   -10.404 1.00 16.52 ? 10  CYS A CB    1 
ATOM   68  S  SG    . CYS A 1 10  ? -11.435 3.424   -10.772 1.00 17.20 ? 10  CYS A SG    1 
ATOM   69  N  N     . TYR A 1 11  ? -8.712  2.165   -8.602  1.00 13.61 ? 11  TYR A N     1 
ATOM   70  C  CA    . TYR A 1 11  ? -7.945  0.944   -8.736  1.00 15.87 ? 11  TYR A CA    1 
ATOM   71  C  C     . TYR A 1 11  ? -8.834  -0.264  -8.859  1.00 15.53 ? 11  TYR A C     1 
ATOM   72  O  O     . TYR A 1 11  ? -9.840  -0.373  -8.152  1.00 14.57 ? 11  TYR A O     1 
ATOM   73  C  CB    . TYR A 1 11  ? -7.074  0.702   -7.478  1.00 7.12  ? 11  TYR A CB    1 
ATOM   74  C  CG    . TYR A 1 11  ? -6.091  1.810   -7.282  1.00 13.22 ? 11  TYR A CG    1 
ATOM   75  C  CD1   . TYR A 1 11  ? -5.075  2.005   -8.215  1.00 10.42 ? 11  TYR A CD1   1 
ATOM   76  C  CD2   . TYR A 1 11  ? -6.187  2.668   -6.185  1.00 14.70 ? 11  TYR A CD2   1 
ATOM   77  C  CE1   . TYR A 1 11  ? -4.143  3.035   -8.066  1.00 10.51 ? 11  TYR A CE1   1 
ATOM   78  C  CE2   . TYR A 1 11  ? -5.275  3.710   -6.024  1.00 10.13 ? 11  TYR A CE2   1 
ATOM   79  C  CZ    . TYR A 1 11  ? -4.261  3.889   -6.971  1.00 10.55 ? 11  TYR A CZ    1 
ATOM   80  O  OH    . TYR A 1 11  ? -3.356  4.904   -6.826  1.00 14.42 ? 11  TYR A OH    1 
ATOM   81  N  N     . SER A 1 12  ? -8.434  -1.186  -9.727  1.00 12.22 ? 12  SER A N     1 
ATOM   82  C  CA    . SER A 1 12  ? -9.169  -2.430  -9.879  1.00 16.14 ? 12  SER A CA    1 
ATOM   83  C  C     . SER A 1 12  ? -8.445  -3.463  -9.018  1.00 22.75 ? 12  SER A C     1 
ATOM   84  O  O     . SER A 1 12  ? -7.326  -3.219  -8.588  1.00 11.30 ? 12  SER A O     1 
ATOM   85  C  CB    . SER A 1 12  ? -9.150  -2.898  -11.324 1.00 14.09 ? 12  SER A CB    1 
ATOM   86  O  OG    . SER A 1 12  ? -7.811  -3.168  -11.703 1.00 13.76 ? 12  SER A OG    1 
ATOM   87  N  N     . SER A 1 13  ? -9.062  -4.618  -8.757  1.00 14.10 ? 13  SER A N     1 
ATOM   88  C  CA    . SER A 1 13  ? -8.426  -5.669  -7.978  1.00 13.13 ? 13  SER A CA    1 
ATOM   89  C  C     . SER A 1 13  ? -7.083  -6.080  -8.598  1.00 20.92 ? 13  SER A C     1 
ATOM   90  O  O     . SER A 1 13  ? -6.106  -6.364  -7.888  1.00 16.34 ? 13  SER A O     1 
ATOM   91  C  CB    . SER A 1 13  ? -9.338  -6.895  -7.809  1.00 15.12 ? 13  SER A CB    1 
ATOM   92  O  OG    . SER A 1 13  ? -10.460 -6.525  -7.039  1.00 40.82 ? 13  SER A OG    1 
ATOM   93  N  N     . SER A 1 14  ? -7.029  -6.117  -9.943  1.00 15.32 ? 14  SER A N     1 
ATOM   94  C  CA    . SER A 1 14  ? -5.803  -6.477  -10.661 1.00 11.94 ? 14  SER A CA    1 
ATOM   95  C  C     . SER A 1 14  ? -4.632  -5.536  -10.339 1.00 16.23 ? 14  SER A C     1 
ATOM   96  O  O     . SER A 1 14  ? -3.484  -5.979  -10.205 1.00 15.27 ? 14  SER A O     1 
ATOM   97  C  CB    . SER A 1 14  ? -6.024  -6.587  -12.171 1.00 19.15 ? 14  SER A CB    1 
ATOM   98  O  OG    . SER A 1 14  ? -6.523  -5.359  -12.692 1.00 18.50 ? 14  SER A OG    1 
ATOM   99  N  N     . ASP A 1 15  ? -4.927  -4.225  -10.216 1.00 13.04 ? 15  ASP A N     1 
ATOM   100 C  CA    . ASP A 1 15  ? -3.907  -3.230  -9.878  1.00 11.17 ? 15  ASP A CA    1 
ATOM   101 C  C     . ASP A 1 15  ? -3.330  -3.527  -8.492  1.00 12.49 ? 15  ASP A C     1 
ATOM   102 O  O     . ASP A 1 15  ? -2.130  -3.437  -8.261  1.00 14.36 ? 15  ASP A O     1 
ATOM   103 C  CB    . ASP A 1 15  ? -4.512  -1.812  -9.810  1.00 11.62 ? 15  ASP A CB    1 
ATOM   104 C  CG    . ASP A 1 15  ? -4.819  -1.212  -11.148 1.00 12.20 ? 15  ASP A CG    1 
ATOM   105 O  OD1   . ASP A 1 15  ? -4.139  -1.384  -12.124 1.00 14.05 ? 15  ASP A OD1   1 
ATOM   106 O  OD2   . ASP A 1 15  ? -5.907  -0.498  -11.134 1.00 11.96 ? 15  ASP A OD2   1 
ATOM   107 N  N     . VAL A 1 16  ? -4.220  -3.860  -7.561  1.00 13.44 ? 16  VAL A N     1 
ATOM   108 C  CA    . VAL A 1 16  ? -3.858  -4.166  -6.177  1.00 13.81 ? 16  VAL A CA    1 
ATOM   109 C  C     . VAL A 1 16  ? -2.974  -5.427  -6.116  1.00 14.72 ? 16  VAL A C     1 
ATOM   110 O  O     . VAL A 1 16  ? -1.911  -5.458  -5.474  1.00 13.88 ? 16  VAL A O     1 
ATOM   111 C  CB    . VAL A 1 16  ? -5.108  -4.193  -5.266  1.00 14.05 ? 16  VAL A CB    1 
ATOM   112 C  CG1   . VAL A 1 16  ? -4.791  -4.682  -3.848  1.00 18.02 ? 16  VAL A CG1   1 
ATOM   113 C  CG2   . VAL A 1 16  ? -5.717  -2.801  -5.170  1.00 11.62 ? 16  VAL A CG2   1 
ATOM   114 N  N     . SER A 1 17  ? -3.408  -6.469  -6.816  1.00 13.79 ? 17  SER A N     1 
ATOM   115 C  CA    . SER A 1 17  ? -2.676  -7.731  -6.888  1.00 14.53 ? 17  SER A CA    1 
ATOM   116 C  C     . SER A 1 17  ? -1.275  -7.544  -7.451  1.00 15.33 ? 17  SER A C     1 
ATOM   117 O  O     . SER A 1 17  ? -0.287  -8.122  -6.984  1.00 16.66 ? 17  SER A O     1 
ATOM   118 C  CB    . SER A 1 17  ? -3.437  -8.744  -7.740  1.00 18.34 ? 17  SER A CB    1 
ATOM   119 O  OG    . SER A 1 17  ? -4.573  -9.149  -7.012  1.00 32.67 ? 17  SER A OG    1 
ATOM   120 N  N     . THR A 1 18  ? -1.187  -6.741  -8.488  1.00 14.39 ? 18  THR A N     1 
ATOM   121 C  CA    . THR A 1 18  ? 0.080   -6.456  -9.131  1.00 15.64 ? 18  THR A CA    1 
ATOM   122 C  C     . THR A 1 18  ? 1.015   -5.741  -8.181  1.00 17.48 ? 18  THR A C     1 
ATOM   123 O  O     . THR A 1 18  ? 2.143   -6.172  -8.026  1.00 17.10 ? 18  THR A O     1 
ATOM   124 C  CB    . THR A 1 18  ? -0.100  -5.673  -10.428 1.00 19.34 ? 18  THR A CB    1 
ATOM   125 O  OG1   . THR A 1 18  ? -0.812  -6.499  -11.329 1.00 18.37 ? 18  THR A OG1   1 
ATOM   126 C  CG2   . THR A 1 18  ? 1.255   -5.276  -11.003 1.00 18.81 ? 18  THR A CG2   1 
ATOM   127 N  N     . ALA A 1 19  ? 0.541   -4.661  -7.549  1.00 14.44 ? 19  ALA A N     1 
ATOM   128 C  CA    . ALA A 1 19  ? 1.347   -3.897  -6.572  1.00 17.04 ? 19  ALA A CA    1 
ATOM   129 C  C     . ALA A 1 19  ? 1.802   -4.775  -5.374  1.00 17.18 ? 19  ALA A C     1 
ATOM   130 O  O     . ALA A 1 19  ? 2.966   -4.779  -4.971  1.00 12.03 ? 19  ALA A O     1 
ATOM   131 C  CB    . ALA A 1 19  ? 0.586   -2.671  -6.073  1.00 12.30 ? 19  ALA A CB    1 
ATOM   132 N  N     . GLN A 1 20  ? 0.880   -5.541  -4.798  1.00 12.92 ? 20  GLN A N     1 
ATOM   133 C  CA    . GLN A 1 20  ? 1.211   -6.416  -3.671  1.00 15.15 ? 20  GLN A CA    1 
ATOM   134 C  C     . GLN A 1 20  ? 2.264   -7.459  -4.013  1.00 15.88 ? 20  GLN A C     1 
ATOM   135 O  O     . GLN A 1 20  ? 3.152   -7.743  -3.220  1.00 15.37 ? 20  GLN A O     1 
ATOM   136 C  CB    . GLN A 1 20  ? -0.031  -7.118  -3.124  1.00 13.58 ? 20  GLN A CB    1 
ATOM   137 C  CG    . GLN A 1 20  ? 0.256   -8.023  -1.911  1.00 12.14 ? 20  GLN A CG    1 
ATOM   138 C  CD    . GLN A 1 20  ? -0.997  -8.778  -1.537  1.00 21.94 ? 20  GLN A CD    1 
ATOM   139 O  OE1   . GLN A 1 20  ? -2.086  -8.419  -1.996  1.00 23.78 ? 20  GLN A OE1   1 
ATOM   140 N  NE2   . GLN A 1 20  ? -0.858  -9.832  -0.735  1.00 23.90 ? 20  GLN A NE2   1 
ATOM   141 N  N     . ALA A 1 21  ? 2.166   -8.040  -5.203  1.00 15.47 ? 21  ALA A N     1 
ATOM   142 C  CA    . ALA A 1 21  ? 3.123   -9.046  -5.625  1.00 15.06 ? 21  ALA A CA    1 
ATOM   143 C  C     . ALA A 1 21  ? 4.523   -8.470  -5.676  1.00 13.91 ? 21  ALA A C     1 
ATOM   144 O  O     . ALA A 1 21  ? 5.498   -9.088  -5.262  1.00 14.49 ? 21  ALA A O     1 
ATOM   145 C  CB    . ALA A 1 21  ? 2.739   -9.597  -6.987  1.00 15.09 ? 21  ALA A CB    1 
ATOM   146 N  N     . ALA A 1 22  ? 4.614   -7.266  -6.198  1.00 12.41 ? 22  ALA A N     1 
ATOM   147 C  CA    . ALA A 1 22  ? 5.883   -6.592  -6.329  1.00 14.50 ? 22  ALA A CA    1 
ATOM   148 C  C     . ALA A 1 22  ? 6.509   -6.259  -4.978  1.00 17.51 ? 22  ALA A C     1 
ATOM   149 O  O     . ALA A 1 22  ? 7.703   -6.515  -4.748  1.00 15.36 ? 22  ALA A O     1 
ATOM   150 C  CB    . ALA A 1 22  ? 5.724   -5.344  -7.191  1.00 15.65 ? 22  ALA A CB    1 
ATOM   151 N  N     . GLY A 1 23  ? 5.693   -5.661  -4.099  1.00 11.49 ? 23  GLY A N     1 
ATOM   152 C  CA    . GLY A 1 23  ? 6.129   -5.267  -2.776  1.00 12.43 ? 23  GLY A CA    1 
ATOM   153 C  C     . GLY A 1 23  ? 6.520   -6.479  -1.946  1.00 16.82 ? 23  GLY A C     1 
ATOM   154 O  O     . GLY A 1 23  ? 7.519   -6.464  -1.228  1.00 16.51 ? 23  GLY A O     1 
ATOM   155 N  N     . TYR A 1 24  ? 5.732   -7.545  -2.056  1.00 15.23 ? 24  TYR A N     1 
ATOM   156 C  CA    . TYR A 1 24  ? 6.017   -8.762  -1.306  1.00 13.65 ? 24  TYR A CA    1 
ATOM   157 C  C     . TYR A 1 24  ? 7.348   -9.405  -1.697  1.00 17.30 ? 24  TYR A C     1 
ATOM   158 O  O     . TYR A 1 24  ? 8.108   -9.866  -0.855  1.00 16.08 ? 24  TYR A O     1 
ATOM   159 C  CB    . TYR A 1 24  ? 4.853   -9.776  -1.227  1.00 14.19 ? 24  TYR A CB    1 
ATOM   160 C  CG    . TYR A 1 24  ? 5.128   -10.764 -0.108  1.00 13.28 ? 24  TYR A CG    1 
ATOM   161 C  CD1   . TYR A 1 24  ? 4.789   -10.464 1.214   1.00 14.16 ? 24  TYR A CD1   1 
ATOM   162 C  CD2   . TYR A 1 24  ? 5.765   -11.976 -0.375  1.00 17.75 ? 24  TYR A CD2   1 
ATOM   163 C  CE1   . TYR A 1 24  ? 5.057   -11.346 2.260   1.00 10.73 ? 24  TYR A CE1   1 
ATOM   164 C  CE2   . TYR A 1 24  ? 6.042   -12.869 0.663   1.00 21.67 ? 24  TYR A CE2   1 
ATOM   165 C  CZ    . TYR A 1 24  ? 5.683   -12.558 1.975   1.00 14.41 ? 24  TYR A CZ    1 
ATOM   166 O  OH    . TYR A 1 24  ? 5.963   -13.444 2.991   1.00 16.05 ? 24  TYR A OH    1 
ATOM   167 N  N     . LYS A 1 25  ? 7.628   -9.416  -2.988  1.00 8.71  ? 25  LYS A N     1 
ATOM   168 C  CA    . LYS A 1 25  ? 8.871   -9.983  -3.498  1.00 16.58 ? 25  LYS A CA    1 
ATOM   169 C  C     . LYS A 1 25  ? 10.087  -9.250  -2.915  1.00 13.59 ? 25  LYS A C     1 
ATOM   170 O  O     . LYS A 1 25  ? 11.090  -9.868  -2.525  1.00 14.41 ? 25  LYS A O     1 
ATOM   171 C  CB    . LYS A 1 25  ? 8.850   -9.978  -5.029  1.00 13.38 ? 25  LYS A CB    1 
ATOM   172 C  CG    . LYS A 1 25  ? 10.146  -10.418 -5.705  1.00 23.14 ? 25  LYS A CG    1 
ATOM   173 C  CD    . LYS A 1 25  ? 10.698  -11.729 -5.165  1.00 35.05 ? 25  LYS A CD    1 
ATOM   174 N  N     . LEU A 1 26  ? 10.000  -7.912  -2.866  1.00 13.79 ? 26  LEU A N     1 
ATOM   175 C  CA    . LEU A 1 26  ? 11.076  -7.092  -2.328  1.00 10.51 ? 26  LEU A CA    1 
ATOM   176 C  C     . LEU A 1 26  ? 11.293  -7.486  -0.874  1.00 11.81 ? 26  LEU A C     1 
ATOM   177 O  O     . LEU A 1 26  ? 12.418  -7.654  -0.421  1.00 14.23 ? 26  LEU A O     1 
ATOM   178 C  CB    . LEU A 1 26  ? 10.729  -5.588  -2.370  1.00 13.58 ? 26  LEU A CB    1 
ATOM   179 C  CG    . LEU A 1 26  ? 11.488  -4.758  -3.403  1.00 30.64 ? 26  LEU A CG    1 
ATOM   180 C  CD1   . LEU A 1 26  ? 11.968  -5.613  -4.553  1.00 24.37 ? 26  LEU A CD1   1 
ATOM   181 C  CD2   . LEU A 1 26  ? 10.600  -3.645  -3.938  1.00 28.01 ? 26  LEU A CD2   1 
ATOM   182 N  N     . HIS A 1 27  ? 10.172  -7.635  -0.148  1.00 14.33 ? 27  HIS A N     1 
ATOM   183 C  CA    . HIS A 1 27  ? 10.199  -8.012  1.260   1.00 13.25 ? 27  HIS A CA    1 
ATOM   184 C  C     . HIS A 1 27  ? 10.920  -9.360  1.477   1.00 15.29 ? 27  HIS A C     1 
ATOM   185 O  O     . HIS A 1 27  ? 11.754  -9.516  2.379   1.00 15.89 ? 27  HIS A O     1 
ATOM   186 C  CB    . HIS A 1 27  ? 8.777   -7.952  1.891   1.00 14.29 ? 27  HIS A CB    1 
ATOM   187 C  CG    . HIS A 1 27  ? 8.723   -8.452  3.297   1.00 15.35 ? 27  HIS A CG    1 
ATOM   188 N  ND1   . HIS A 1 27  ? 9.208   -7.699  4.359   1.00 18.68 ? 27  HIS A ND1   1 
ATOM   189 C  CD2   . HIS A 1 27  ? 8.265   -9.630  3.789   1.00 18.07 ? 27  HIS A CD2   1 
ATOM   190 C  CE1   . HIS A 1 27  ? 9.040   -8.425  5.457   1.00 12.04 ? 27  HIS A CE1   1 
ATOM   191 N  NE2   . HIS A 1 27  ? 8.474   -9.584  5.148   1.00 20.74 ? 27  HIS A NE2   1 
ATOM   192 N  N     . GLU A 1 28  ? 10.600  -10.341 0.632   1.00 12.20 ? 28  GLU A N     1 
ATOM   193 C  CA    . GLU A 1 28  ? 11.225  -11.644 0.740   1.00 13.79 ? 28  GLU A CA    1 
ATOM   194 C  C     . GLU A 1 28  ? 12.729  -11.528 0.528   1.00 20.08 ? 28  GLU A C     1 
ATOM   195 O  O     . GLU A 1 28  ? 13.527  -12.224 1.169   1.00 15.19 ? 28  GLU A O     1 
ATOM   196 C  CB    . GLU A 1 28  ? 10.666  -12.596 -0.343  1.00 12.90 ? 28  GLU A CB    1 
ATOM   197 C  CG    . GLU A 1 28  ? 9.294   -13.197 -0.004  1.00 16.70 ? 28  GLU A CG    1 
ATOM   198 C  CD    . GLU A 1 28  ? 8.800   -14.148 -1.073  1.00 37.09 ? 28  GLU A CD    1 
ATOM   199 O  OE1   . GLU A 1 28  ? 9.095   -13.756 -2.286  1.00 23.11 ? 28  GLU A OE1   1 
ATOM   200 O  OE2   . GLU A 1 28  ? 8.184   -15.168 -0.830  1.00 26.96 ? 28  GLU A OE2   1 
ATOM   201 N  N     . ASP A 1 29  ? 13.101  -10.645 -0.409  1.00 14.27 ? 29  ASP A N     1 
ATOM   202 C  CA    . ASP A 1 29  ? 14.504  -10.420 -0.787  1.00 12.65 ? 29  ASP A CA    1 
ATOM   203 C  C     . ASP A 1 29  ? 15.314  -9.518  0.133   1.00 14.26 ? 29  ASP A C     1 
ATOM   204 O  O     . ASP A 1 29  ? 16.520  -9.320  -0.084  1.00 17.52 ? 29  ASP A O     1 
ATOM   205 C  CB    . ASP A 1 29  ? 14.577  -9.842  -2.207  1.00 18.92 ? 29  ASP A CB    1 
ATOM   206 C  CG    . ASP A 1 29  ? 14.041  -10.772 -3.244  1.00 41.94 ? 29  ASP A CG    1 
ATOM   207 O  OD1   . ASP A 1 29  ? 13.769  -11.935 -3.017  1.00 31.63 ? 29  ASP A OD1   1 
ATOM   208 O  OD2   . ASP A 1 29  ? 13.889  -10.190 -4.410  1.00 35.84 ? 29  ASP A OD2   1 
ATOM   209 N  N     . GLY A 1 30  ? 14.646  -8.960  1.144   1.00 10.84 ? 30  GLY A N     1 
ATOM   210 C  CA    . GLY A 1 30  ? 15.303  -8.061  2.078   1.00 13.81 ? 30  GLY A CA    1 
ATOM   211 C  C     . GLY A 1 30  ? 15.798  -6.835  1.345   1.00 20.14 ? 30  GLY A C     1 
ATOM   212 O  O     . GLY A 1 30  ? 16.880  -6.333  1.612   1.00 19.43 ? 30  GLY A O     1 
ATOM   213 N  N     . GLU A 1 31  ? 14.973  -6.362  0.409   1.00 13.18 ? 31  GLU A N     1 
ATOM   214 C  CA    . GLU A 1 31  ? 15.310  -5.208  -0.415  1.00 12.17 ? 31  GLU A CA    1 
ATOM   215 C  C     . GLU A 1 31  ? 14.258  -4.106  -0.330  1.00 15.69 ? 31  GLU A C     1 
ATOM   216 O  O     . GLU A 1 31  ? 13.123  -4.369  0.034   1.00 11.23 ? 31  GLU A O     1 
ATOM   217 C  CB    . GLU A 1 31  ? 15.407  -5.694  -1.876  1.00 16.92 ? 31  GLU A CB    1 
ATOM   218 C  CG    . GLU A 1 31  ? 15.836  -4.628  -2.879  1.00 30.74 ? 31  GLU A CG    1 
ATOM   219 C  CD    . GLU A 1 31  ? 17.265  -4.210  -2.702  1.00 19.67 ? 31  GLU A CD    1 
ATOM   220 O  OE1   . GLU A 1 31  ? 18.053  -4.788  -1.977  1.00 37.47 ? 31  GLU A OE1   1 
ATOM   221 O  OE2   . GLU A 1 31  ? 17.551  -3.146  -3.405  1.00 23.89 ? 31  GLU A OE2   1 
ATOM   222 N  N     . THR A 1 32  ? 14.656  -2.882  -0.681  1.00 10.71 ? 32  THR A N     1 
ATOM   223 C  CA    . THR A 1 32  ? 13.763  -1.719  -0.686  1.00 12.55 ? 32  THR A CA    1 
ATOM   224 C  C     . THR A 1 32  ? 14.127  -0.794  -1.839  1.00 22.29 ? 32  THR A C     1 
ATOM   225 O  O     . THR A 1 32  ? 15.226  -0.860  -2.387  1.00 14.86 ? 32  THR A O     1 
ATOM   226 C  CB    . THR A 1 32  ? 13.848  -0.880  0.613   1.00 9.56  ? 32  THR A CB    1 
ATOM   227 O  OG1   . THR A 1 32  ? 15.188  -0.440  0.779   1.00 17.55 ? 32  THR A OG1   1 
ATOM   228 C  CG2   . THR A 1 32  ? 13.437  -1.700  1.821   1.00 10.92 ? 32  THR A CG2   1 
ATOM   229 N  N     . VAL A 1 33  ? 13.202  0.084   -2.207  1.00 12.66 ? 33  VAL A N     1 
ATOM   230 C  CA    . VAL A 1 33  ? 13.449  1.039   -3.271  1.00 16.22 ? 33  VAL A CA    1 
ATOM   231 C  C     . VAL A 1 33  ? 12.930  2.403   -2.843  1.00 12.90 ? 33  VAL A C     1 
ATOM   232 O  O     . VAL A 1 33  ? 12.013  2.504   -2.026  1.00 9.91  ? 33  VAL A O     1 
ATOM   233 C  CB    . VAL A 1 33  ? 12.935  0.639   -4.662  1.00 17.19 ? 33  VAL A CB    1 
ATOM   234 C  CG1   . VAL A 1 33  ? 13.583  -0.664  -5.120  1.00 32.63 ? 33  VAL A CG1   1 
ATOM   235 C  CG2   . VAL A 1 33  ? 11.428  0.474   -4.643  1.00 17.54 ? 33  VAL A CG2   1 
ATOM   236 N  N     . GLY A 1 34  ? 13.530  3.460   -3.378  1.00 16.68 ? 34  GLY A N     1 
ATOM   237 C  CA    . GLY A 1 34  ? 13.086  4.799   -3.033  1.00 22.94 ? 34  GLY A CA    1 
ATOM   238 C  C     . GLY A 1 34  ? 13.759  5.393   -1.794  1.00 25.26 ? 34  GLY A C     1 
ATOM   239 O  O     . GLY A 1 34  ? 14.308  4.714   -0.934  1.00 17.36 ? 34  GLY A O     1 
ATOM   240 N  N     . SER A 1 35  ? 13.701  6.706   -1.702  1.00 24.99 ? 35  SER A N     1 
ATOM   241 C  CA    . SER A 1 35  ? 14.291  7.406   -0.581  1.00 19.11 ? 35  SER A CA    1 
ATOM   242 C  C     . SER A 1 35  ? 13.672  6.983   0.747   1.00 20.18 ? 35  SER A C     1 
ATOM   243 O  O     . SER A 1 35  ? 14.353  6.987   1.765   1.00 22.46 ? 35  SER A O     1 
ATOM   244 C  CB    . SER A 1 35  ? 14.193  8.931   -0.751  1.00 31.39 ? 35  SER A CB    1 
ATOM   245 O  OG    . SER A 1 35  ? 12.838  9.364   -0.640  1.00 29.61 ? 35  SER A OG    1 
ATOM   246 N  N     . ASN A 1 36  ? 12.376  6.637   0.721   1.00 15.91 ? 36  ASN A N     1 
ATOM   247 C  CA    . ASN A 1 36  ? 11.622  6.224   1.894   1.00 14.73 ? 36  ASN A CA    1 
ATOM   248 C  C     . ASN A 1 36  ? 11.674  4.726   2.175   1.00 14.47 ? 36  ASN A C     1 
ATOM   249 O  O     . ASN A 1 36  ? 10.975  4.219   3.046   1.00 15.47 ? 36  ASN A O     1 
ATOM   250 C  CB    . ASN A 1 36  ? 10.166  6.713   1.908   1.00 21.25 ? 36  ASN A CB    1 
ATOM   251 C  CG    . ASN A 1 36  ? 9.986   8.199   1.667   1.00 43.69 ? 36  ASN A CG    1 
ATOM   252 O  OD1   . ASN A 1 36  ? 8.845   8.660   1.448   1.00 35.85 ? 36  ASN A OD1   1 
ATOM   253 N  ND2   . ASN A 1 36  ? 11.086  8.956   1.716   1.00 38.95 ? 36  ASN A ND2   1 
ATOM   254 N  N     . SER A 1 37  ? 12.489  4.014   1.425   1.00 14.27 ? 37  SER A N     1 
ATOM   255 C  CA    . SER A 1 37  ? 12.657  2.585   1.638   1.00 16.26 ? 37  SER A CA    1 
ATOM   256 C  C     . SER A 1 37  ? 11.405  1.725   1.684   1.00 18.27 ? 37  SER A C     1 
ATOM   257 O  O     . SER A 1 37  ? 11.068  1.187   2.746   1.00 17.08 ? 37  SER A O     1 
ATOM   258 C  CB    . SER A 1 37  ? 13.499  2.341   2.899   1.00 19.59 ? 37  SER A CB    1 
ATOM   259 O  OG    . SER A 1 37  ? 14.722  3.051   2.769   1.00 22.76 ? 37  SER A OG    1 
ATOM   260 N  N     . TYR A 1 38  ? 10.747  1.547   0.528   1.00 13.68 ? 38  TYR A N     1 
ATOM   261 C  CA    . TYR A 1 38  ? 9.569   0.708   0.446   1.00 13.21 ? 38  TYR A CA    1 
ATOM   262 C  C     . TYR A 1 38  ? 9.972   -0.679  -0.057  1.00 13.07 ? 38  TYR A C     1 
ATOM   263 O  O     . TYR A 1 38  ? 10.853  -0.784  -0.904  1.00 12.43 ? 38  TYR A O     1 
ATOM   264 C  CB    . TYR A 1 38  ? 8.553   1.300   -0.538  1.00 10.34 ? 38  TYR A CB    1 
ATOM   265 C  CG    . TYR A 1 38  ? 8.005   2.592   -0.040  1.00 10.67 ? 38  TYR A CG    1 
ATOM   266 C  CD1   . TYR A 1 38  ? 7.083   2.610   1.006   1.00 11.31 ? 38  TYR A CD1   1 
ATOM   267 C  CD2   . TYR A 1 38  ? 8.419   3.802   -0.602  1.00 13.01 ? 38  TYR A CD2   1 
ATOM   268 C  CE1   . TYR A 1 38  ? 6.580   3.827   1.478   1.00 13.08 ? 38  TYR A CE1   1 
ATOM   269 C  CE2   . TYR A 1 38  ? 7.916   5.020   -0.144  1.00 16.05 ? 38  TYR A CE2   1 
ATOM   270 C  CZ    . TYR A 1 38  ? 6.987   5.031   0.899   1.00 12.42 ? 38  TYR A CZ    1 
ATOM   271 O  OH    . TYR A 1 38  ? 6.493   6.226   1.375   1.00 17.15 ? 38  TYR A OH    1 
ATOM   272 N  N     . PRO A 1 39  ? 9.333   -1.755  0.445   1.00 13.80 ? 39  PRO A N     1 
ATOM   273 C  CA    . PRO A 1 39  ? 8.272   -1.694  1.446   1.00 8.19  ? 39  PRO A CA    1 
ATOM   274 C  C     . PRO A 1 39  ? 8.847   -1.515  2.840   1.00 17.54 ? 39  PRO A C     1 
ATOM   275 O  O     . PRO A 1 39  ? 9.960   -1.933  3.116   1.00 16.89 ? 39  PRO A O     1 
ATOM   276 C  CB    . PRO A 1 39  ? 7.586   -3.057  1.397   1.00 10.64 ? 39  PRO A CB    1 
ATOM   277 C  CG    . PRO A 1 39  ? 8.556   -4.012  0.694   1.00 12.05 ? 39  PRO A CG    1 
ATOM   278 C  CD    . PRO A 1 39  ? 9.663   -3.159  0.080   1.00 15.25 ? 39  PRO A CD    1 
ATOM   279 N  N     . HIS A 1 40  ? 8.082   -0.891  3.719   1.00 11.49 ? 40  HIS A N     1 
ATOM   280 C  CA    . HIS A 1 40  ? 8.524   -0.673  5.077   1.00 10.41 ? 40  HIS A CA    1 
ATOM   281 C  C     . HIS A 1 40  ? 7.417   -1.014  6.050   1.00 14.00 ? 40  HIS A C     1 
ATOM   282 O  O     . HIS A 1 40  ? 6.257   -1.079  5.682   1.00 14.09 ? 40  HIS A O     1 
ATOM   283 C  CB    . HIS A 1 40  ? 9.150   0.710   5.303   1.00 10.80 ? 40  HIS A CB    1 
ATOM   284 C  CG    . HIS A 1 40  ? 8.150   1.820   5.375   1.00 13.63 ? 40  HIS A CG    1 
ATOM   285 N  ND1   . HIS A 1 40  ? 7.188   1.863   6.365   1.00 17.69 ? 40  HIS A ND1   1 
ATOM   286 C  CD2   . HIS A 1 40  ? 7.990   2.915   4.587   1.00 14.03 ? 40  HIS A CD2   1 
ATOM   287 C  CE1   . HIS A 1 40  ? 6.482   2.961   6.171   1.00 15.39 ? 40  HIS A CE1   1 
ATOM   288 N  NE2   . HIS A 1 40  ? 6.927   3.625   5.109   1.00 15.71 ? 40  HIS A NE2   1 
ATOM   289 N  N     . LYS A 1 41  ? 7.781   -1.262  7.300   1.00 13.73 ? 41  LYS A N     1 
ATOM   290 C  CA    . LYS A 1 41  ? 6.786   -1.622  8.302   1.00 13.23 ? 41  LYS A CA    1 
ATOM   291 C  C     . LYS A 1 41  ? 5.650   -0.615  8.431   1.00 12.60 ? 41  LYS A C     1 
ATOM   292 O  O     . LYS A 1 41  ? 5.852   0.584   8.313   1.00 14.35 ? 41  LYS A O     1 
ATOM   293 C  CB    . LYS A 1 41  ? 7.440   -1.890  9.656   1.00 12.48 ? 41  LYS A CB    1 
ATOM   294 C  CG    . LYS A 1 41  ? 6.657   -2.877  10.506  1.00 36.03 ? 41  LYS A CG    1 
ATOM   295 N  N     . TYR A 1 42  ? 4.445   -1.132  8.682   1.00 16.51 ? 42  TYR A N     1 
ATOM   296 C  CA    . TYR A 1 42  ? 3.263   -0.318  8.866   1.00 18.02 ? 42  TYR A CA    1 
ATOM   297 C  C     . TYR A 1 42  ? 2.661   -0.618  10.238  1.00 16.50 ? 42  TYR A C     1 
ATOM   298 O  O     . TYR A 1 42  ? 2.406   -1.772  10.563  1.00 16.73 ? 42  TYR A O     1 
ATOM   299 C  CB    . TYR A 1 42  ? 2.200   -0.517  7.750   1.00 13.73 ? 42  TYR A CB    1 
ATOM   300 C  CG    . TYR A 1 42  ? 0.919   0.231   8.067   1.00 13.43 ? 42  TYR A CG    1 
ATOM   301 C  CD1   . TYR A 1 42  ? 0.845   1.613   7.877   1.00 19.94 ? 42  TYR A CD1   1 
ATOM   302 C  CD2   . TYR A 1 42  ? -0.201  -0.426  8.578   1.00 17.45 ? 42  TYR A CD2   1 
ATOM   303 C  CE1   . TYR A 1 42  ? -0.312  2.328   8.183   1.00 14.75 ? 42  TYR A CE1   1 
ATOM   304 C  CE2   . TYR A 1 42  ? -1.370  0.274   8.884   1.00 20.03 ? 42  TYR A CE2   1 
ATOM   305 C  CZ    . TYR A 1 42  ? -1.420  1.655   8.687   1.00 17.34 ? 42  TYR A CZ    1 
ATOM   306 O  OH    . TYR A 1 42  ? -2.547  2.387   8.960   1.00 35.30 ? 42  TYR A OH    1 
ATOM   307 N  N     . ASN A 1 43  ? 2.450   0.416   11.045  1.00 14.08 ? 43  ASN A N     1 
ATOM   308 C  CA    . ASN A 1 43  ? 1.854   0.250   12.373  1.00 15.84 ? 43  ASN A CA    1 
ATOM   309 C  C     . ASN A 1 43  ? 0.411   0.777   12.343  1.00 14.84 ? 43  ASN A C     1 
ATOM   310 O  O     . ASN A 1 43  ? 0.137   1.912   11.967  1.00 17.34 ? 43  ASN A O     1 
ATOM   311 C  CB    . ASN A 1 43  ? 2.738   0.875   13.483  1.00 24.69 ? 43  ASN A CB    1 
ATOM   312 C  CG    . ASN A 1 43  ? 4.091   0.153   13.638  1.00 12.34 ? 43  ASN A CG    1 
ATOM   313 O  OD1   . ASN A 1 43  ? 4.182   -0.960  14.190  1.00 25.07 ? 43  ASN A OD1   1 
ATOM   314 N  ND2   . ASN A 1 43  ? 5.146   0.794   13.164  1.00 19.84 ? 43  ASN A ND2   1 
ATOM   315 N  N     . ASN A 1 44  ? -0.534  -0.060  12.698  1.00 13.20 ? 44  ASN A N     1 
ATOM   316 C  CA    . ASN A 1 44  ? -1.949  0.321   12.650  1.00 15.96 ? 44  ASN A CA    1 
ATOM   317 C  C     . ASN A 1 44  ? -2.431  1.132   13.849  1.00 14.40 ? 44  ASN A C     1 
ATOM   318 O  O     . ASN A 1 44  ? -3.398  0.750   14.499  1.00 14.10 ? 44  ASN A O     1 
ATOM   319 C  CB    . ASN A 1 44  ? -2.753  -0.968  12.566  1.00 16.07 ? 44  ASN A CB    1 
ATOM   320 C  CG    . ASN A 1 44  ? -4.189  -0.757  12.181  1.00 16.47 ? 44  ASN A CG    1 
ATOM   321 O  OD1   . ASN A 1 44  ? -4.539  0.288   11.624  1.00 19.89 ? 44  ASN A OD1   1 
ATOM   322 N  ND2   . ASN A 1 44  ? -5.013  -1.756  12.467  1.00 14.88 ? 44  ASN A ND2   1 
ATOM   323 N  N     . TYR A 1 45  ? -1.770  2.243   14.136  1.00 16.77 ? 45  TYR A N     1 
ATOM   324 C  CA    . TYR A 1 45  ? -2.145  3.067   15.274  1.00 17.95 ? 45  TYR A CA    1 
ATOM   325 C  C     . TYR A 1 45  ? -3.528  3.700   15.148  1.00 18.70 ? 45  TYR A C     1 
ATOM   326 O  O     . TYR A 1 45  ? -4.101  4.115   16.134  1.00 16.62 ? 45  TYR A O     1 
ATOM   327 C  CB    . TYR A 1 45  ? -1.047  4.069   15.719  1.00 10.33 ? 45  TYR A CB    1 
ATOM   328 C  CG    . TYR A 1 45  ? -0.722  5.085   14.659  1.00 18.47 ? 45  TYR A CG    1 
ATOM   329 C  CD1   . TYR A 1 45  ? -1.496  6.233   14.496  1.00 17.87 ? 45  TYR A CD1   1 
ATOM   330 C  CD2   . TYR A 1 45  ? 0.376   4.903   13.816  1.00 25.11 ? 45  TYR A CD2   1 
ATOM   331 C  CE1   . TYR A 1 45  ? -1.189  7.174   13.515  1.00 25.91 ? 45  TYR A CE1   1 
ATOM   332 C  CE2   . TYR A 1 45  ? 0.691   5.827   12.822  1.00 31.10 ? 45  TYR A CE2   1 
ATOM   333 C  CZ    . TYR A 1 45  ? -0.098  6.966   12.671  1.00 29.80 ? 45  TYR A CZ    1 
ATOM   334 O  OH    . TYR A 1 45  ? 0.199   7.894   11.695  1.00 31.43 ? 45  TYR A OH    1 
ATOM   335 N  N     . GLN A 1 46  ? -4.082  3.755   13.931  1.00 15.97 ? 46  GLN A N     1 
ATOM   336 C  CA    . GLN A 1 46  ? -5.407  4.332   13.740  1.00 14.77 ? 46  GLN A CA    1 
ATOM   337 C  C     . GLN A 1 46  ? -6.503  3.307   13.909  1.00 18.13 ? 46  GLN A C     1 
ATOM   338 O  O     . GLN A 1 46  ? -7.702  3.614   13.861  1.00 16.01 ? 46  GLN A O     1 
ATOM   339 C  CB    . GLN A 1 46  ? -5.538  5.063   12.403  1.00 14.24 ? 46  GLN A CB    1 
ATOM   340 C  CG    . GLN A 1 46  ? -4.715  6.348   12.395  1.00 22.10 ? 46  GLN A CG    1 
ATOM   341 C  CD    . GLN A 1 46  ? -4.737  7.002   11.037  1.00 19.10 ? 46  GLN A CD    1 
ATOM   342 O  OE1   . GLN A 1 46  ? -3.709  7.038   10.330  1.00 16.99 ? 46  GLN A OE1   1 
ATOM   343 N  NE2   . GLN A 1 46  ? -5.910  7.501   10.666  1.00 22.02 ? 46  GLN A NE2   1 
ATOM   344 N  N     . GLY A 1 47  ? -6.069  2.075   14.113  1.00 16.74 ? 47  GLY A N     1 
ATOM   345 C  CA    . GLY A 1 47  ? -6.965  0.959   14.335  1.00 17.79 ? 47  GLY A CA    1 
ATOM   346 C  C     . GLY A 1 47  ? -7.888  0.593   13.184  1.00 27.40 ? 47  GLY A C     1 
ATOM   347 O  O     . GLY A 1 47  ? -9.074  0.337   13.405  1.00 16.51 ? 47  GLY A O     1 
ATOM   348 N  N     . PHE A 1 48  ? -7.351  0.540   11.964  1.00 14.96 ? 48  PHE A N     1 
ATOM   349 C  CA    . PHE A 1 48  ? -8.189  0.154   10.827  1.00 12.44 ? 48  PHE A CA    1 
ATOM   350 C  C     . PHE A 1 48  ? -8.608  -1.279  11.009  1.00 19.28 ? 48  PHE A C     1 
ATOM   351 O  O     . PHE A 1 48  ? -7.862  -2.061  11.570  1.00 20.04 ? 48  PHE A O     1 
ATOM   352 C  CB    . PHE A 1 48  ? -7.502  0.296   9.465   1.00 11.95 ? 48  PHE A CB    1 
ATOM   353 C  CG    . PHE A 1 48  ? -7.107  1.712   9.148   1.00 23.11 ? 48  PHE A CG    1 
ATOM   354 C  CD1   . PHE A 1 48  ? -7.994  2.766   9.372   1.00 28.21 ? 48  PHE A CD1   1 
ATOM   355 C  CD2   . PHE A 1 48  ? -5.847  1.992   8.620   1.00 18.16 ? 48  PHE A CD2   1 
ATOM   356 C  CE1   . PHE A 1 48  ? -7.638  4.079   9.071   1.00 16.96 ? 48  PHE A CE1   1 
ATOM   357 C  CE2   . PHE A 1 48  ? -5.463  3.298   8.318   1.00 20.59 ? 48  PHE A CE2   1 
ATOM   358 C  CZ    . PHE A 1 48  ? -6.374  4.333   8.537   1.00 16.74 ? 48  PHE A CZ    1 
ATOM   359 N  N     . ASP A 1 49  ? -9.800  -1.606  10.536  1.00 20.63 ? 49  ASP A N     1 
ATOM   360 C  CA    . ASP A 1 49  ? -10.318 -2.944  10.668  1.00 31.21 ? 49  ASP A CA    1 
ATOM   361 C  C     . ASP A 1 49  ? -9.711  -3.951  9.696   1.00 24.94 ? 49  ASP A C     1 
ATOM   362 O  O     . ASP A 1 49  ? -10.350 -4.368  8.736   1.00 41.30 ? 49  ASP A O     1 
ATOM   363 C  CB    . ASP A 1 49  ? -11.860 -2.976  10.623  1.00 35.69 ? 49  ASP A CB    1 
ATOM   364 C  CG    . ASP A 1 49  ? -12.414 -4.291  11.090  1.00 44.59 ? 49  ASP A CG    1 
ATOM   365 O  OD1   . ASP A 1 49  ? -11.958 -4.657  12.263  1.00 60.00 ? 49  ASP A OD1   1 
ATOM   366 O  OD2   . ASP A 1 49  ? -13.212 -4.935  10.440  1.00 60.00 ? 49  ASP A OD2   1 
ATOM   367 N  N     . PHE A 1 50  ? -8.469  -4.348  9.948   1.00 27.39 ? 50  PHE A N     1 
ATOM   368 C  CA    . PHE A 1 50  ? -7.804  -5.327  9.099   1.00 23.48 ? 50  PHE A CA    1 
ATOM   369 C  C     . PHE A 1 50  ? -8.166  -6.705  9.629   1.00 30.40 ? 50  PHE A C     1 
ATOM   370 O  O     . PHE A 1 50  ? -8.131  -6.931  10.843  1.00 32.69 ? 50  PHE A O     1 
ATOM   371 C  CB    . PHE A 1 50  ? -6.269  -5.177  9.097   1.00 24.90 ? 50  PHE A CB    1 
ATOM   372 C  CG    . PHE A 1 50  ? -5.759  -3.903  8.482   1.00 22.17 ? 50  PHE A CG    1 
ATOM   373 C  CD1   . PHE A 1 50  ? -6.472  -3.232  7.484   1.00 20.02 ? 50  PHE A CD1   1 
ATOM   374 C  CD2   . PHE A 1 50  ? -4.542  -3.375  8.912   1.00 21.17 ? 50  PHE A CD2   1 
ATOM   375 C  CE1   . PHE A 1 50  ? -5.993  -2.049  6.925   1.00 16.23 ? 50  PHE A CE1   1 
ATOM   376 C  CE2   . PHE A 1 50  ? -4.047  -2.194  8.362   1.00 30.24 ? 50  PHE A CE2   1 
ATOM   377 C  CZ    . PHE A 1 50  ? -4.774  -1.540  7.365   1.00 25.08 ? 50  PHE A CZ    1 
ATOM   378 N  N     . SER A 1 51  ? -8.517  -7.601  8.714   1.00 27.99 ? 51  SER A N     1 
ATOM   379 C  CA    . SER A 1 51  ? -8.915  -8.946  9.061   1.00 54.07 ? 51  SER A CA    1 
ATOM   380 C  C     . SER A 1 51  ? -7.809  -9.987  9.102   1.00 60.00 ? 51  SER A C     1 
ATOM   381 O  O     . SER A 1 51  ? -8.059  -11.155 9.390   1.00 40.90 ? 51  SER A O     1 
ATOM   382 C  CB    . SER A 1 51  ? -10.088 -9.382  8.225   1.00 31.49 ? 51  SER A CB    1 
ATOM   383 O  OG    . SER A 1 51  ? -11.212 -8.649  8.665   1.00 60.00 ? 51  SER A OG    1 
ATOM   384 N  N     . VAL A 1 52  ? -6.592  -9.550  8.818   1.00 20.89 ? 52  VAL A N     1 
ATOM   385 C  CA    . VAL A 1 52  ? -5.426  -10.410 8.829   1.00 25.20 ? 52  VAL A CA    1 
ATOM   386 C  C     . VAL A 1 52  ? -4.494  -9.904  9.900   1.00 29.09 ? 52  VAL A C     1 
ATOM   387 O  O     . VAL A 1 52  ? -4.552  -8.729  10.255  1.00 27.33 ? 52  VAL A O     1 
ATOM   388 C  CB    . VAL A 1 52  ? -4.756  -10.473 7.464   1.00 29.20 ? 52  VAL A CB    1 
ATOM   389 C  CG1   . VAL A 1 52  ? -5.757  -11.000 6.448   1.00 24.38 ? 52  VAL A CG1   1 
ATOM   390 C  CG2   . VAL A 1 52  ? -4.264  -9.091  7.051   1.00 18.14 ? 52  VAL A CG2   1 
ATOM   391 N  N     . SER A 1 53  ? -3.643  -10.770 10.431  1.00 22.48 ? 53  SER A N     1 
ATOM   392 C  CA    . SER A 1 53  ? -2.748  -10.338 11.488  1.00 17.41 ? 53  SER A CA    1 
ATOM   393 C  C     . SER A 1 53  ? -1.485  -9.658  11.009  1.00 22.98 ? 53  SER A C     1 
ATOM   394 O  O     . SER A 1 53  ? -1.059  -9.801  9.869   1.00 20.57 ? 53  SER A O     1 
ATOM   395 C  CB    . SER A 1 53  ? -2.372  -11.500 12.366  1.00 36.12 ? 53  SER A CB    1 
ATOM   396 O  OG    . SER A 1 53  ? -2.013  -12.573 11.531  1.00 60.00 ? 53  SER A OG    1 
ATOM   397 N  N     . SER A 1 54  ? -0.893  -8.924  11.930  1.00 15.77 ? 54  SER A N     1 
ATOM   398 C  CA    . SER A 1 54  ? 0.339   -8.220  11.693  1.00 21.99 ? 54  SER A CA    1 
ATOM   399 C  C     . SER A 1 54  ? 1.464   -9.235  11.871  1.00 29.44 ? 54  SER A C     1 
ATOM   400 O  O     . SER A 1 54  ? 1.195   -10.375 12.239  1.00 28.18 ? 54  SER A O     1 
ATOM   401 C  CB    . SER A 1 54  ? 0.479   -7.065  12.674  1.00 29.24 ? 54  SER A CB    1 
ATOM   402 O  OG    . SER A 1 54  ? 0.378   -7.554  13.998  1.00 33.12 ? 54  SER A OG    1 
ATOM   403 N  N     . PRO A 1 55  ? 2.710   -8.861  11.608  1.00 21.43 ? 55  PRO A N     1 
ATOM   404 C  CA    . PRO A 1 55  ? 3.121   -7.542  11.169  1.00 23.49 ? 55  PRO A CA    1 
ATOM   405 C  C     . PRO A 1 55  ? 2.608   -7.155  9.795   1.00 21.41 ? 55  PRO A C     1 
ATOM   406 O  O     . PRO A 1 55  ? 2.324   -8.005  8.952   1.00 15.69 ? 55  PRO A O     1 
ATOM   407 C  CB    . PRO A 1 55  ? 4.652   -7.585  11.089  1.00 19.72 ? 55  PRO A CB    1 
ATOM   408 C  CG    . PRO A 1 55  ? 5.111   -8.951  11.573  1.00 24.49 ? 55  PRO A CG    1 
ATOM   409 C  CD    . PRO A 1 55  ? 3.863   -9.776  11.835  1.00 20.00 ? 55  PRO A CD    1 
ATOM   410 N  N     . TYR A 1 56  ? 2.525   -5.845  9.597   1.00 12.68 ? 56  TYR A N     1 
ATOM   411 C  CA    . TYR A 1 56  ? 2.084   -5.272  8.347   1.00 18.78 ? 56  TYR A CA    1 
ATOM   412 C  C     . TYR A 1 56  ? 3.197   -4.498  7.691   1.00 10.06 ? 56  TYR A C     1 
ATOM   413 O  O     . TYR A 1 56  ? 4.082   -3.955  8.368   1.00 11.84 ? 56  TYR A O     1 
ATOM   414 C  CB    . TYR A 1 56  ? 0.928   -4.270  8.540   1.00 17.02 ? 56  TYR A CB    1 
ATOM   415 C  CG    . TYR A 1 56  ? -0.251  -4.837  9.265   1.00 15.55 ? 56  TYR A CG    1 
ATOM   416 C  CD1   . TYR A 1 56  ? -0.978  -5.893  8.722   1.00 13.78 ? 56  TYR A CD1   1 
ATOM   417 C  CD2   . TYR A 1 56  ? -0.646  -4.304  10.493  1.00 22.35 ? 56  TYR A CD2   1 
ATOM   418 C  CE1   . TYR A 1 56  ? -2.083  -6.421  9.390   1.00 23.04 ? 56  TYR A CE1   1 
ATOM   419 C  CE2   . TYR A 1 56  ? -1.747  -4.818  11.176  1.00 23.86 ? 56  TYR A CE2   1 
ATOM   420 C  CZ    . TYR A 1 56  ? -2.458  -5.880  10.620  1.00 24.40 ? 56  TYR A CZ    1 
ATOM   421 O  OH    . TYR A 1 56  ? -3.533  -6.388  11.285  1.00 23.03 ? 56  TYR A OH    1 
ATOM   422 N  N     . TYR A 1 57  ? 3.114   -4.431  6.362   1.00 10.53 ? 57  TYR A N     1 
ATOM   423 C  CA    . TYR A 1 57  ? 4.051   -3.693  5.526   1.00 13.37 ? 57  TYR A CA    1 
ATOM   424 C  C     . TYR A 1 57  ? 3.278   -2.847  4.506   1.00 9.14  ? 57  TYR A C     1 
ATOM   425 O  O     . TYR A 1 57  ? 2.218   -3.252  4.049   1.00 13.90 ? 57  TYR A O     1 
ATOM   426 C  CB    . TYR A 1 57  ? 5.092   -4.580  4.810   1.00 12.55 ? 57  TYR A CB    1 
ATOM   427 C  CG    . TYR A 1 57  ? 5.856   -5.412  5.799   1.00 14.66 ? 57  TYR A CG    1 
ATOM   428 C  CD1   . TYR A 1 57  ? 5.311   -6.621  6.228   1.00 20.73 ? 57  TYR A CD1   1 
ATOM   429 C  CD2   . TYR A 1 57  ? 7.075   -4.983  6.328   1.00 14.78 ? 57  TYR A CD2   1 
ATOM   430 C  CE1   . TYR A 1 57  ? 5.962   -7.416  7.169   1.00 17.94 ? 57  TYR A CE1   1 
ATOM   431 C  CE2   . TYR A 1 57  ? 7.747   -5.775  7.262   1.00 16.38 ? 57  TYR A CE2   1 
ATOM   432 C  CZ    . TYR A 1 57  ? 7.187   -6.988  7.676   1.00 19.85 ? 57  TYR A CZ    1 
ATOM   433 O  OH    . TYR A 1 57  ? 7.831   -7.778  8.608   1.00 17.97 ? 57  TYR A OH    1 
ATOM   434 N  N     . GLU A 1 58  ? 3.811   -1.662  4.185   1.00 14.09 ? 58  GLU A N     1 
ATOM   435 C  CA    . GLU A 1 58  ? 3.192   -0.767  3.218   1.00 14.97 ? 58  GLU A CA    1 
ATOM   436 C  C     . GLU A 1 58  ? 4.046   -0.633  1.970   1.00 11.95 ? 58  GLU A C     1 
ATOM   437 O  O     . GLU A 1 58  ? 5.266   -0.586  2.053   1.00 10.82 ? 58  GLU A O     1 
ATOM   438 C  CB    . GLU A 1 58  ? 2.774   0.597   3.784   1.00 12.47 ? 58  GLU A CB    1 
ATOM   439 C  CG    . GLU A 1 58  ? 3.943   1.372   4.363   1.00 17.42 ? 58  GLU A CG    1 
ATOM   440 C  CD    . GLU A 1 58  ? 3.639   2.832   4.539   1.00 20.33 ? 58  GLU A CD    1 
ATOM   441 O  OE1   . GLU A 1 58  ? 3.518   3.475   3.414   1.00 16.77 ? 58  GLU A OE1   1 
ATOM   442 O  OE2   . GLU A 1 58  ? 3.534   3.352   5.626   1.00 25.09 ? 58  GLU A OE2   1 
ATOM   443 N  N     . TRP A 1 59  ? 3.379   -0.594  0.804   1.00 13.10 ? 59  TRP A N     1 
ATOM   444 C  CA    . TRP A 1 59  ? 4.047   -0.502  -0.495  1.00 15.94 ? 59  TRP A CA    1 
ATOM   445 C  C     . TRP A 1 59  ? 3.240   0.444   -1.370  1.00 9.06  ? 59  TRP A C     1 
ATOM   446 O  O     . TRP A 1 59  ? 2.026   0.344   -1.389  1.00 9.98  ? 59  TRP A O     1 
ATOM   447 C  CB    . TRP A 1 59  ? 4.130   -1.914  -1.141  1.00 13.46 ? 59  TRP A CB    1 
ATOM   448 C  CG    . TRP A 1 59  ? 4.605   -1.925  -2.573  1.00 9.37  ? 59  TRP A CG    1 
ATOM   449 C  CD1   . TRP A 1 59  ? 3.828   -2.130  -3.679  1.00 10.53 ? 59  TRP A CD1   1 
ATOM   450 C  CD2   . TRP A 1 59  ? 5.949   -1.735  -3.052  1.00 9.82  ? 59  TRP A CD2   1 
ATOM   451 N  NE1   . TRP A 1 59  ? 4.599   -2.077  -4.816  1.00 11.07 ? 59  TRP A NE1   1 
ATOM   452 C  CE2   . TRP A 1 59  ? 5.910   -1.835  -4.458  1.00 12.58 ? 59  TRP A CE2   1 
ATOM   453 C  CE3   . TRP A 1 59  ? 7.178   -1.493  -2.432  1.00 9.37  ? 59  TRP A CE3   1 
ATOM   454 C  CZ2   . TRP A 1 59  ? 7.061   -1.699  -5.236  1.00 12.90 ? 59  TRP A CZ2   1 
ATOM   455 C  CZ3   . TRP A 1 59  ? 8.306   -1.350  -3.210  1.00 14.71 ? 59  TRP A CZ3   1 
ATOM   456 C  CH2   . TRP A 1 59  ? 8.248   -1.454  -4.603  1.00 19.58 ? 59  TRP A CH2   1 
ATOM   457 N  N     . PRO A 1 60  ? 3.884   1.358   -2.076  1.00 12.89 ? 60  PRO A N     1 
ATOM   458 C  CA    . PRO A 1 60  ? 3.099   2.274   -2.889  1.00 15.12 ? 60  PRO A CA    1 
ATOM   459 C  C     . PRO A 1 60  ? 2.400   1.656   -4.073  1.00 16.62 ? 60  PRO A C     1 
ATOM   460 O  O     . PRO A 1 60  ? 2.944   0.806   -4.766  1.00 12.56 ? 60  PRO A O     1 
ATOM   461 C  CB    . PRO A 1 60  ? 4.070   3.353   -3.400  1.00 12.12 ? 60  PRO A CB    1 
ATOM   462 C  CG    . PRO A 1 60  ? 5.354   3.200   -2.582  1.00 16.17 ? 60  PRO A CG    1 
ATOM   463 C  CD    . PRO A 1 60  ? 5.317   1.772   -2.040  1.00 8.31  ? 60  PRO A CD    1 
ATOM   464 N  N     . ILE A 1 61  ? 1.173   2.130   -4.291  1.00 15.24 ? 61  ILE A N     1 
ATOM   465 C  CA    . ILE A 1 61  ? 0.369   1.739   -5.436  1.00 10.55 ? 61  ILE A CA    1 
ATOM   466 C  C     . ILE A 1 61  ? 0.202   3.055   -6.212  1.00 7.57  ? 61  ILE A C     1 
ATOM   467 O  O     . ILE A 1 61  ? -0.184  4.086   -5.630  1.00 10.82 ? 61  ILE A O     1 
ATOM   468 C  CB    . ILE A 1 61  ? -0.943  0.989   -5.136  1.00 15.97 ? 61  ILE A CB    1 
ATOM   469 C  CG1   . ILE A 1 61  ? -1.620  0.603   -6.458  1.00 10.07 ? 61  ILE A CG1   1 
ATOM   470 C  CG2   . ILE A 1 61  ? -1.872  1.809   -4.242  1.00 13.56 ? 61  ILE A CG2   1 
ATOM   471 C  CD1   . ILE A 1 61  ? -2.764  -0.390  -6.292  1.00 13.61 ? 61  ILE A CD1   1 
ATOM   472 N  N     . LEU A 1 62  ? 0.541   3.026   -7.507  1.00 11.90 ? 62  LEU A N     1 
ATOM   473 C  CA    . LEU A 1 62  ? 0.507   4.207   -8.359  1.00 10.56 ? 62  LEU A CA    1 
ATOM   474 C  C     . LEU A 1 62  ? -0.728  4.339   -9.209  1.00 10.64 ? 62  LEU A C     1 
ATOM   475 O  O     . LEU A 1 62  ? -1.197  3.364   -9.802  1.00 12.64 ? 62  LEU A O     1 
ATOM   476 C  CB    . LEU A 1 62  ? 1.749   4.243   -9.275  1.00 11.83 ? 62  LEU A CB    1 
ATOM   477 C  CG    . LEU A 1 62  ? 3.084   4.226   -8.522  1.00 15.72 ? 62  LEU A CG    1 
ATOM   478 C  CD1   . LEU A 1 62  ? 4.204   4.289   -9.553  1.00 14.48 ? 62  LEU A CD1   1 
ATOM   479 C  CD2   . LEU A 1 62  ? 3.169   5.436   -7.597  1.00 19.10 ? 62  LEU A CD2   1 
ATOM   480 N  N     . SER A 1 63  ? -1.238  5.577   -9.298  1.00 11.01 ? 63  SER A N     1 
ATOM   481 C  CA    . SER A 1 63  ? -2.447  5.821   -10.087 1.00 13.67 ? 63  SER A CA    1 
ATOM   482 C  C     . SER A 1 63  ? -2.300  5.373   -11.540 1.00 22.60 ? 63  SER A C     1 
ATOM   483 O  O     . SER A 1 63  ? -3.277  4.907   -12.162 1.00 16.42 ? 63  SER A O     1 
ATOM   484 C  CB    . SER A 1 63  ? -2.933  7.274   -9.989  1.00 10.57 ? 63  SER A CB    1 
ATOM   485 O  OG    . SER A 1 63  ? -1.974  8.158   -10.564 1.00 14.08 ? 63  SER A OG    1 
ATOM   486 N  N     . SER A 1 64  ? -1.059  5.512   -12.060 1.00 13.88 ? 64  SER A N     1 
ATOM   487 C  CA    . SER A 1 64  ? -0.718  5.180   -13.430 1.00 10.70 ? 64  SER A CA    1 
ATOM   488 C  C     . SER A 1 64  ? -0.830  3.719   -13.802 1.00 19.61 ? 64  SER A C     1 
ATOM   489 O  O     . SER A 1 64  ? -0.959  3.385   -14.975 1.00 17.98 ? 64  SER A O     1 
ATOM   490 C  CB    . SER A 1 64  ? 0.665   5.643   -13.778 1.00 15.71 ? 64  SER A CB    1 
ATOM   491 O  OG    . SER A 1 64  ? 1.585   4.830   -13.082 1.00 18.51 ? 64  SER A OG    1 
ATOM   492 N  N     . GLY A 1 65  ? -0.760  2.840   -12.826 1.00 13.74 ? 65  GLY A N     1 
ATOM   493 C  CA    . GLY A 1 65  ? -0.846  1.413   -13.118 1.00 16.58 ? 65  GLY A CA    1 
ATOM   494 C  C     . GLY A 1 65  ? 0.547   0.803   -13.187 1.00 24.27 ? 65  GLY A C     1 
ATOM   495 O  O     . GLY A 1 65  ? 0.728   -0.404  -13.273 1.00 18.64 ? 65  GLY A O     1 
ATOM   496 N  N     . ASP A 1 66  ? 1.556   1.650   -13.142 1.00 17.83 ? 66  ASP A N     1 
ATOM   497 C  CA    . ASP A 1 66  ? 2.911   1.141   -13.163 1.00 17.77 ? 66  ASP A CA    1 
ATOM   498 C  C     . ASP A 1 66  ? 3.314   0.715   -11.760 1.00 16.51 ? 66  ASP A C     1 
ATOM   499 O  O     . ASP A 1 66  ? 2.799   1.214   -10.758 1.00 18.20 ? 66  ASP A O     1 
ATOM   500 C  CB    . ASP A 1 66  ? 3.910   2.218   -13.537 1.00 12.90 ? 66  ASP A CB    1 
ATOM   501 C  CG    . ASP A 1 66  ? 3.705   2.788   -14.900 1.00 33.64 ? 66  ASP A CG    1 
ATOM   502 O  OD1   . ASP A 1 66  ? 3.360   1.890   -15.788 1.00 40.03 ? 66  ASP A OD1   1 
ATOM   503 O  OD2   . ASP A 1 66  ? 3.862   3.964   -15.135 1.00 39.80 ? 66  ASP A OD2   1 
ATOM   504 N  N     . VAL A 1 67  ? 4.272   -0.199  -11.698 1.00 14.17 ? 67  VAL A N     1 
ATOM   505 C  CA    . VAL A 1 67  ? 4.765   -0.658  -10.416 1.00 14.27 ? 67  VAL A CA    1 
ATOM   506 C  C     . VAL A 1 67  ? 5.785   0.360   -9.920  1.00 15.33 ? 67  VAL A C     1 
ATOM   507 O  O     . VAL A 1 67  ? 6.604   0.868   -10.689 1.00 15.25 ? 67  VAL A O     1 
ATOM   508 C  CB    . VAL A 1 67  ? 5.330   -2.079  -10.528 1.00 19.31 ? 67  VAL A CB    1 
ATOM   509 C  CG1   . VAL A 1 67  ? 6.097   -2.478  -9.276  1.00 23.49 ? 67  VAL A CG1   1 
ATOM   510 C  CG2   . VAL A 1 67  ? 4.180   -3.065  -10.779 1.00 24.00 ? 67  VAL A CG2   1 
ATOM   511 N  N     . TYR A 1 68  ? 5.707   0.671   -8.632  1.00 16.21 ? 68  TYR A N     1 
ATOM   512 C  CA    . TYR A 1 68  ? 6.593   1.629   -8.008  1.00 12.43 ? 68  TYR A CA    1 
ATOM   513 C  C     . TYR A 1 68  ? 8.058   1.218   -8.152  1.00 14.17 ? 68  TYR A C     1 
ATOM   514 O  O     . TYR A 1 68  ? 8.443   0.096   -7.823  1.00 15.00 ? 68  TYR A O     1 
ATOM   515 C  CB    . TYR A 1 68  ? 6.242   1.818   -6.518  1.00 13.50 ? 68  TYR A CB    1 
ATOM   516 C  CG    . TYR A 1 68  ? 7.149   2.827   -5.869  1.00 18.78 ? 68  TYR A CG    1 
ATOM   517 C  CD1   . TYR A 1 68  ? 7.050   4.182   -6.194  1.00 14.02 ? 68  TYR A CD1   1 
ATOM   518 C  CD2   . TYR A 1 68  ? 8.107   2.423   -4.938  1.00 16.54 ? 68  TYR A CD2   1 
ATOM   519 C  CE1   . TYR A 1 68  ? 7.877   5.136   -5.605  1.00 8.29  ? 68  TYR A CE1   1 
ATOM   520 C  CE2   . TYR A 1 68  ? 8.948   3.361   -4.334  1.00 10.72 ? 68  TYR A CE2   1 
ATOM   521 C  CZ    . TYR A 1 68  ? 8.827   4.713   -4.668  1.00 12.03 ? 68  TYR A CZ    1 
ATOM   522 O  OH    . TYR A 1 68  ? 9.672   5.627   -4.095  1.00 14.24 ? 68  TYR A OH    1 
ATOM   523 N  N     . SER A 1 69  ? 8.870   2.141   -8.637  1.00 13.81 ? 69  SER A N     1 
ATOM   524 C  CA    . SER A 1 69  ? 10.260  1.859   -8.842  1.00 14.58 ? 69  SER A CA    1 
ATOM   525 C  C     . SER A 1 69  ? 11.261  2.796   -8.181  1.00 28.14 ? 69  SER A C     1 
ATOM   526 O  O     . SER A 1 69  ? 12.428  2.804   -8.556  1.00 24.43 ? 69  SER A O     1 
ATOM   527 C  CB    . SER A 1 69  ? 10.568  1.656   -10.308 1.00 22.88 ? 69  SER A CB    1 
ATOM   528 O  OG    . SER A 1 69  ? 10.211  2.826   -11.008 1.00 32.36 ? 69  SER A OG    1 
ATOM   529 N  N     . GLY A 1 70  ? 10.849  3.569   -7.181  1.00 20.53 ? 70  GLY A N     1 
ATOM   530 C  CA    . GLY A 1 70  ? 11.832  4.441   -6.508  1.00 19.09 ? 70  GLY A CA    1 
ATOM   531 C  C     . GLY A 1 70  ? 11.683  5.965   -6.625  1.00 21.32 ? 70  GLY A C     1 
ATOM   532 O  O     . GLY A 1 70  ? 12.436  6.695   -5.984  1.00 27.45 ? 70  GLY A O     1 
ATOM   533 N  N     . GLY A 1 71  ? 10.738  6.458   -7.427  1.00 16.95 ? 71  GLY A N     1 
ATOM   534 C  CA    . GLY A 1 71  ? 10.558  7.891   -7.564  1.00 20.25 ? 71  GLY A CA    1 
ATOM   535 C  C     . GLY A 1 71  ? 9.536   8.391   -6.559  1.00 10.58 ? 71  GLY A C     1 
ATOM   536 O  O     . GLY A 1 71  ? 9.538   7.954   -5.399  1.00 14.47 ? 71  GLY A O     1 
ATOM   537 N  N     . SER A 1 72  ? 8.669   9.319   -6.988  1.00 13.90 ? 72  SER A N     1 
ATOM   538 C  CA    . SER A 1 72  ? 7.641   9.839   -6.087  1.00 16.61 ? 72  SER A CA    1 
ATOM   539 C  C     . SER A 1 72  ? 6.660   8.712   -5.798  1.00 17.30 ? 72  SER A C     1 
ATOM   540 O  O     . SER A 1 72  ? 6.171   8.106   -6.728  1.00 10.92 ? 72  SER A O     1 
ATOM   541 C  CB    . SER A 1 72  ? 6.902   11.049  -6.653  1.00 13.84 ? 72  SER A CB    1 
ATOM   542 O  OG    . SER A 1 72  ? 5.899   11.449  -5.737  1.00 16.01 ? 72  SER A OG    1 
ATOM   543 N  N     . PRO A 1 73  ? 6.383   8.405   -4.522  1.00 13.62 ? 73  PRO A N     1 
ATOM   544 C  CA    . PRO A 1 73  ? 5.482   7.313   -4.212  1.00 12.58 ? 73  PRO A CA    1 
ATOM   545 C  C     . PRO A 1 73  ? 3.996   7.684   -4.224  1.00 13.02 ? 73  PRO A C     1 
ATOM   546 O  O     . PRO A 1 73  ? 3.139   6.807   -4.074  1.00 14.86 ? 73  PRO A O     1 
ATOM   547 C  CB    . PRO A 1 73  ? 5.852   6.884   -2.783  1.00 11.30 ? 73  PRO A CB    1 
ATOM   548 C  CG    . PRO A 1 73  ? 6.459   8.113   -2.133  1.00 11.88 ? 73  PRO A CG    1 
ATOM   549 C  CD    . PRO A 1 73  ? 6.979   8.980   -3.271  1.00 10.23 ? 73  PRO A CD    1 
ATOM   550 N  N     . GLY A 1 74  ? 3.680   8.977   -4.378  1.00 12.42 ? 74  GLY A N     1 
ATOM   551 C  CA    . GLY A 1 74  ? 2.295   9.367   -4.356  1.00 12.30 ? 74  GLY A CA    1 
ATOM   552 C  C     . GLY A 1 74  ? 1.733   9.186   -2.944  1.00 15.38 ? 74  GLY A C     1 
ATOM   553 O  O     . GLY A 1 74  ? 2.472   9.080   -1.966  1.00 14.31 ? 74  GLY A O     1 
ATOM   554 N  N     . ALA A 1 75  ? 0.419   9.148   -2.824  1.00 13.44 ? 75  ALA A N     1 
ATOM   555 C  CA    . ALA A 1 75  ? -0.221  9.026   -1.518  1.00 14.22 ? 75  ALA A CA    1 
ATOM   556 C  C     . ALA A 1 75  ? -0.857  7.705   -1.173  1.00 12.05 ? 75  ALA A C     1 
ATOM   557 O  O     . ALA A 1 75  ? -1.211  7.502   -0.021  1.00 16.36 ? 75  ALA A O     1 
ATOM   558 C  CB    . ALA A 1 75  ? -1.362  10.051  -1.450  1.00 14.51 ? 75  ALA A CB    1 
ATOM   559 N  N     . ASP A 1 76  ? -1.036  6.829   -2.148  1.00 9.76  ? 76  ASP A N     1 
ATOM   560 C  CA    . ASP A 1 76  ? -1.707  5.559   -1.946  1.00 7.08  ? 76  ASP A CA    1 
ATOM   561 C  C     . ASP A 1 76  ? -0.788  4.405   -1.640  1.00 10.26 ? 76  ASP A C     1 
ATOM   562 O  O     . ASP A 1 76  ? 0.308   4.343   -2.166  1.00 9.08  ? 76  ASP A O     1 
ATOM   563 C  CB    . ASP A 1 76  ? -2.583  5.240   -3.163  1.00 10.14 ? 76  ASP A CB    1 
ATOM   564 C  CG    . ASP A 1 76  ? -3.456  6.406   -3.524  1.00 19.18 ? 76  ASP A CG    1 
ATOM   565 O  OD1   . ASP A 1 76  ? -3.823  7.221   -2.717  1.00 14.01 ? 76  ASP A OD1   1 
ATOM   566 O  OD2   . ASP A 1 76  ? -3.766  6.456   -4.784  1.00 12.13 ? 76  ASP A OD2   1 
ATOM   567 N  N     . ARG A 1 77  ? -1.266  3.506   -0.790  1.00 11.54 ? 77  ARG A N     1 
ATOM   568 C  CA    . ARG A 1 77  ? -0.499  2.334   -0.378  1.00 11.70 ? 77  ARG A CA    1 
ATOM   569 C  C     . ARG A 1 77  ? -1.329  1.074   -0.240  1.00 11.62 ? 77  ARG A C     1 
ATOM   570 O  O     . ARG A 1 77  ? -2.491  1.092   0.152   1.00 13.45 ? 77  ARG A O     1 
ATOM   571 C  CB    . ARG A 1 77  ? 0.143   2.504   1.018   1.00 9.59  ? 77  ARG A CB    1 
ATOM   572 C  CG    . ARG A 1 77  ? 0.893   3.822   1.255   1.00 7.94  ? 77  ARG A CG    1 
ATOM   573 C  CD    . ARG A 1 77  ? 2.299   3.884   0.661   1.00 11.09 ? 77  ARG A CD    1 
ATOM   574 N  NE    . ARG A 1 77  ? 2.948   5.178   0.897   1.00 11.58 ? 77  ARG A NE    1 
ATOM   575 C  CZ    . ARG A 1 77  ? 2.935   6.186   0.030   1.00 12.51 ? 77  ARG A CZ    1 
ATOM   576 N  NH1   . ARG A 1 77  ? 2.312   6.098   -1.138  1.00 12.60 ? 77  ARG A NH1   1 
ATOM   577 N  NH2   . ARG A 1 77  ? 3.557   7.322   0.323   1.00 10.96 ? 77  ARG A NH2   1 
ATOM   578 N  N     . VAL A 1 78  ? -0.680  -0.043  -0.531  1.00 11.56 ? 78  VAL A N     1 
ATOM   579 C  CA    . VAL A 1 78  ? -1.296  -1.328  -0.333  1.00 10.89 ? 78  VAL A CA    1 
ATOM   580 C  C     . VAL A 1 78  ? -0.643  -1.823  0.959   1.00 12.77 ? 78  VAL A C     1 
ATOM   581 O  O     . VAL A 1 78  ? 0.538   -1.566  1.216   1.00 12.85 ? 78  VAL A O     1 
ATOM   582 C  CB    . VAL A 1 78  ? -1.175  -2.339  -1.485  1.00 25.97 ? 78  VAL A CB    1 
ATOM   583 C  CG1   . VAL A 1 78  ? -1.764  -1.773  -2.766  1.00 34.78 ? 78  VAL A CG1   1 
ATOM   584 C  CG2   . VAL A 1 78  ? 0.256   -2.777  -1.724  1.00 19.62 ? 78  VAL A CG2   1 
ATOM   585 N  N     . VAL A 1 79  ? -1.420  -2.471  1.786   1.00 10.55 ? 79  VAL A N     1 
ATOM   586 C  CA    . VAL A 1 79  ? -0.914  -2.980  3.023   1.00 10.13 ? 79  VAL A CA    1 
ATOM   587 C  C     . VAL A 1 79  ? -1.029  -4.492  3.024   1.00 12.17 ? 79  VAL A C     1 
ATOM   588 O  O     . VAL A 1 79  ? -2.116  -5.044  2.811   1.00 14.85 ? 79  VAL A O     1 
ATOM   589 C  CB    . VAL A 1 79  ? -1.625  -2.385  4.246   1.00 16.86 ? 79  VAL A CB    1 
ATOM   590 C  CG1   . VAL A 1 79  ? -1.059  -3.027  5.523   1.00 16.08 ? 79  VAL A CG1   1 
ATOM   591 C  CG2   . VAL A 1 79  ? -1.399  -0.877  4.295   1.00 14.07 ? 79  VAL A CG2   1 
ATOM   592 N  N     . PHE A 1 80  ? 0.103   -5.161  3.279   1.00 13.92 ? 80  PHE A N     1 
ATOM   593 C  CA    . PHE A 1 80  ? 0.118   -6.615  3.323   1.00 10.00 ? 80  PHE A CA    1 
ATOM   594 C  C     . PHE A 1 80  ? 0.832   -7.140  4.589   1.00 13.61 ? 80  PHE A C     1 
ATOM   595 O  O     . PHE A 1 80  ? 1.604   -6.436  5.253   1.00 12.87 ? 80  PHE A O     1 
ATOM   596 C  CB    . PHE A 1 80  ? 0.694   -7.220  2.010   1.00 14.67 ? 80  PHE A CB    1 
ATOM   597 C  CG    . PHE A 1 80  ? 2.112   -6.782  1.708   1.00 15.00 ? 80  PHE A CG    1 
ATOM   598 C  CD1   . PHE A 1 80  ? 3.190   -7.442  2.300   1.00 13.62 ? 80  PHE A CD1   1 
ATOM   599 C  CD2   . PHE A 1 80  ? 2.377   -5.731  0.829   1.00 15.40 ? 80  PHE A CD2   1 
ATOM   600 C  CE1   . PHE A 1 80  ? 4.508   -7.065  2.049   1.00 11.52 ? 80  PHE A CE1   1 
ATOM   601 C  CE2   . PHE A 1 80  ? 3.691   -5.345  0.558   1.00 15.56 ? 80  PHE A CE2   1 
ATOM   602 C  CZ    . PHE A 1 80  ? 4.752   -6.013  1.171   1.00 19.24 ? 80  PHE A CZ    1 
ATOM   603 N  N     . ASN A 1 81  ? 0.582   -8.398  4.940   1.00 12.18 ? 81  ASN A N     1 
ATOM   604 C  CA    . ASN A 1 81  ? 1.230   -8.957  6.120   1.00 14.28 ? 81  ASN A CA    1 
ATOM   605 C  C     . ASN A 1 81  ? 2.395   -9.914  5.797   1.00 20.75 ? 81  ASN A C     1 
ATOM   606 O  O     . ASN A 1 81  ? 2.729   -10.175 4.638   1.00 14.93 ? 81  ASN A O     1 
ATOM   607 C  CB    . ASN A 1 81  ? 0.234   -9.544  7.145   1.00 16.85 ? 81  ASN A CB    1 
ATOM   608 C  CG    . ASN A 1 81  ? -0.344  -10.875 6.690   1.00 15.62 ? 81  ASN A CG    1 
ATOM   609 O  OD1   . ASN A 1 81  ? 0.039   -11.420 5.638   1.00 16.61 ? 81  ASN A OD1   1 
ATOM   610 N  ND2   . ASN A 1 81  ? -1.252  -11.410 7.492   1.00 24.18 ? 81  ASN A ND2   1 
ATOM   611 N  N     . GLU A 1 82  ? 3.026   -10.427 6.846   1.00 16.93 ? 82  GLU A N     1 
ATOM   612 C  CA    . GLU A 1 82  ? 4.163   -11.323 6.709   1.00 19.72 ? 82  GLU A CA    1 
ATOM   613 C  C     . GLU A 1 82  ? 3.894   -12.529 5.832   1.00 20.45 ? 82  GLU A C     1 
ATOM   614 O  O     . GLU A 1 82  ? 4.801   -13.108 5.251   1.00 23.70 ? 82  GLU A O     1 
ATOM   615 C  CB    . GLU A 1 82  ? 4.630   -11.778 8.105   1.00 15.73 ? 82  GLU A CB    1 
ATOM   616 C  CG    . GLU A 1 82  ? 6.101   -12.188 8.162   1.00 13.25 ? 82  GLU A CG    1 
ATOM   617 C  CD    . GLU A 1 82  ? 7.083   -11.049 7.973   1.00 23.59 ? 82  GLU A CD    1 
ATOM   618 O  OE1   . GLU A 1 82  ? 7.003   -10.126 8.880   1.00 23.15 ? 82  GLU A OE1   1 
ATOM   619 O  OE2   . GLU A 1 82  ? 7.889   -11.002 7.073   1.00 27.02 ? 82  GLU A OE2   1 
ATOM   620 N  N     . ASN A 1 83  ? 2.624   -12.916 5.758   1.00 16.85 ? 83  ASN A N     1 
ATOM   621 C  CA    . ASN A 1 83  ? 2.191   -14.065 4.990   1.00 17.71 ? 83  ASN A CA    1 
ATOM   622 C  C     . ASN A 1 83  ? 1.677   -13.702 3.609   1.00 16.65 ? 83  ASN A C     1 
ATOM   623 O  O     . ASN A 1 83  ? 0.994   -14.497 2.971   1.00 16.55 ? 83  ASN A O     1 
ATOM   624 C  CB    . ASN A 1 83  ? 1.073   -14.811 5.750   1.00 22.75 ? 83  ASN A CB    1 
ATOM   625 N  N     . ASN A 1 84  ? 1.978   -12.498 3.146   1.00 12.27 ? 84  ASN A N     1 
ATOM   626 C  CA    . ASN A 1 84  ? 1.513   -12.104 1.832   1.00 12.03 ? 84  ASN A CA    1 
ATOM   627 C  C     . ASN A 1 84  ? -0.010  -12.079 1.706   1.00 20.37 ? 84  ASN A C     1 
ATOM   628 O  O     . ASN A 1 84  ? -0.570  -12.443 0.675   1.00 18.60 ? 84  ASN A O     1 
ATOM   629 C  CB    . ASN A 1 84  ? 2.113   -12.993 0.733   1.00 15.81 ? 84  ASN A CB    1 
ATOM   630 C  CG    . ASN A 1 84  ? 2.013   -12.363 -0.642  1.00 21.14 ? 84  ASN A CG    1 
ATOM   631 O  OD1   . ASN A 1 84  ? 1.667   -11.092 -0.690  1.00 18.32 ? 84  ASN A OD1   1 
ATOM   632 N  ND2   . ASN A 1 84  ? 2.274   -13.009 -1.650  1.00 42.17 ? 84  ASN A ND2   1 
ATOM   633 N  N     . GLN A 1 85  ? -0.687  -11.662 2.761   1.00 17.22 ? 85  GLN A N     1 
ATOM   634 C  CA    . GLN A 1 85  ? -2.131  -11.567 2.727   1.00 14.83 ? 85  GLN A CA    1 
ATOM   635 C  C     . GLN A 1 85  ? -2.460  -10.093 2.666   1.00 17.57 ? 85  GLN A C     1 
ATOM   636 O  O     . GLN A 1 85  ? -1.828  -9.295  3.362   1.00 14.74 ? 85  GLN A O     1 
ATOM   637 C  CB    . GLN A 1 85  ? -2.819  -12.142 3.976   1.00 18.95 ? 85  GLN A CB    1 
ATOM   638 C  CG    . GLN A 1 85  ? -2.637  -13.654 4.187   0.50 6.59  ? 85  GLN A CG    1 
ATOM   639 C  CD    . GLN A 1 85  ? -3.349  -14.067 5.454   0.50 16.71 ? 85  GLN A CD    1 
ATOM   640 O  OE1   . GLN A 1 85  ? -2.817  -13.923 6.564   0.50 15.64 ? 85  GLN A OE1   1 
ATOM   641 N  NE2   . GLN A 1 85  ? -4.575  -14.538 5.294   0.50 22.19 ? 85  GLN A NE2   1 
ATOM   642 N  N     . LEU A 1 86  ? -3.448  -9.732  1.846   1.00 14.68 ? 86  LEU A N     1 
ATOM   643 C  CA    . LEU A 1 86  ? -3.846  -8.336  1.721   1.00 14.57 ? 86  LEU A CA    1 
ATOM   644 C  C     . LEU A 1 86  ? -4.567  -7.871  2.967   1.00 17.47 ? 86  LEU A C     1 
ATOM   645 O  O     . LEU A 1 86  ? -5.564  -8.459  3.372   1.00 16.49 ? 86  LEU A O     1 
ATOM   646 C  CB    . LEU A 1 86  ? -4.757  -8.118  0.485   1.00 12.45 ? 86  LEU A CB    1 
ATOM   647 C  CG    . LEU A 1 86  ? -5.189  -6.668  0.242   1.00 18.59 ? 86  LEU A CG    1 
ATOM   648 C  CD1   . LEU A 1 86  ? -3.998  -5.828  -0.219  1.00 14.46 ? 86  LEU A CD1   1 
ATOM   649 C  CD2   . LEU A 1 86  ? -6.265  -6.641  -0.845  1.00 24.76 ? 86  LEU A CD2   1 
ATOM   650 N  N     . ALA A 1 87  ? -4.065  -6.807  3.569   1.00 13.88 ? 87  ALA A N     1 
ATOM   651 C  CA    . ALA A 1 87  ? -4.698  -6.273  4.746   1.00 19.74 ? 87  ALA A CA    1 
ATOM   652 C  C     . ALA A 1 87  ? -5.675  -5.174  4.337   1.00 22.68 ? 87  ALA A C     1 
ATOM   653 O  O     . ALA A 1 87  ? -6.814  -5.094  4.833   1.00 14.55 ? 87  ALA A O     1 
ATOM   654 C  CB    . ALA A 1 87  ? -3.672  -5.765  5.752   1.00 17.66 ? 87  ALA A CB    1 
ATOM   655 N  N     . GLY A 1 88  ? -5.225  -4.332  3.413   1.00 14.59 ? 88  GLY A N     1 
ATOM   656 C  CA    . GLY A 1 88  ? -6.069  -3.240  2.939   1.00 22.61 ? 88  GLY A CA    1 
ATOM   657 C  C     . GLY A 1 88  ? -5.367  -2.250  2.011   1.00 21.80 ? 88  GLY A C     1 
ATOM   658 O  O     . GLY A 1 88  ? -4.176  -2.377  1.731   1.00 15.76 ? 88  GLY A O     1 
ATOM   659 N  N     . VAL A 1 89  ? -6.159  -1.266  1.531   1.00 14.48 ? 89  VAL A N     1 
ATOM   660 C  CA    . VAL A 1 89  ? -5.705  -0.211  0.644   1.00 17.58 ? 89  VAL A CA    1 
ATOM   661 C  C     . VAL A 1 89  ? -5.987  1.121   1.353   1.00 11.57 ? 89  VAL A C     1 
ATOM   662 O  O     . VAL A 1 89  ? -7.131  1.413   1.683   1.00 13.63 ? 89  VAL A O     1 
ATOM   663 C  CB    . VAL A 1 89  ? -6.356  -0.310  -0.748  1.00 16.79 ? 89  VAL A CB    1 
ATOM   664 C  CG1   . VAL A 1 89  ? -5.716  0.726   -1.668  1.00 15.82 ? 89  VAL A CG1   1 
ATOM   665 C  CG2   . VAL A 1 89  ? -6.145  -1.714  -1.324  1.00 14.62 ? 89  VAL A CG2   1 
ATOM   666 N  N     . ILE A 1 90  ? -4.934  1.898   1.632   1.00 10.19 ? 90  ILE A N     1 
ATOM   667 C  CA    . ILE A 1 90  ? -5.075  3.163   2.350   1.00 9.78  ? 90  ILE A CA    1 
ATOM   668 C  C     . ILE A 1 90  ? -4.415  4.328   1.634   1.00 10.89 ? 90  ILE A C     1 
ATOM   669 O  O     . ILE A 1 90  ? -3.632  4.150   0.710   1.00 13.85 ? 90  ILE A O     1 
ATOM   670 C  CB    . ILE A 1 90  ? -4.485  3.039   3.771   1.00 12.59 ? 90  ILE A CB    1 
ATOM   671 C  CG1   . ILE A 1 90  ? -2.977  2.736   3.662   1.00 15.78 ? 90  ILE A CG1   1 
ATOM   672 C  CG2   . ILE A 1 90  ? -5.217  1.947   4.550   1.00 9.85  ? 90  ILE A CG2   1 
ATOM   673 C  CD1   . ILE A 1 90  ? -2.212  2.715   4.986   1.00 13.66 ? 90  ILE A CD1   1 
ATOM   674 N  N     . THR A 1 91  ? -4.724  5.538   2.079   1.00 9.33  ? 91  THR A N     1 
ATOM   675 C  CA    . THR A 1 91  ? -4.153  6.721   1.448   1.00 10.39 ? 91  THR A CA    1 
ATOM   676 C  C     . THR A 1 91  ? -3.905  7.881   2.403   1.00 12.32 ? 91  THR A C     1 
ATOM   677 O  O     . THR A 1 91  ? -4.580  8.055   3.419   1.00 11.25 ? 91  THR A O     1 
ATOM   678 C  CB    . THR A 1 91  ? -5.042  7.214   0.257   1.00 16.87 ? 91  THR A CB    1 
ATOM   679 O  OG1   . THR A 1 91  ? -4.426  8.294   -0.430  1.00 12.97 ? 91  THR A OG1   1 
ATOM   680 C  CG2   . THR A 1 91  ? -6.418  7.669   0.749   1.00 9.20  ? 91  THR A CG2   1 
ATOM   681 N  N     . HIS A 1 92  ? -2.917  8.691   2.050   1.00 13.94 ? 92  HIS A N     1 
ATOM   682 C  CA    . HIS A 1 92  ? -2.612  9.871   2.819   1.00 7.77  ? 92  HIS A CA    1 
ATOM   683 C  C     . HIS A 1 92  ? -3.601  10.979  2.369   1.00 13.93 ? 92  HIS A C     1 
ATOM   684 O  O     . HIS A 1 92  ? -3.838  11.964  3.058   1.00 13.42 ? 92  HIS A O     1 
ATOM   685 C  CB    . HIS A 1 92  ? -1.191  10.387  2.543   1.00 9.81  ? 92  HIS A CB    1 
ATOM   686 C  CG    . HIS A 1 92  ? -0.102  9.558   3.149   1.00 13.79 ? 92  HIS A CG    1 
ATOM   687 N  ND1   . HIS A 1 92  ? -0.052  9.302   4.500   1.00 15.32 ? 92  HIS A ND1   1 
ATOM   688 C  CD2   . HIS A 1 92  ? 0.968   8.965   2.564   1.00 13.50 ? 92  HIS A CD2   1 
ATOM   689 C  CE1   . HIS A 1 92  ? 1.022   8.555   4.713   1.00 19.58 ? 92  HIS A CE1   1 
ATOM   690 N  NE2   . HIS A 1 92  ? 1.661   8.339   3.571   1.00 15.87 ? 92  HIS A NE2   1 
ATOM   691 N  N     . THR A 1 93  ? -4.189  10.812  1.182   1.00 10.58 ? 93  THR A N     1 
ATOM   692 C  CA    . THR A 1 93  ? -5.123  11.804  0.650   1.00 9.19  ? 93  THR A CA    1 
ATOM   693 C  C     . THR A 1 93  ? -6.327  12.031  1.552   1.00 14.53 ? 93  THR A C     1 
ATOM   694 O  O     . THR A 1 93  ? -7.053  11.101  1.862   1.00 14.23 ? 93  THR A O     1 
ATOM   695 C  CB    . THR A 1 93  ? -5.572  11.437  -0.785  1.00 12.19 ? 93  THR A CB    1 
ATOM   696 O  OG1   . THR A 1 93  ? -4.432  11.453  -1.596  1.00 16.83 ? 93  THR A OG1   1 
ATOM   697 C  CG2   . THR A 1 93  ? -6.608  12.449  -1.315  1.00 14.56 ? 93  THR A CG2   1 
ATOM   698 N  N     . GLY A 1 94  ? -6.556  13.279  1.970   1.00 11.52 ? 94  GLY A N     1 
ATOM   699 C  CA    . GLY A 1 94  ? -7.703  13.562  2.839   1.00 11.71 ? 94  GLY A CA    1 
ATOM   700 C  C     . GLY A 1 94  ? -7.459  13.319  4.339   1.00 11.52 ? 94  GLY A C     1 
ATOM   701 O  O     . GLY A 1 94  ? -8.377  13.414  5.150   1.00 13.80 ? 94  GLY A O     1 
ATOM   702 N  N     . ALA A 1 95  ? -6.214  13.012  4.707   1.00 14.89 ? 95  ALA A N     1 
ATOM   703 C  CA    . ALA A 1 95  ? -5.809  12.797  6.093   1.00 12.37 ? 95  ALA A CA    1 
ATOM   704 C  C     . ALA A 1 95  ? -4.782  13.850  6.446   1.00 16.68 ? 95  ALA A C     1 
ATOM   705 O  O     . ALA A 1 95  ? -4.040  14.303  5.582   1.00 13.21 ? 95  ALA A O     1 
ATOM   706 C  CB    . ALA A 1 95  ? -5.223  11.404  6.336   1.00 12.06 ? 95  ALA A CB    1 
ATOM   707 N  N     . SER A 1 96  ? -4.724  14.259  7.699   1.00 13.72 ? 96  SER A N     1 
ATOM   708 C  CA    . SER A 1 96  ? -3.734  15.255  8.014   1.00 15.54 ? 96  SER A CA    1 
ATOM   709 C  C     . SER A 1 96  ? -2.338  14.664  8.122   1.00 18.07 ? 96  SER A C     1 
ATOM   710 O  O     . SER A 1 96  ? -2.152  13.527  8.575   1.00 17.08 ? 96  SER A O     1 
ATOM   711 C  CB    . SER A 1 96  ? -4.086  16.058  9.252   1.00 37.65 ? 96  SER A CB    1 
ATOM   712 O  OG    . SER A 1 96  ? -3.886  15.272  10.401  1.00 48.87 ? 96  SER A OG    1 
ATOM   713 N  N     . GLY A 1 97  ? -1.364  15.467  7.703   1.00 18.82 ? 97  GLY A N     1 
ATOM   714 C  CA    . GLY A 1 97  ? 0.037   15.087  7.750   1.00 27.34 ? 97  GLY A CA    1 
ATOM   715 C  C     . GLY A 1 97  ? 0.358   13.756  7.086   1.00 34.81 ? 97  GLY A C     1 
ATOM   716 O  O     . GLY A 1 97  ? 0.026   13.528  5.921   1.00 28.63 ? 97  GLY A O     1 
ATOM   717 N  N     . ASN A 1 98  ? 1.025   12.892  7.844   1.00 18.47 ? 98  ASN A N     1 
ATOM   718 C  CA    . ASN A 1 98  ? 1.415   11.594  7.350   1.00 22.67 ? 98  ASN A CA    1 
ATOM   719 C  C     . ASN A 1 98  ? 0.457   10.514  7.787   1.00 18.35 ? 98  ASN A C     1 
ATOM   720 O  O     . ASN A 1 98  ? 0.772   9.322   7.690   1.00 16.44 ? 98  ASN A O     1 
ATOM   721 N  N     . ASN A 1 99  ? -0.713  10.927  8.276   1.00 12.17 ? 99  ASN A N     1 
ATOM   722 C  CA    . ASN A 1 99  ? -1.694  9.953   8.688   1.00 10.58 ? 99  ASN A CA    1 
ATOM   723 C  C     . ASN A 1 99  ? -2.365  9.368   7.458   1.00 13.87 ? 99  ASN A C     1 
ATOM   724 O  O     . ASN A 1 99  ? -2.013  9.744   6.340   1.00 15.95 ? 99  ASN A O     1 
ATOM   725 C  CB    . ASN A 1 99  ? -2.720  10.542  9.644   1.00 17.31 ? 99  ASN A CB    1 
ATOM   726 C  CG    . ASN A 1 99  ? -2.027  10.942  10.923  1.00 49.11 ? 99  ASN A CG    1 
ATOM   727 O  OD1   . ASN A 1 99  ? -1.963  12.240  11.192  1.00 27.59 ? 99  ASN A OD1   1 
ATOM   728 N  ND2   . ASN A 1 99  ? -1.515  10.085  11.638  1.00 27.16 ? 99  ASN A ND2   1 
ATOM   729 N  N     . PHE A 1 100 ? -3.313  8.447   7.682   1.00 16.47 ? 100 PHE A N     1 
ATOM   730 C  CA    . PHE A 1 100 ? -4.039  7.798   6.601   1.00 15.97 ? 100 PHE A CA    1 
ATOM   731 C  C     . PHE A 1 100 ? -5.539  7.699   6.853   1.00 14.91 ? 100 PHE A C     1 
ATOM   732 O  O     . PHE A 1 100 ? -6.048  7.885   7.954   1.00 13.82 ? 100 PHE A O     1 
ATOM   733 C  CB    . PHE A 1 100 ? -3.597  6.310   6.487   1.00 18.11 ? 100 PHE A CB    1 
ATOM   734 C  CG    . PHE A 1 100 ? -2.198  6.080   5.996   1.00 17.15 ? 100 PHE A CG    1 
ATOM   735 C  CD1   . PHE A 1 100 ? -1.914  5.970   4.632   1.00 15.11 ? 100 PHE A CD1   1 
ATOM   736 C  CD2   . PHE A 1 100 ? -1.152  5.972   6.910   1.00 19.69 ? 100 PHE A CD2   1 
ATOM   737 C  CE1   . PHE A 1 100 ? -0.614  5.753   4.170   1.00 15.13 ? 100 PHE A CE1   1 
ATOM   738 C  CE2   . PHE A 1 100 ? 0.152   5.761   6.464   1.00 13.54 ? 100 PHE A CE2   1 
ATOM   739 C  CZ    . PHE A 1 100 ? 0.420   5.642   5.100   1.00 16.28 ? 100 PHE A CZ    1 
ATOM   740 N  N     . VAL A 1 101 ? -6.219  7.332   5.766   1.00 12.85 ? 101 VAL A N     1 
ATOM   741 C  CA    . VAL A 1 101 ? -7.624  7.037   5.719   1.00 12.31 ? 101 VAL A CA    1 
ATOM   742 C  C     . VAL A 1 101 ? -7.722  5.826   4.820   1.00 18.65 ? 101 VAL A C     1 
ATOM   743 O  O     . VAL A 1 101 ? -6.842  5.588   3.996   1.00 11.65 ? 101 VAL A O     1 
ATOM   744 C  CB    . VAL A 1 101 ? -8.597  8.132   5.260   1.00 19.47 ? 101 VAL A CB    1 
ATOM   745 C  CG1   . VAL A 1 101 ? -8.490  9.372   6.147   1.00 22.24 ? 101 VAL A CG1   1 
ATOM   746 C  CG2   . VAL A 1 101 ? -8.366  8.461   3.794   1.00 12.83 ? 101 VAL A CG2   1 
ATOM   747 N  N     . GLU A 1 102 ? -8.770  5.054   4.974   1.00 15.25 ? 102 GLU A N     1 
ATOM   748 C  CA    . GLU A 1 102 ? -8.892  3.891   4.136   1.00 14.12 ? 102 GLU A CA    1 
ATOM   749 C  C     . GLU A 1 102 ? -9.489  4.255   2.808   1.00 18.91 ? 102 GLU A C     1 
ATOM   750 O  O     . GLU A 1 102 ? -10.308 5.163   2.714   1.00 16.84 ? 102 GLU A O     1 
ATOM   751 C  CB    . GLU A 1 102 ? -9.782  2.806   4.775   1.00 18.00 ? 102 GLU A CB    1 
ATOM   752 C  CG    . GLU A 1 102 ? -9.244  2.317   6.129   1.00 44.54 ? 102 GLU A CG    1 
ATOM   753 C  CD    . GLU A 1 102 ? -10.063 1.207   6.723   1.00 52.92 ? 102 GLU A CD    1 
ATOM   754 O  OE1   . GLU A 1 102 ? -9.954  0.042   6.392   1.00 42.60 ? 102 GLU A OE1   1 
ATOM   755 O  OE2   . GLU A 1 102 ? -10.913 1.639   7.620   1.00 37.59 ? 102 GLU A OE2   1 
ATOM   756 N  N     . CYS A 1 103 ? -9.074  3.531   1.786   1.00 16.51 ? 103 CYS A N     1 
ATOM   757 C  CA    . CYS A 1 103 ? -9.633  3.759   0.476   1.00 14.59 ? 103 CYS A CA    1 
ATOM   758 C  C     . CYS A 1 103 ? -10.993 3.116   0.510   1.00 20.47 ? 103 CYS A C     1 
ATOM   759 O  O     . CYS A 1 103 ? -11.187 2.153   1.249   1.00 27.86 ? 103 CYS A O     1 
ATOM   760 C  CB    . CYS A 1 103 ? -8.739  3.168   -0.601  1.00 13.50 ? 103 CYS A CB    1 
ATOM   761 S  SG    . CYS A 1 103 ? -7.218  4.123   -0.647  1.00 14.14 ? 103 CYS A SG    1 
ATOM   762 N  N     . THR A 1 104 ? -11.933 3.642   -0.256  1.00 21.98 ? 104 THR A N     1 
ATOM   763 C  CA    . THR A 1 104 ? -13.274 3.102   -0.239  1.00 22.52 ? 104 THR A CA    1 
ATOM   764 C  C     . THR A 1 104 ? -13.644 2.270   -1.449  1.00 24.47 ? 104 THR A C     1 
ATOM   765 O  O     . THR A 1 104 ? -14.721 1.639   -1.369  1.00 30.17 ? 104 THR A O     1 
ATOM   766 C  CB    . THR A 1 104 ? -14.301 4.230   -0.044  1.00 27.49 ? 104 THR A CB    1 
ATOM   767 O  OG1   . THR A 1 104 ? -14.156 5.175   -1.084  1.00 32.69 ? 104 THR A OG1   1 
ATOM   768 C  CG2   . THR A 1 104 ? -14.075 4.900   1.305   1.00 31.47 ? 104 THR A CG2   1 
ATOM   769 O  OXT   . THR A 1 104 ? -12.872 2.248   -2.426  1.00 23.27 ? 104 THR A OXT   1 
HETATM 770 CA CA    . CA  B 2 .   ? -5.515  0.453   -13.359 1.00 16.74 ? 106 CA  A CA    1 
HETATM 771 P  P     . 2AM C 3 .   ? 4.602   6.604   4.384   1.00 15.70 ? 105 2AM A P     1 
HETATM 772 O  O1P   . 2AM C 3 .   ? 3.862   5.795   5.416   1.00 18.43 ? 105 2AM A O1P   1 
HETATM 773 O  O2P   . 2AM C 3 .   ? 5.954   6.054   4.069   1.00 17.89 ? 105 2AM A O2P   1 
HETATM 774 O  O3P   . 2AM C 3 .   ? 3.797   6.902   3.147   1.00 21.88 ? 105 2AM A O3P   1 
HETATM 775 C  "C5'" . 2AM C 3 .   ? 8.690   10.668  5.094   1.00 33.70 ? 105 2AM A "C5'" 1 
HETATM 776 O  "O5'" . 2AM C 3 .   ? 8.689   10.418  3.684   1.00 60.00 ? 105 2AM A "O5'" 1 
HETATM 777 C  "C4'" . 2AM C 3 .   ? 7.270   10.648  5.618   1.00 30.64 ? 105 2AM A "C4'" 1 
HETATM 778 O  "O4'" . 2AM C 3 .   ? 6.364   11.193  4.609   1.00 29.41 ? 105 2AM A "O4'" 1 
HETATM 779 C  "C3'" . 2AM C 3 .   ? 6.725   9.259   5.939   1.00 29.90 ? 105 2AM A "C3'" 1 
HETATM 780 O  "O3'" . 2AM C 3 .   ? 5.946   9.351   7.118   1.00 25.74 ? 105 2AM A "O3'" 1 
HETATM 781 C  "C2'" . 2AM C 3 .   ? 5.824   8.954   4.731   1.00 24.90 ? 105 2AM A "C2'" 1 
HETATM 782 O  "O2'" . 2AM C 3 .   ? 4.820   8.025   5.093   1.00 16.62 ? 105 2AM A "O2'" 1 
HETATM 783 C  "C1'" . 2AM C 3 .   ? 5.238   10.353  4.524   1.00 24.23 ? 105 2AM A "C1'" 1 
HETATM 784 N  N9    . 2AM C 3 .   ? 4.599   10.602  3.237   1.00 25.01 ? 105 2AM A N9    1 
HETATM 785 C  C8    . 2AM C 3 .   ? 5.137   10.138  2.069   1.00 22.51 ? 105 2AM A C8    1 
HETATM 786 N  N7    . 2AM C 3 .   ? 4.441   10.481  0.990   1.00 20.14 ? 105 2AM A N7    1 
HETATM 787 C  C5    . 2AM C 3 .   ? 3.373   11.217  1.501   1.00 20.23 ? 105 2AM A C5    1 
HETATM 788 C  C6    . 2AM C 3 .   ? 2.274   11.846  0.873   1.00 26.08 ? 105 2AM A C6    1 
HETATM 789 N  N6    . 2AM C 3 .   ? 2.083   11.794  -0.455  1.00 26.92 ? 105 2AM A N6    1 
HETATM 790 N  N1    . 2AM C 3 .   ? 1.394   12.506  1.658   1.00 19.23 ? 105 2AM A N1    1 
HETATM 791 C  C2    . 2AM C 3 .   ? 1.596   12.520  2.983   1.00 25.61 ? 105 2AM A C2    1 
HETATM 792 N  N3    . 2AM C 3 .   ? 2.586   11.958  3.691   1.00 27.14 ? 105 2AM A N3    1 
HETATM 793 C  C4    . 2AM C 3 .   ? 3.457   11.322  2.883   1.00 25.04 ? 105 2AM A C4    1 
HETATM 794 O  O     . HOH D 4 .   ? 0.392   6.514   -4.851  1.00 9.53  ? 107 HOH A O     1 
HETATM 795 O  O     . HOH D 4 .   ? 1.302   0.323   -8.748  1.00 14.06 ? 108 HOH A O     1 
HETATM 796 O  O     . HOH D 4 .   ? -0.750  -1.530  -9.592  1.00 12.99 ? 109 HOH A O     1 
HETATM 797 O  O     . HOH D 4 .   ? -7.351  1.900   -12.679 1.00 14.24 ? 110 HOH A O     1 
HETATM 798 O  O     . HOH D 4 .   ? -0.589  7.671   -7.279  1.00 15.73 ? 111 HOH A O     1 
HETATM 799 O  O     . HOH D 4 .   ? 3.467   -0.459  -7.040  1.00 11.99 ? 112 HOH A O     1 
HETATM 800 O  O     . HOH D 4 .   ? 3.121   -4.019  11.823  1.00 19.33 ? 113 HOH A O     1 
HETATM 801 O  O     . HOH D 4 .   ? -4.000  1.878   -11.888 1.00 13.45 ? 114 HOH A O     1 
HETATM 802 O  O     . HOH D 4 .   ? -6.881  -1.465  -13.782 1.00 18.30 ? 115 HOH A O     1 
HETATM 803 O  O     . HOH D 4 .   ? -6.654  0.946   -15.537 1.00 17.41 ? 116 HOH A O     1 
HETATM 804 O  O     . HOH D 4 .   ? 12.204  -1.421  4.961   1.00 27.40 ? 117 HOH A O     1 
HETATM 805 O  O     . HOH D 4 .   ? -2.243  0.942   -9.981  1.00 15.39 ? 118 HOH A O     1 
HETATM 806 O  O     . HOH D 4 .   ? 1.097   7.509   -10.672 1.00 16.71 ? 119 HOH A O     1 
HETATM 807 O  O     . HOH D 4 .   ? -5.803  5.393   -10.887 1.00 38.47 ? 120 HOH A O     1 
HETATM 808 O  O     . HOH D 4 .   ? 2.705   3.210   10.416  1.00 31.09 ? 121 HOH A O     1 
HETATM 809 O  O     . HOH D 4 .   ? 5.250   -12.122 -4.800  1.00 33.83 ? 122 HOH A O     1 
HETATM 810 O  O     . HOH D 4 .   ? -3.835  2.638   11.338  1.00 23.90 ? 123 HOH A O     1 
HETATM 811 O  O     . HOH D 4 .   ? -9.527  10.195  0.828   1.00 20.12 ? 124 HOH A O     1 
HETATM 812 O  O     . HOH D 4 .   ? 15.740  2.034   -0.249  1.00 18.02 ? 125 HOH A O     1 
HETATM 813 O  O     . HOH D 4 .   ? 12.374  -5.358  2.486   1.00 17.86 ? 126 HOH A O     1 
HETATM 814 O  O     . HOH D 4 .   ? -16.329 3.845   -9.320  1.00 22.37 ? 127 HOH A O     1 
HETATM 815 O  O     . HOH D 4 .   ? 10.144  -5.244  3.872   1.00 20.92 ? 128 HOH A O     1 
HETATM 816 O  O     . HOH D 4 .   ? 12.815  8.572   -3.938  1.00 24.81 ? 129 HOH A O     1 
HETATM 817 O  O     . HOH D 4 .   ? -14.350 2.227   -4.974  1.00 23.56 ? 130 HOH A O     1 
HETATM 818 O  O     . HOH D 4 .   ? 8.462   4.896   -9.352  1.00 24.39 ? 131 HOH A O     1 
HETATM 819 O  O     . HOH D 4 .   ? -9.882  5.164   12.757  1.00 29.53 ? 132 HOH A O     1 
HETATM 820 O  O     . HOH D 4 .   ? -4.805  5.408   18.385  1.00 11.34 ? 133 HOH A O     1 
HETATM 821 O  O     . HOH D 4 .   ? -9.386  -6.506  -11.693 1.00 23.80 ? 134 HOH A O     1 
HETATM 822 O  O     . HOH D 4 .   ? 10.411  6.982   -1.569  1.00 19.58 ? 135 HOH A O     1 
HETATM 823 O  O     . HOH D 4 .   ? -12.366 -1.941  -11.031 1.00 20.15 ? 136 HOH A O     1 
HETATM 824 O  O     . HOH D 4 .   ? -4.556  -3.852  -13.810 1.00 23.53 ? 137 HOH A O     1 
HETATM 825 O  O     . HOH D 4 .   ? 12.523  -8.069  4.576   1.00 20.02 ? 138 HOH A O     1 
HETATM 826 O  O     . HOH D 4 .   ? -1.457  -2.131  -12.259 1.00 21.76 ? 139 HOH A O     1 
HETATM 827 O  O     . HOH D 4 .   ? -1.848  5.642   9.871   1.00 36.20 ? 140 HOH A O     1 
HETATM 828 O  O     . HOH D 4 .   ? -4.926  9.466   -3.555  1.00 20.93 ? 141 HOH A O     1 
HETATM 829 O  O     . HOH D 4 .   ? -8.144  -6.980  6.151   1.00 29.78 ? 142 HOH A O     1 
HETATM 830 O  O     . HOH D 4 .   ? -6.445  11.672  -5.136  1.00 32.83 ? 143 HOH A O     1 
HETATM 831 O  O     . HOH D 4 .   ? -1.230  13.599  1.218   1.00 27.10 ? 144 HOH A O     1 
HETATM 832 O  O     . HOH D 4 .   ? -3.949  -0.377  -14.953 1.00 24.51 ? 145 HOH A O     1 
HETATM 833 O  O     . HOH D 4 .   ? -7.575  6.797   -11.388 1.00 26.30 ? 146 HOH A O     1 
HETATM 834 O  O     . HOH D 4 .   ? 10.460  -1.280  8.081   1.00 29.36 ? 147 HOH A O     1 
HETATM 835 O  O     . HOH D 4 .   ? -6.168  9.884   -11.153 1.00 27.79 ? 148 HOH A O     1 
HETATM 836 O  O     . HOH D 4 .   ? 7.976   10.696  0.174   1.00 34.66 ? 149 HOH A O     1 
HETATM 837 O  O     . HOH D 4 .   ? -2.644  13.836  -1.339  1.00 34.49 ? 150 HOH A O     1 
HETATM 838 O  O     . HOH D 4 .   ? 6.986   -14.107 -4.141  1.00 32.89 ? 151 HOH A O     1 
HETATM 839 O  O     . HOH D 4 .   ? 2.326   -3.267  14.274  1.00 41.30 ? 152 HOH A O     1 
HETATM 840 O  O     . HOH D 4 .   ? -8.978  -1.360  2.116   1.00 34.14 ? 153 HOH A O     1 
HETATM 841 O  O     . HOH D 4 .   ? 10.538  -10.325 8.368   1.00 36.12 ? 154 HOH A O     1 
HETATM 842 O  O     . HOH D 4 .   ? 1.739   7.044   9.163   1.00 33.44 ? 155 HOH A O     1 
HETATM 843 O  O     . HOH D 4 .   ? -10.472 7.769   0.359   1.00 35.13 ? 156 HOH A O     1 
HETATM 844 O  O     . HOH D 4 .   ? 18.315  -8.982  -2.047  1.00 32.27 ? 157 HOH A O     1 
HETATM 845 O  O     . HOH D 4 .   ? -1.287  9.869   -5.038  1.00 29.29 ? 158 HOH A O     1 
HETATM 846 O  O     . HOH D 4 .   ? 0.619   13.585  -2.206  1.00 34.54 ? 159 HOH A O     1 
HETATM 847 O  O     . HOH D 4 .   ? -12.796 9.535   -2.320  1.00 35.93 ? 160 HOH A O     1 
HETATM 848 O  O     . HOH D 4 .   ? 8.614   12.432  2.562   1.00 28.50 ? 161 HOH A O     1 
HETATM 849 O  O     . HOH D 4 .   ? 2.069   -2.565  -14.544 1.00 40.81 ? 162 HOH A O     1 
HETATM 850 O  O     . HOH D 4 .   ? -10.560 -0.523  16.274  1.00 42.30 ? 163 HOH A O     1 
HETATM 851 O  O     . HOH D 4 .   ? 12.400  0.559   6.607   1.00 41.13 ? 164 HOH A O     1 
HETATM 852 O  O     . HOH D 4 .   ? -15.265 5.423   -7.312  1.00 41.50 ? 165 HOH A O     1 
HETATM 853 O  O     . HOH D 4 .   ? -7.114  -10.494 2.582   1.00 42.06 ? 166 HOH A O     1 
HETATM 854 O  O     . HOH D 4 .   ? -2.105  -4.991  -13.312 1.00 50.58 ? 167 HOH A O     1 
HETATM 855 O  O     . HOH D 4 .   ? 2.745   11.361  9.775   1.00 46.88 ? 168 HOH A O     1 
HETATM 856 O  O     . HOH D 4 .   ? -7.011  -9.957  -8.799  1.00 44.37 ? 169 HOH A O     1 
HETATM 857 O  O     . HOH D 4 .   ? -0.877  -10.781 -5.067  1.00 40.41 ? 170 HOH A O     1 
HETATM 858 O  O     . HOH D 4 .   ? 14.168  10.102  2.491   1.00 31.22 ? 171 HOH A O     1 
HETATM 859 O  O     . HOH D 4 .   ? -12.032 -6.107  -10.797 1.00 38.19 ? 172 HOH A O     1 
HETATM 860 O  O     . HOH D 4 .   ? 3.977   -7.583  -9.757  1.00 48.71 ? 173 HOH A O     1 
HETATM 861 O  O     . HOH D 4 .   ? -6.589  12.308  9.745   1.00 49.48 ? 174 HOH A O     1 
HETATM 862 O  O     . HOH D 4 .   ? -2.134  4.131   11.542  1.00 51.61 ? 175 HOH A O     1 
HETATM 863 O  O     . HOH D 4 .   ? 5.445   -1.300  -14.296 1.00 46.73 ? 176 HOH A O     1 
HETATM 864 O  O     . HOH D 4 .   ? -12.318 6.779   4.160   1.00 44.66 ? 177 HOH A O     1 
HETATM 865 O  O     . HOH D 4 .   ? 5.935   7.870   -9.447  1.00 46.58 ? 178 HOH A O     1 
HETATM 866 O  O     . HOH D 4 .   ? 3.043   -16.560 6.594   1.00 52.37 ? 179 HOH A O     1 
HETATM 867 O  O     . HOH D 4 .   ? 14.564  -4.745  4.450   1.00 39.43 ? 180 HOH A O     1 
HETATM 868 O  O     . HOH D 4 .   ? 17.367  6.972   2.938   1.00 42.46 ? 181 HOH A O     1 
HETATM 869 O  O     . HOH D 4 .   ? -12.300 7.353   -0.970  1.00 47.46 ? 182 HOH A O     1 
HETATM 870 O  O     . HOH D 4 .   ? 7.519   3.199   -11.590 1.00 41.37 ? 183 HOH A O     1 
HETATM 871 O  O     . HOH D 4 .   ? -2.969  1.734   -16.819 1.00 49.04 ? 184 HOH A O     1 
HETATM 872 O  O     . HOH D 4 .   ? 1.299   -11.982 9.637   1.00 52.62 ? 185 HOH A O     1 
HETATM 873 O  O     . HOH D 4 .   ? 9.453   -15.429 -4.256  1.00 52.64 ? 186 HOH A O     1 
HETATM 874 O  O     . HOH D 4 .   ? -4.188  -4.157  13.664  1.00 43.13 ? 187 HOH A O     1 
HETATM 875 O  O     . HOH D 4 .   ? -8.750  -7.098  -4.041  1.00 42.99 ? 188 HOH A O     1 
HETATM 876 O  O     . HOH D 4 .   ? 11.405  -14.208 -3.797  1.00 44.35 ? 189 HOH A O     1 
HETATM 877 O  O     . HOH D 4 .   ? 7.919   -16.940 -2.258  1.00 54.05 ? 190 HOH A O     1 
HETATM 878 O  O     . HOH D 4 .   ? -4.809  2.559   -14.704 1.00 46.04 ? 191 HOH A O     1 
HETATM 879 O  O     . HOH D 4 .   ? 8.511   6.628   4.163   1.00 54.70 ? 192 HOH A O     1 
# 
